data_3UPT
#
_entry.id   3UPT
#
_cell.length_a   146.980
_cell.length_b   146.980
_cell.length_c   142.870
_cell.angle_alpha   90.000
_cell.angle_beta   90.000
_cell.angle_gamma   90.000
#
_symmetry.space_group_name_H-M   'P 41 21 2'
#
loop_
_entity.id
_entity.type
_entity.pdbx_description
1 polymer Transketolase
2 non-polymer 'CALCIUM ION'
3 non-polymer 'THIAMINE DIPHOSPHATE'
4 non-polymer 5-O-phosphono-beta-D-ribofuranose
5 non-polymer 'BROMIDE ION'
6 water water
#
_entity_poly.entity_id   1
_entity_poly.type   'polypeptide(L)'
_entity_poly.pdbx_seq_one_letter_code
;MAHHHHHHMGTLEAQTQGPGSMPPVPRFLDSFSGLDMTTSSPASTTLMANAIRALAMDAVQQANSGHPGMPMGMAEIGVA
LWSRHLKHNPTNPHWADRDRFVLSNGHGSMLLYSLLHLTGYDLPIEELKNFRQLHSKTPGHPEYGITPGVETTTGPLGQG
LANAVGMALGEALLAAEFNRDDAKIVDHHTYVFLGDGCLMEGISHEACSLAGTLKLNKLIALYDDNGISIDGDVVNWFHD
DTPKRFEAYGWNVIPNVNGHDVDAIDAAIAKAKRSDKPSLICCKTRIGNGAATKAGGHDVHGAPLGADEIAKTREALGWT
WAPFVIPQEVYAAWDAKEAGKRSEDDWNAAFAQYRAKYPAEAAEFERRMAGTLPADWAAKAAAIVAGANERGETVATRKA
SQQTIEGLAAVLPELLGGSADLTGSNLTNWKASKAVRANADGPGVQWGNHINYGVREFGMSAAINGLVLHGGYKPFGGTF
LTFSDYSRNALRVAALMKVPSIFVFTHDSIGLGEDGPTHQSVEHVASLRLIPNLDVWRPADTVETAVAWTYAVAHQHPSC
LIFSRQNLAFNARTDAQLANVEKGGYVLRDWDEEIVARKIILIATGSEVELAMKAVEPLAQQGIAARVVSMPSSDVFDRQ
DAEYRERVLPHGVRRVAIEAGVTDFWRKYVGLEGGVVGIDTFGESAPAGVLFKHFGFTVEHVIETAKAVLA
;
_entity_poly.pdbx_strand_id   A,B
#
# COMPACT_ATOMS: atom_id res chain seq x y z
N SER A 41 -22.02 -8.55 -48.65
CA SER A 41 -20.77 -7.89 -48.13
C SER A 41 -20.39 -8.42 -46.73
N PRO A 42 -19.16 -8.96 -46.57
CA PRO A 42 -18.81 -9.33 -45.23
C PRO A 42 -18.26 -8.10 -44.48
N ALA A 43 -18.31 -8.13 -43.16
CA ALA A 43 -17.90 -7.01 -42.33
C ALA A 43 -16.47 -6.47 -42.57
N SER A 44 -16.39 -5.16 -42.75
CA SER A 44 -15.11 -4.46 -42.73
C SER A 44 -14.62 -4.34 -41.30
N THR A 45 -13.36 -3.97 -41.14
CA THR A 45 -12.80 -3.85 -39.79
C THR A 45 -13.47 -2.70 -39.10
N THR A 46 -13.91 -1.72 -39.90
CA THR A 46 -14.60 -0.55 -39.39
C THR A 46 -15.95 -0.95 -38.80
N LEU A 47 -16.68 -1.79 -39.52
CA LEU A 47 -17.92 -2.30 -38.98
C LEU A 47 -17.69 -3.17 -37.71
N MET A 48 -16.63 -3.98 -37.70
CA MET A 48 -16.29 -4.83 -36.53
C MET A 48 -15.97 -3.99 -35.30
N ALA A 49 -15.18 -2.93 -35.49
CA ALA A 49 -14.81 -2.02 -34.42
C ALA A 49 -16.03 -1.21 -33.97
N ASN A 50 -16.82 -0.71 -34.91
CA ASN A 50 -18.00 0.06 -34.54
C ASN A 50 -19.01 -0.71 -33.70
N ALA A 51 -19.08 -2.03 -33.90
CA ALA A 51 -19.91 -2.89 -33.03
C ALA A 51 -19.49 -2.75 -31.56
N ILE A 52 -18.18 -2.75 -31.31
CA ILE A 52 -17.70 -2.46 -29.95
C ILE A 52 -18.20 -1.08 -29.50
N ARG A 53 -18.04 -0.06 -30.34
CA ARG A 53 -18.49 1.28 -30.01
C ARG A 53 -19.98 1.31 -29.59
N ALA A 54 -20.81 0.61 -30.38
CA ALA A 54 -22.23 0.70 -30.20
C ALA A 54 -22.59 -0.01 -28.91
N LEU A 55 -22.07 -1.23 -28.69
CA LEU A 55 -22.37 -1.95 -27.45
C LEU A 55 -21.90 -1.18 -26.22
N ALA A 56 -20.69 -0.60 -26.26
CA ALA A 56 -20.16 0.18 -25.16
C ALA A 56 -21.04 1.40 -24.87
N MET A 57 -21.27 2.25 -25.86
CA MET A 57 -22.03 3.48 -25.62
C MET A 57 -23.45 3.21 -25.13
N ASP A 58 -24.07 2.17 -25.69
CA ASP A 58 -25.43 1.77 -25.35
C ASP A 58 -25.55 1.15 -23.95
N ALA A 59 -24.60 0.26 -23.61
CA ALA A 59 -24.61 -0.37 -22.29
C ALA A 59 -24.42 0.66 -21.17
N VAL A 60 -23.54 1.63 -21.41
CA VAL A 60 -23.28 2.71 -20.44
C VAL A 60 -24.55 3.56 -20.31
N GLN A 61 -25.19 3.87 -21.44
CA GLN A 61 -26.39 4.70 -21.40
C GLN A 61 -27.51 4.01 -20.62
N GLN A 62 -27.69 2.71 -20.92
CA GLN A 62 -28.70 1.90 -20.27
C GLN A 62 -28.54 1.92 -18.74
N ALA A 63 -27.31 1.79 -18.27
CA ALA A 63 -27.00 1.73 -16.84
C ALA A 63 -26.92 3.13 -16.21
N ASN A 64 -26.80 4.14 -17.08
CA ASN A 64 -26.57 5.52 -16.68
C ASN A 64 -25.30 5.62 -15.84
N SER A 65 -24.29 4.86 -16.21
CA SER A 65 -23.10 4.72 -15.37
C SER A 65 -22.08 3.95 -16.16
N GLY A 66 -20.81 4.29 -15.96
CA GLY A 66 -19.73 3.57 -16.67
C GLY A 66 -18.87 4.44 -17.57
N HIS A 67 -17.98 3.78 -18.33
CA HIS A 67 -16.87 4.44 -19.01
C HIS A 67 -16.85 4.11 -20.50
N PRO A 68 -17.34 5.04 -21.35
CA PRO A 68 -17.38 4.74 -22.80
C PRO A 68 -16.11 5.20 -23.56
N GLY A 69 -15.36 6.15 -22.98
CA GLY A 69 -14.17 6.68 -23.62
C GLY A 69 -13.13 5.64 -24.05
N MET A 70 -12.67 4.83 -23.09
CA MET A 70 -11.61 3.88 -23.39
C MET A 70 -12.06 2.82 -24.41
N PRO A 71 -13.23 2.17 -24.18
CA PRO A 71 -13.68 1.15 -25.14
C PRO A 71 -13.82 1.65 -26.57
N MET A 72 -14.28 2.90 -26.71
CA MET A 72 -14.46 3.52 -28.02
C MET A 72 -13.09 3.84 -28.59
N GLY A 73 -12.17 4.27 -27.74
CA GLY A 73 -10.79 4.47 -28.17
C GLY A 73 -10.01 3.20 -28.53
N MET A 74 -10.35 2.09 -27.88
CA MET A 74 -9.53 0.91 -28.03
C MET A 74 -10.09 -0.07 -29.04
N ALA A 75 -11.23 0.28 -29.64
CA ALA A 75 -11.94 -0.62 -30.53
C ALA A 75 -11.08 -1.24 -31.68
N GLU A 76 -10.24 -0.44 -32.33
CA GLU A 76 -9.42 -1.00 -33.41
C GLU A 76 -8.32 -1.91 -32.83
N ILE A 77 -7.81 -1.55 -31.65
CA ILE A 77 -6.88 -2.45 -30.98
C ILE A 77 -7.54 -3.80 -30.66
N GLY A 78 -8.82 -3.78 -30.26
CA GLY A 78 -9.52 -5.02 -29.95
C GLY A 78 -9.64 -5.91 -31.19
N VAL A 79 -9.97 -5.27 -32.33
CA VAL A 79 -10.09 -6.00 -33.58
C VAL A 79 -8.73 -6.67 -33.92
N ALA A 80 -7.65 -5.90 -33.85
CA ALA A 80 -6.33 -6.37 -34.29
C ALA A 80 -5.85 -7.51 -33.43
N LEU A 81 -5.97 -7.38 -32.10
CA LEU A 81 -5.52 -8.44 -31.20
C LEU A 81 -6.48 -9.61 -31.24
N TRP A 82 -7.76 -9.37 -30.96
CA TRP A 82 -8.69 -10.50 -30.83
C TRP A 82 -8.99 -11.20 -32.12
N SER A 83 -9.20 -10.45 -33.20
CA SER A 83 -9.58 -11.12 -34.43
C SER A 83 -8.38 -11.70 -35.21
N ARG A 84 -7.15 -11.26 -34.93
CA ARG A 84 -6.02 -11.71 -35.77
C ARG A 84 -4.90 -12.48 -35.07
N HIS A 85 -4.77 -12.34 -33.75
CA HIS A 85 -3.64 -12.96 -33.02
C HIS A 85 -3.97 -13.79 -31.82
N LEU A 86 -5.01 -13.42 -31.09
CA LEU A 86 -5.33 -14.13 -29.83
C LEU A 86 -5.67 -15.62 -30.06
N LYS A 87 -4.94 -16.51 -29.38
CA LYS A 87 -5.25 -17.92 -29.45
C LYS A 87 -6.11 -18.28 -28.24
N HIS A 88 -7.35 -18.68 -28.48
CA HIS A 88 -8.31 -18.94 -27.42
C HIS A 88 -9.48 -19.76 -27.90
N ASN A 89 -10.17 -20.42 -26.97
CA ASN A 89 -11.37 -21.16 -27.29
C ASN A 89 -12.61 -20.70 -26.49
N PRO A 90 -13.50 -19.89 -27.10
CA PRO A 90 -14.67 -19.35 -26.38
C PRO A 90 -15.50 -20.42 -25.69
N THR A 91 -15.47 -21.63 -26.24
CA THR A 91 -16.23 -22.76 -25.74
C THR A 91 -15.58 -23.36 -24.49
N ASN A 92 -14.28 -23.12 -24.32
CA ASN A 92 -13.60 -23.59 -23.12
C ASN A 92 -12.57 -22.57 -22.63
N PRO A 93 -13.05 -21.57 -21.84
CA PRO A 93 -12.20 -20.55 -21.22
C PRO A 93 -11.14 -21.14 -20.31
N HIS A 94 -11.20 -22.45 -20.01
CA HIS A 94 -10.27 -23.10 -19.08
C HIS A 94 -9.16 -23.90 -19.77
N TRP A 95 -9.13 -23.85 -21.10
CA TRP A 95 -8.09 -24.54 -21.89
C TRP A 95 -6.71 -24.12 -21.43
N ALA A 96 -5.92 -25.12 -21.03
CA ALA A 96 -4.62 -24.89 -20.37
C ALA A 96 -3.63 -24.05 -21.18
N ASP A 97 -3.67 -24.17 -22.50
CA ASP A 97 -2.66 -23.54 -23.34
C ASP A 97 -3.16 -22.32 -24.10
N ARG A 98 -4.36 -21.84 -23.76
CA ARG A 98 -4.84 -20.55 -24.26
C ARG A 98 -3.86 -19.42 -23.94
N ASP A 99 -3.77 -18.44 -24.85
CA ASP A 99 -3.21 -17.14 -24.52
C ASP A 99 -4.01 -16.53 -23.34
N ARG A 100 -3.33 -15.76 -22.49
CA ARG A 100 -3.96 -15.07 -21.38
C ARG A 100 -4.11 -13.60 -21.70
N PHE A 101 -5.30 -13.03 -21.53
CA PHE A 101 -5.49 -11.62 -21.82
C PHE A 101 -5.88 -10.92 -20.54
N VAL A 102 -5.33 -9.74 -20.32
CA VAL A 102 -5.66 -8.99 -19.11
C VAL A 102 -6.04 -7.55 -19.47
N LEU A 103 -7.19 -7.09 -18.97
CA LEU A 103 -7.60 -5.69 -19.09
C LEU A 103 -7.16 -4.86 -17.83
N SER A 104 -5.95 -4.30 -17.88
CA SER A 104 -5.41 -3.59 -16.72
C SER A 104 -6.13 -2.25 -16.52
N ASN A 105 -6.52 -1.61 -17.60
CA ASN A 105 -7.33 -0.40 -17.52
C ASN A 105 -8.77 -0.83 -17.37
N GLY A 106 -9.09 -1.42 -16.21
CA GLY A 106 -10.32 -2.19 -16.09
C GLY A 106 -11.61 -1.40 -16.17
N HIS A 107 -11.51 -0.07 -16.06
CA HIS A 107 -12.69 0.76 -16.08
C HIS A 107 -13.35 0.63 -17.42
N GLY A 108 -12.55 0.36 -18.46
CA GLY A 108 -13.10 0.14 -19.79
C GLY A 108 -13.71 -1.25 -19.96
N SER A 109 -14.45 -1.73 -18.96
CA SER A 109 -14.95 -3.10 -18.96
C SER A 109 -15.83 -3.49 -20.17
N MET A 110 -16.56 -2.55 -20.74
CA MET A 110 -17.45 -2.84 -21.87
C MET A 110 -16.68 -3.30 -23.09
N LEU A 111 -15.42 -2.90 -23.21
CA LEU A 111 -14.53 -3.41 -24.24
C LEU A 111 -14.37 -4.91 -24.09
N LEU A 112 -14.17 -5.38 -22.86
CA LEU A 112 -13.94 -6.82 -22.66
C LEU A 112 -15.25 -7.56 -22.83
N TYR A 113 -16.33 -6.98 -22.30
CA TYR A 113 -17.64 -7.62 -22.40
C TYR A 113 -18.07 -7.71 -23.86
N SER A 114 -17.75 -6.67 -24.67
CA SER A 114 -18.07 -6.71 -26.11
C SER A 114 -17.30 -7.82 -26.84
N LEU A 115 -15.99 -7.87 -26.62
CA LEU A 115 -15.12 -8.84 -27.28
C LEU A 115 -15.58 -10.26 -26.90
N LEU A 116 -15.87 -10.48 -25.62
CA LEU A 116 -16.31 -11.80 -25.13
C LEU A 116 -17.60 -12.21 -25.80
N HIS A 117 -18.54 -11.28 -25.88
CA HIS A 117 -19.82 -11.55 -26.47
C HIS A 117 -19.69 -11.80 -27.94
N LEU A 118 -18.98 -10.91 -28.64
CA LEU A 118 -18.85 -10.99 -30.08
C LEU A 118 -18.11 -12.24 -30.58
N THR A 119 -17.05 -12.65 -29.86
CA THR A 119 -16.24 -13.78 -30.32
C THR A 119 -16.83 -15.14 -29.91
N GLY A 120 -17.99 -15.13 -29.24
CA GLY A 120 -18.76 -16.36 -28.95
C GLY A 120 -18.66 -16.97 -27.54
N TYR A 121 -18.12 -16.24 -26.56
CA TYR A 121 -18.14 -16.71 -25.16
C TYR A 121 -19.57 -16.78 -24.67
N ASP A 122 -19.76 -17.49 -23.57
CA ASP A 122 -21.10 -17.66 -23.00
C ASP A 122 -21.47 -16.42 -22.14
N LEU A 123 -21.64 -15.29 -22.82
CA LEU A 123 -22.04 -14.07 -22.18
C LEU A 123 -23.08 -13.48 -23.09
N PRO A 124 -24.36 -13.87 -22.91
CA PRO A 124 -25.43 -13.44 -23.83
C PRO A 124 -25.72 -11.93 -23.83
N ILE A 125 -26.45 -11.50 -24.84
CA ILE A 125 -26.76 -10.09 -24.99
C ILE A 125 -27.52 -9.52 -23.77
N GLU A 126 -28.37 -10.33 -23.13
CA GLU A 126 -29.17 -9.87 -21.97
C GLU A 126 -28.25 -9.43 -20.84
N GLU A 127 -27.14 -10.15 -20.66
CA GLU A 127 -26.09 -9.76 -19.69
C GLU A 127 -25.46 -8.38 -19.94
N LEU A 128 -25.08 -8.11 -21.19
CA LEU A 128 -24.70 -6.76 -21.58
C LEU A 128 -25.81 -5.73 -21.34
N LYS A 129 -27.08 -6.08 -21.54
CA LYS A 129 -28.17 -5.15 -21.18
C LYS A 129 -28.20 -4.80 -19.69
N ASN A 130 -27.65 -5.68 -18.86
CA ASN A 130 -27.64 -5.49 -17.41
C ASN A 130 -26.30 -5.05 -16.87
N PHE A 131 -25.49 -4.41 -17.69
CA PHE A 131 -24.27 -3.74 -17.22
C PHE A 131 -24.53 -3.01 -15.88
N ARG A 132 -23.71 -3.32 -14.88
CA ARG A 132 -23.62 -2.57 -13.63
C ARG A 132 -24.86 -2.78 -12.76
N GLN A 133 -25.54 -3.89 -13.00
CA GLN A 133 -26.75 -4.23 -12.26
C GLN A 133 -26.52 -5.44 -11.35
N LEU A 134 -27.19 -5.44 -10.21
CA LEU A 134 -26.99 -6.45 -9.20
C LEU A 134 -27.12 -7.88 -9.74
N HIS A 135 -26.09 -8.69 -9.55
CA HIS A 135 -26.08 -10.10 -9.98
C HIS A 135 -25.89 -10.36 -11.47
N SER A 136 -25.68 -9.31 -12.27
CA SER A 136 -25.32 -9.46 -13.70
C SER A 136 -23.91 -10.03 -13.86
N LYS A 137 -23.64 -10.59 -15.03
CA LYS A 137 -22.33 -11.09 -15.37
C LYS A 137 -21.49 -9.97 -16.01
N THR A 138 -21.96 -8.74 -15.81
CA THR A 138 -21.29 -7.58 -16.36
C THR A 138 -21.07 -6.46 -15.34
N PRO A 139 -20.36 -6.77 -14.23
CA PRO A 139 -20.10 -5.74 -13.22
C PRO A 139 -19.24 -4.60 -13.80
N GLY A 140 -19.29 -3.41 -13.18
CA GLY A 140 -18.64 -2.21 -13.70
C GLY A 140 -17.14 -2.36 -13.96
N HIS A 141 -16.44 -3.12 -13.11
CA HIS A 141 -15.08 -3.57 -13.40
C HIS A 141 -15.07 -5.08 -13.47
N PRO A 142 -14.27 -5.67 -14.39
CA PRO A 142 -14.38 -7.13 -14.57
C PRO A 142 -13.94 -7.92 -13.35
N GLU A 143 -14.67 -8.98 -13.06
CA GLU A 143 -14.41 -9.83 -11.89
C GLU A 143 -14.13 -11.27 -12.30
N TYR A 144 -12.97 -11.76 -11.92
CA TYR A 144 -12.63 -13.15 -12.12
C TYR A 144 -13.65 -14.02 -11.37
N GLY A 145 -14.07 -15.12 -12.01
CA GLY A 145 -15.02 -16.08 -11.43
C GLY A 145 -16.45 -15.72 -11.76
N ILE A 146 -16.69 -14.48 -12.19
CA ILE A 146 -18.06 -14.01 -12.39
C ILE A 146 -18.50 -14.19 -13.85
N THR A 147 -17.54 -14.07 -14.77
CA THR A 147 -17.79 -13.90 -16.17
C THR A 147 -16.81 -14.79 -16.97
N PRO A 148 -17.34 -15.67 -17.84
CA PRO A 148 -16.40 -16.52 -18.56
C PRO A 148 -15.44 -15.68 -19.42
N GLY A 149 -14.16 -16.06 -19.40
CA GLY A 149 -13.14 -15.39 -20.17
C GLY A 149 -12.43 -14.31 -19.39
N VAL A 150 -12.94 -13.94 -18.22
CA VAL A 150 -12.26 -12.87 -17.46
C VAL A 150 -11.17 -13.50 -16.61
N GLU A 151 -9.93 -13.15 -16.90
CA GLU A 151 -8.78 -13.88 -16.32
C GLU A 151 -8.41 -13.43 -14.89
N THR A 152 -8.73 -12.19 -14.56
CA THR A 152 -8.38 -11.63 -13.27
C THR A 152 -9.33 -10.47 -13.00
N THR A 153 -9.32 -9.94 -11.79
CA THR A 153 -10.19 -8.87 -11.38
C THR A 153 -9.38 -7.58 -11.39
N THR A 154 -9.85 -6.57 -12.14
CA THR A 154 -9.15 -5.31 -12.29
C THR A 154 -10.09 -4.14 -11.91
N GLY A 155 -9.61 -2.90 -12.02
CA GLY A 155 -10.31 -1.75 -11.43
C GLY A 155 -9.30 -0.90 -10.67
N PRO A 156 -8.54 -1.55 -9.77
CA PRO A 156 -7.42 -0.87 -9.12
C PRO A 156 -6.29 -0.78 -10.15
N LEU A 157 -5.98 0.44 -10.61
CA LEU A 157 -5.00 0.63 -11.70
C LEU A 157 -3.66 -0.01 -11.38
N GLY A 158 -3.03 -0.60 -12.39
CA GLY A 158 -1.68 -1.08 -12.27
C GLY A 158 -1.60 -2.55 -11.93
N GLN A 159 -2.59 -3.09 -11.22
CA GLN A 159 -2.51 -4.48 -10.77
C GLN A 159 -2.67 -5.53 -11.86
N GLY A 160 -3.54 -5.27 -12.83
CA GLY A 160 -3.60 -6.09 -14.05
C GLY A 160 -2.26 -6.29 -14.74
N LEU A 161 -1.51 -5.21 -14.93
CA LEU A 161 -0.21 -5.32 -15.57
C LEU A 161 0.70 -6.33 -14.80
N ALA A 162 0.68 -6.19 -13.49
CA ALA A 162 1.49 -7.01 -12.61
C ALA A 162 0.98 -8.47 -12.61
N ASN A 163 -0.34 -8.66 -12.54
CA ASN A 163 -0.93 -9.99 -12.73
C ASN A 163 -0.37 -10.60 -14.01
N ALA A 164 -0.35 -9.80 -15.08
CA ALA A 164 0.04 -10.33 -16.38
C ALA A 164 1.51 -10.71 -16.37
N VAL A 165 2.34 -9.94 -15.67
CA VAL A 165 3.74 -10.33 -15.50
C VAL A 165 3.81 -11.71 -14.81
N GLY A 166 3.00 -11.93 -13.78
CA GLY A 166 2.91 -13.24 -13.11
C GLY A 166 2.48 -14.35 -14.04
N MET A 167 1.48 -14.08 -14.87
CA MET A 167 1.00 -15.10 -15.79
C MET A 167 2.07 -15.48 -16.82
N ALA A 168 2.81 -14.50 -17.32
CA ALA A 168 3.87 -14.76 -18.28
C ALA A 168 5.02 -15.53 -17.63
N LEU A 169 5.32 -15.24 -16.37
CA LEU A 169 6.35 -15.98 -15.65
C LEU A 169 5.93 -17.42 -15.45
N GLY A 170 4.68 -17.62 -15.05
CA GLY A 170 4.16 -18.98 -14.95
C GLY A 170 4.26 -19.78 -16.26
N GLU A 171 3.80 -19.20 -17.37
CA GLU A 171 3.96 -19.87 -18.68
C GLU A 171 5.42 -20.24 -18.93
N ALA A 172 6.31 -19.29 -18.65
CA ALA A 172 7.73 -19.48 -18.93
C ALA A 172 8.34 -20.57 -18.05
N LEU A 173 8.04 -20.55 -16.76
CA LEU A 173 8.48 -21.64 -15.91
C LEU A 173 7.86 -22.99 -16.30
N LEU A 174 6.56 -23.00 -16.55
CA LEU A 174 5.86 -24.24 -16.82
C LEU A 174 6.41 -24.86 -18.12
N ALA A 175 6.77 -24.00 -19.07
CA ALA A 175 7.37 -24.41 -20.33
C ALA A 175 8.76 -24.99 -20.14
N ALA A 176 9.60 -24.31 -19.35
CA ALA A 176 10.96 -24.81 -19.13
C ALA A 176 10.89 -26.14 -18.38
N GLU A 177 9.88 -26.29 -17.54
CA GLU A 177 9.75 -27.49 -16.72
C GLU A 177 9.19 -28.68 -17.52
N PHE A 178 8.10 -28.48 -18.25
CA PHE A 178 7.34 -29.60 -18.83
C PHE A 178 7.67 -29.94 -20.29
N ASN A 179 8.06 -28.97 -21.11
CA ASN A 179 8.35 -29.26 -22.54
C ASN A 179 9.52 -30.23 -22.70
N ARG A 180 9.45 -31.06 -23.74
CA ARG A 180 10.54 -31.98 -24.08
C ARG A 180 10.83 -31.79 -25.55
N ASP A 181 12.08 -32.03 -25.96
CA ASP A 181 12.50 -31.89 -27.38
C ASP A 181 11.58 -32.58 -28.36
N ASP A 182 10.99 -33.69 -27.97
CA ASP A 182 10.08 -34.37 -28.90
C ASP A 182 8.60 -34.14 -28.61
N ALA A 183 8.27 -33.20 -27.71
CA ALA A 183 6.87 -33.04 -27.34
C ALA A 183 6.63 -31.76 -26.57
N LYS A 184 6.01 -30.79 -27.24
CA LYS A 184 5.73 -29.49 -26.66
C LYS A 184 4.29 -29.45 -26.18
N ILE A 185 4.07 -29.02 -24.93
CA ILE A 185 2.70 -28.80 -24.41
C ILE A 185 2.37 -27.39 -23.82
N VAL A 186 3.40 -26.58 -23.60
CA VAL A 186 3.21 -25.25 -23.09
C VAL A 186 3.76 -24.23 -24.09
N ASP A 187 2.88 -23.34 -24.55
CA ASP A 187 3.29 -22.30 -25.50
C ASP A 187 2.14 -21.35 -25.70
N HIS A 188 2.10 -20.31 -24.87
CA HIS A 188 1.15 -19.25 -25.11
C HIS A 188 1.71 -17.91 -24.73
N HIS A 189 1.09 -16.88 -25.31
CA HIS A 189 1.43 -15.48 -25.04
C HIS A 189 0.60 -14.89 -23.93
N THR A 190 1.08 -13.78 -23.36
CA THR A 190 0.31 -13.00 -22.37
C THR A 190 0.13 -11.54 -22.88
N TYR A 191 -1.12 -11.16 -23.10
CA TYR A 191 -1.49 -9.85 -23.58
C TYR A 191 -2.12 -9.00 -22.47
N VAL A 192 -1.74 -7.72 -22.41
CA VAL A 192 -2.36 -6.82 -21.46
C VAL A 192 -2.63 -5.48 -22.16
N PHE A 193 -3.89 -5.01 -22.05
CA PHE A 193 -4.29 -3.64 -22.38
C PHE A 193 -4.11 -2.79 -21.11
N LEU A 194 -3.56 -1.60 -21.32
CA LEU A 194 -3.33 -0.69 -20.23
C LEU A 194 -3.31 0.75 -20.71
N GLY A 195 -3.46 1.68 -19.76
CA GLY A 195 -3.52 3.11 -20.09
C GLY A 195 -2.55 3.99 -19.29
N ASP A 196 -2.80 5.29 -19.31
CA ASP A 196 -1.96 6.23 -18.57
C ASP A 196 -2.01 5.96 -17.08
N GLY A 197 -3.18 5.61 -16.56
CA GLY A 197 -3.31 5.33 -15.12
C GLY A 197 -2.37 4.24 -14.60
N CYS A 198 -2.37 3.09 -15.30
CA CYS A 198 -1.51 1.97 -14.92
C CYS A 198 -0.05 2.36 -15.00
N LEU A 199 0.32 3.12 -16.03
CA LEU A 199 1.72 3.54 -16.23
C LEU A 199 2.24 4.56 -15.20
N MET A 200 1.35 5.40 -14.71
CA MET A 200 1.69 6.30 -13.60
C MET A 200 1.88 5.55 -12.27
N GLU A 201 1.02 4.57 -11.99
CA GLU A 201 1.12 3.78 -10.72
C GLU A 201 2.50 3.16 -10.56
N GLY A 202 3.04 3.23 -9.33
CA GLY A 202 4.40 2.75 -9.05
C GLY A 202 4.51 1.25 -9.32
N ILE A 203 3.39 0.55 -9.16
CA ILE A 203 3.41 -0.90 -9.40
C ILE A 203 3.81 -1.27 -10.84
N SER A 204 3.49 -0.42 -11.81
CA SER A 204 3.94 -0.70 -13.17
C SER A 204 5.49 -0.74 -13.26
N HIS A 205 6.15 0.06 -12.41
CA HIS A 205 7.60 0.12 -12.38
C HIS A 205 8.16 -1.15 -11.81
N GLU A 206 7.58 -1.58 -10.68
CA GLU A 206 7.95 -2.86 -10.06
C GLU A 206 7.80 -4.04 -11.02
N ALA A 207 6.60 -4.18 -11.61
CA ALA A 207 6.29 -5.28 -12.53
C ALA A 207 7.17 -5.30 -13.77
N CYS A 208 7.28 -4.15 -14.42
CA CYS A 208 7.96 -4.12 -15.74
C CYS A 208 9.48 -4.19 -15.65
N SER A 209 10.05 -3.62 -14.58
CA SER A 209 11.45 -3.73 -14.34
C SER A 209 11.79 -5.21 -14.10
N LEU A 210 10.95 -5.89 -13.33
CA LEU A 210 11.18 -7.30 -13.07
C LEU A 210 10.99 -8.13 -14.34
N ALA A 211 9.93 -7.86 -15.09
CA ALA A 211 9.68 -8.61 -16.34
C ALA A 211 10.81 -8.41 -17.35
N GLY A 212 11.36 -7.19 -17.42
CA GLY A 212 12.51 -6.91 -18.29
C GLY A 212 13.75 -7.64 -17.87
N THR A 213 14.04 -7.67 -16.57
CA THR A 213 15.19 -8.41 -16.06
C THR A 213 15.08 -9.92 -16.29
N LEU A 214 13.90 -10.46 -16.11
CA LEU A 214 13.68 -11.88 -16.38
C LEU A 214 13.44 -12.23 -17.88
N LYS A 215 13.52 -11.26 -18.78
CA LYS A 215 13.43 -11.55 -20.21
C LYS A 215 12.15 -12.26 -20.65
N LEU A 216 10.99 -11.80 -20.14
CA LEU A 216 9.71 -12.48 -20.36
C LEU A 216 9.13 -11.99 -21.71
N ASN A 217 9.73 -12.51 -22.78
CA ASN A 217 9.50 -12.03 -24.12
C ASN A 217 8.15 -12.42 -24.73
N LYS A 218 7.42 -13.31 -24.07
CA LYS A 218 6.07 -13.64 -24.58
C LYS A 218 4.97 -12.76 -23.97
N LEU A 219 5.39 -11.77 -23.19
CA LEU A 219 4.50 -10.74 -22.62
C LEU A 219 4.46 -9.57 -23.58
N ILE A 220 3.25 -9.21 -23.99
CA ILE A 220 3.06 -8.18 -24.98
C ILE A 220 2.03 -7.19 -24.45
N ALA A 221 2.48 -5.96 -24.17
CA ALA A 221 1.59 -4.92 -23.60
C ALA A 221 1.12 -3.92 -24.68
N LEU A 222 -0.19 -3.69 -24.74
CA LEU A 222 -0.69 -2.69 -25.67
C LEU A 222 -1.17 -1.47 -24.94
N TYR A 223 -0.48 -0.35 -25.17
CA TYR A 223 -0.72 0.85 -24.41
C TYR A 223 -1.68 1.79 -25.17
N ASP A 224 -2.85 2.04 -24.57
CA ASP A 224 -3.86 3.00 -25.06
C ASP A 224 -3.34 4.41 -24.81
N ASP A 225 -2.54 4.93 -25.74
CA ASP A 225 -1.84 6.18 -25.57
C ASP A 225 -2.71 7.34 -26.09
N ASN A 226 -3.53 7.92 -25.21
CA ASN A 226 -4.53 8.90 -25.68
C ASN A 226 -4.38 10.33 -25.13
N GLY A 227 -3.33 10.55 -24.33
CA GLY A 227 -2.98 11.88 -23.84
C GLY A 227 -3.86 12.45 -22.74
N ILE A 228 -4.76 11.63 -22.19
CA ILE A 228 -5.78 12.15 -21.28
C ILE A 228 -6.00 11.24 -20.06
N SER A 229 -6.12 11.85 -18.88
CA SER A 229 -6.52 11.09 -17.70
C SER A 229 -7.69 11.86 -17.09
N ILE A 230 -8.13 11.48 -15.89
CA ILE A 230 -9.34 12.12 -15.37
C ILE A 230 -9.23 13.64 -15.19
N ASP A 231 -8.08 14.14 -14.76
CA ASP A 231 -7.92 15.56 -14.52
C ASP A 231 -7.72 16.38 -15.80
N GLY A 232 -7.59 15.73 -16.94
CA GLY A 232 -7.38 16.45 -18.22
C GLY A 232 -6.20 15.97 -19.08
N ASP A 233 -5.43 16.90 -19.63
CA ASP A 233 -4.27 16.54 -20.46
C ASP A 233 -3.12 16.04 -19.63
N VAL A 234 -2.81 14.74 -19.76
CA VAL A 234 -1.80 14.11 -18.90
C VAL A 234 -0.44 14.78 -18.91
N VAL A 235 -0.12 15.48 -19.99
CA VAL A 235 1.19 16.09 -20.11
C VAL A 235 1.53 17.04 -18.94
N ASN A 236 0.51 17.56 -18.27
CA ASN A 236 0.72 18.50 -17.17
C ASN A 236 1.15 17.86 -15.86
N TRP A 237 1.05 16.53 -15.76
CA TRP A 237 1.51 15.80 -14.56
C TRP A 237 2.21 14.52 -14.86
N PHE A 238 2.31 14.15 -16.14
CA PHE A 238 2.92 12.87 -16.58
C PHE A 238 3.57 13.00 -17.97
N HIS A 239 4.82 13.47 -18.02
CA HIS A 239 5.46 13.81 -19.28
C HIS A 239 6.55 12.83 -19.61
N ASP A 240 6.48 11.60 -19.06
CA ASP A 240 7.48 10.58 -19.38
C ASP A 240 7.64 10.33 -20.89
N ASP A 241 8.89 10.18 -21.32
CA ASP A 241 9.17 9.47 -22.56
C ASP A 241 9.00 7.99 -22.24
N THR A 242 7.81 7.48 -22.48
CA THR A 242 7.48 6.11 -22.05
C THR A 242 8.27 5.05 -22.81
N PRO A 243 8.45 5.23 -24.12
CA PRO A 243 9.31 4.30 -24.85
C PRO A 243 10.72 4.19 -24.26
N LYS A 244 11.37 5.33 -24.03
CA LYS A 244 12.69 5.35 -23.39
C LYS A 244 12.67 4.65 -22.00
N ARG A 245 11.62 4.90 -21.22
CA ARG A 245 11.44 4.24 -19.90
C ARG A 245 11.48 2.70 -20.03
N PHE A 246 10.73 2.19 -21.01
CA PHE A 246 10.56 0.74 -21.14
C PHE A 246 11.81 0.09 -21.72
N GLU A 247 12.49 0.84 -22.60
CA GLU A 247 13.79 0.38 -23.10
C GLU A 247 14.77 0.21 -21.95
N ALA A 248 14.69 1.10 -20.95
CA ALA A 248 15.60 1.06 -19.82
C ALA A 248 15.37 -0.16 -18.95
N TYR A 249 14.12 -0.62 -18.89
CA TYR A 249 13.77 -1.88 -18.26
C TYR A 249 14.23 -3.09 -19.07
N GLY A 250 14.70 -2.88 -20.30
CA GLY A 250 15.08 -4.00 -21.18
C GLY A 250 13.91 -4.53 -21.99
N TRP A 251 12.90 -3.70 -22.25
CA TRP A 251 11.79 -4.07 -23.12
C TRP A 251 12.00 -3.63 -24.55
N ASN A 252 11.33 -4.33 -25.48
CA ASN A 252 11.19 -3.91 -26.86
C ASN A 252 10.00 -2.96 -26.93
N VAL A 253 10.19 -1.81 -27.58
CA VAL A 253 9.11 -0.86 -27.74
C VAL A 253 8.83 -0.56 -29.22
N ILE A 254 7.55 -0.57 -29.56
CA ILE A 254 7.10 -0.15 -30.90
C ILE A 254 6.31 1.15 -30.68
N PRO A 255 7.00 2.31 -30.81
CA PRO A 255 6.38 3.58 -30.43
C PRO A 255 5.45 4.12 -31.52
N ASN A 256 4.64 5.11 -31.19
CA ASN A 256 4.01 5.90 -32.24
C ASN A 256 3.17 5.10 -33.27
N VAL A 257 2.49 4.04 -32.83
CA VAL A 257 1.64 3.25 -33.73
C VAL A 257 0.27 3.93 -33.84
N ASN A 258 -0.29 3.93 -35.05
CA ASN A 258 -1.62 4.46 -35.23
C ASN A 258 -2.70 3.51 -34.67
N GLY A 259 -3.25 3.88 -33.51
CA GLY A 259 -4.17 3.04 -32.74
C GLY A 259 -5.54 2.91 -33.38
N HIS A 260 -5.77 3.65 -34.48
CA HIS A 260 -7.00 3.48 -35.30
C HIS A 260 -6.80 2.81 -36.64
N ASP A 261 -5.62 2.22 -36.83
CA ASP A 261 -5.28 1.49 -38.05
C ASP A 261 -5.11 0.00 -37.63
N VAL A 262 -6.13 -0.81 -37.88
CA VAL A 262 -6.08 -2.24 -37.49
C VAL A 262 -4.81 -2.93 -38.03
N ASP A 263 -4.53 -2.70 -39.31
CA ASP A 263 -3.41 -3.33 -39.99
C ASP A 263 -2.09 -2.99 -39.33
N ALA A 264 -1.93 -1.73 -38.95
CA ALA A 264 -0.69 -1.31 -38.29
C ALA A 264 -0.53 -1.96 -36.89
N ILE A 265 -1.62 -2.06 -36.14
CA ILE A 265 -1.58 -2.67 -34.81
C ILE A 265 -1.26 -4.17 -34.94
N ASP A 266 -1.99 -4.79 -35.84
CA ASP A 266 -1.74 -6.15 -36.32
C ASP A 266 -0.25 -6.39 -36.64
N ALA A 267 0.33 -5.53 -37.48
CA ALA A 267 1.76 -5.65 -37.80
C ALA A 267 2.67 -5.48 -36.55
N ALA A 268 2.30 -4.59 -35.65
CA ALA A 268 3.08 -4.38 -34.44
C ALA A 268 3.02 -5.61 -33.53
N ILE A 269 1.84 -6.20 -33.38
CA ILE A 269 1.76 -7.46 -32.66
C ILE A 269 2.63 -8.53 -33.31
N ALA A 270 2.56 -8.66 -34.65
CA ALA A 270 3.41 -9.66 -35.33
C ALA A 270 4.92 -9.40 -35.08
N LYS A 271 5.37 -8.15 -35.11
CA LYS A 271 6.79 -7.88 -34.75
C LYS A 271 7.09 -8.31 -33.29
N ALA A 272 6.14 -8.02 -32.38
CA ALA A 272 6.27 -8.33 -30.96
C ALA A 272 6.40 -9.83 -30.75
N LYS A 273 5.69 -10.61 -31.57
CA LYS A 273 5.79 -12.05 -31.46
C LYS A 273 7.14 -12.58 -31.95
N ARG A 274 7.96 -11.73 -32.57
CA ARG A 274 9.29 -12.14 -33.03
C ARG A 274 10.40 -11.63 -32.10
N SER A 275 10.02 -10.85 -31.09
CA SER A 275 10.95 -10.16 -30.21
C SER A 275 11.58 -11.05 -29.14
N ASP A 276 12.86 -10.78 -28.86
CA ASP A 276 13.58 -11.46 -27.80
CA ASP A 276 13.58 -11.46 -27.79
C ASP A 276 13.39 -10.77 -26.42
N LYS A 277 12.57 -9.70 -26.39
CA LYS A 277 12.25 -8.98 -25.14
C LYS A 277 10.75 -8.81 -24.98
N PRO A 278 10.27 -8.63 -23.73
CA PRO A 278 8.86 -8.25 -23.54
C PRO A 278 8.60 -6.98 -24.36
N SER A 279 7.40 -6.86 -24.94
CA SER A 279 7.12 -5.71 -25.78
C SER A 279 6.02 -4.77 -25.32
N LEU A 280 6.25 -3.48 -25.55
CA LEU A 280 5.23 -2.45 -25.35
C LEU A 280 4.89 -1.80 -26.70
N ILE A 281 3.63 -1.90 -27.09
CA ILE A 281 3.14 -1.28 -28.32
C ILE A 281 2.38 0.00 -27.93
N CYS A 282 2.93 1.17 -28.29
CA CYS A 282 2.33 2.46 -27.98
C CYS A 282 1.34 2.84 -29.06
N CYS A 283 0.06 2.68 -28.75
CA CYS A 283 -1.05 2.86 -29.70
C CYS A 283 -1.68 4.22 -29.49
N LYS A 284 -1.34 5.17 -30.36
CA LYS A 284 -1.88 6.53 -30.33
C LYS A 284 -3.36 6.44 -30.64
N THR A 285 -4.19 6.81 -29.66
CA THR A 285 -5.62 6.82 -29.89
C THR A 285 -6.26 8.16 -29.47
N ARG A 286 -7.51 8.32 -29.90
CA ARG A 286 -8.34 9.43 -29.49
C ARG A 286 -9.40 8.88 -28.49
N ILE A 287 -9.40 9.35 -27.25
CA ILE A 287 -10.38 8.85 -26.28
C ILE A 287 -11.81 9.13 -26.77
N GLY A 288 -12.69 8.14 -26.62
CA GLY A 288 -14.05 8.24 -27.12
C GLY A 288 -14.13 8.30 -28.65
N ASN A 289 -13.10 7.79 -29.33
CA ASN A 289 -13.04 7.90 -30.78
C ASN A 289 -14.31 7.42 -31.45
N GLY A 290 -14.77 8.16 -32.45
CA GLY A 290 -16.02 7.87 -33.11
C GLY A 290 -17.19 8.69 -32.59
N ALA A 291 -17.11 9.21 -31.38
CA ALA A 291 -18.20 10.03 -30.86
C ALA A 291 -18.32 11.32 -31.70
N ALA A 292 -19.55 11.75 -31.99
CA ALA A 292 -19.77 12.89 -32.91
C ALA A 292 -19.14 14.20 -32.44
N THR A 293 -19.22 14.47 -31.14
CA THR A 293 -18.87 15.75 -30.56
C THR A 293 -17.83 15.58 -29.47
N LYS A 294 -17.94 14.50 -28.71
CA LYS A 294 -17.16 14.38 -27.49
C LYS A 294 -15.81 13.69 -27.61
N ALA A 295 -15.44 13.18 -28.78
CA ALA A 295 -14.13 12.50 -28.95
C ALA A 295 -12.93 13.41 -28.60
N GLY A 296 -11.93 12.84 -27.92
CA GLY A 296 -10.73 13.60 -27.55
C GLY A 296 -10.96 14.57 -26.41
N GLY A 297 -12.19 14.61 -25.88
CA GLY A 297 -12.58 15.59 -24.86
C GLY A 297 -12.29 15.18 -23.43
N HIS A 298 -12.53 16.10 -22.49
CA HIS A 298 -12.31 15.80 -21.08
C HIS A 298 -13.52 15.21 -20.42
N ASP A 299 -14.63 15.06 -21.15
CA ASP A 299 -15.88 14.60 -20.54
C ASP A 299 -16.33 13.16 -20.92
N VAL A 300 -15.54 12.40 -21.71
CA VAL A 300 -15.94 11.00 -22.12
C VAL A 300 -15.31 9.84 -21.34
N HIS A 301 -14.34 10.15 -20.49
CA HIS A 301 -13.71 9.13 -19.65
C HIS A 301 -14.69 8.25 -18.90
N GLY A 302 -15.60 8.85 -18.14
CA GLY A 302 -16.40 8.09 -17.21
C GLY A 302 -17.80 8.57 -16.91
N ALA A 303 -18.44 9.19 -17.88
CA ALA A 303 -19.87 9.46 -17.78
C ALA A 303 -20.55 9.07 -19.11
N PRO A 304 -21.84 8.66 -19.06
CA PRO A 304 -22.59 8.33 -20.29
C PRO A 304 -22.46 9.42 -21.33
N LEU A 305 -22.45 9.05 -22.61
CA LEU A 305 -22.43 10.00 -23.71
C LEU A 305 -23.60 10.98 -23.75
N GLY A 306 -24.77 10.55 -23.24
CA GLY A 306 -26.03 11.32 -23.41
C GLY A 306 -26.77 10.87 -24.66
N ALA A 307 -28.10 10.84 -24.58
CA ALA A 307 -28.94 10.31 -25.67
C ALA A 307 -28.74 11.03 -27.01
N ASP A 308 -28.64 12.37 -26.99
CA ASP A 308 -28.39 13.14 -28.22
C ASP A 308 -27.06 12.77 -28.85
N GLU A 309 -26.01 12.74 -28.03
CA GLU A 309 -24.65 12.45 -28.52
C GLU A 309 -24.58 11.04 -29.14
N ILE A 310 -25.30 10.09 -28.54
CA ILE A 310 -25.42 8.75 -29.11
C ILE A 310 -26.15 8.77 -30.45
N ALA A 311 -27.26 9.50 -30.54
CA ALA A 311 -27.99 9.59 -31.81
C ALA A 311 -27.08 10.17 -32.90
N LYS A 312 -26.39 11.26 -32.58
CA LYS A 312 -25.42 11.86 -33.52
C LYS A 312 -24.26 10.92 -33.87
N THR A 313 -23.78 10.15 -32.89
CA THR A 313 -22.71 9.17 -33.10
C THR A 313 -23.16 8.07 -34.07
N ARG A 314 -24.38 7.56 -33.89
CA ARG A 314 -24.96 6.59 -34.83
C ARG A 314 -24.88 7.09 -36.28
N GLU A 315 -25.31 8.33 -36.51
CA GLU A 315 -25.31 8.91 -37.86
C GLU A 315 -23.86 9.09 -38.34
N ALA A 316 -23.00 9.68 -37.49
CA ALA A 316 -21.59 9.86 -37.85
C ALA A 316 -20.87 8.54 -38.21
N LEU A 317 -21.18 7.47 -37.46
CA LEU A 317 -20.59 6.16 -37.71
C LEU A 317 -21.30 5.34 -38.80
N GLY A 318 -22.48 5.79 -39.20
CA GLY A 318 -23.33 5.00 -40.11
C GLY A 318 -23.80 3.73 -39.43
N TRP A 319 -23.84 3.74 -38.09
CA TRP A 319 -24.31 2.58 -37.37
C TRP A 319 -25.80 2.70 -37.18
N THR A 320 -26.58 1.90 -37.92
CA THR A 320 -28.06 2.08 -38.00
C THR A 320 -28.86 1.23 -36.99
N TRP A 321 -28.25 0.16 -36.51
CA TRP A 321 -28.91 -0.76 -35.58
C TRP A 321 -29.23 -0.18 -34.22
N ALA A 322 -30.32 -0.71 -33.67
CA ALA A 322 -30.89 -0.32 -32.37
C ALA A 322 -29.99 -0.84 -31.24
N PRO A 323 -30.09 -0.24 -30.03
CA PRO A 323 -29.23 -0.70 -28.94
C PRO A 323 -29.24 -2.22 -28.79
N PHE A 324 -28.05 -2.82 -28.80
CA PHE A 324 -27.87 -4.25 -28.52
C PHE A 324 -28.25 -5.15 -29.68
N VAL A 325 -28.56 -4.55 -30.83
CA VAL A 325 -28.74 -5.33 -32.04
C VAL A 325 -27.40 -5.34 -32.76
N ILE A 326 -26.90 -6.55 -33.02
CA ILE A 326 -25.71 -6.79 -33.85
C ILE A 326 -26.09 -7.55 -35.14
N PRO A 327 -25.73 -7.01 -36.31
CA PRO A 327 -26.05 -7.74 -37.53
C PRO A 327 -25.26 -9.02 -37.67
N GLN A 328 -25.85 -10.03 -38.33
CA GLN A 328 -25.28 -11.38 -38.53
C GLN A 328 -23.83 -11.35 -39.02
N GLU A 329 -23.56 -10.48 -40.00
CA GLU A 329 -22.24 -10.48 -40.61
C GLU A 329 -21.18 -9.97 -39.64
N VAL A 330 -21.59 -9.17 -38.65
CA VAL A 330 -20.68 -8.74 -37.58
C VAL A 330 -20.36 -9.89 -36.62
N TYR A 331 -21.39 -10.67 -36.22
CA TYR A 331 -21.11 -11.89 -35.42
C TYR A 331 -20.21 -12.85 -36.20
N ALA A 332 -20.49 -12.99 -37.49
CA ALA A 332 -19.83 -13.99 -38.31
C ALA A 332 -18.35 -13.64 -38.46
N ALA A 333 -18.04 -12.35 -38.57
CA ALA A 333 -16.64 -11.92 -38.69
C ALA A 333 -15.89 -12.07 -37.33
N TRP A 334 -16.59 -11.89 -36.21
CA TRP A 334 -15.93 -11.94 -34.91
C TRP A 334 -15.79 -13.32 -34.33
N ASP A 335 -16.68 -14.24 -34.73
CA ASP A 335 -16.88 -15.44 -33.96
C ASP A 335 -15.67 -16.33 -34.04
N ALA A 336 -15.27 -16.87 -32.89
CA ALA A 336 -14.02 -17.61 -32.80
C ALA A 336 -14.24 -19.08 -32.45
N LYS A 337 -15.50 -19.53 -32.46
CA LYS A 337 -15.82 -20.87 -31.99
C LYS A 337 -15.16 -21.95 -32.84
N GLU A 338 -15.18 -21.80 -34.18
CA GLU A 338 -14.54 -22.79 -35.06
C GLU A 338 -13.00 -22.82 -34.91
N ALA A 339 -12.36 -21.66 -35.00
CA ALA A 339 -10.91 -21.60 -34.87
C ALA A 339 -10.44 -22.05 -33.48
N GLY A 340 -11.19 -21.67 -32.45
CA GLY A 340 -10.95 -22.10 -31.06
C GLY A 340 -11.03 -23.61 -30.90
N LYS A 341 -12.01 -24.22 -31.55
CA LYS A 341 -12.12 -25.67 -31.54
C LYS A 341 -10.93 -26.37 -32.24
N ARG A 342 -10.52 -25.87 -33.41
CA ARG A 342 -9.34 -26.45 -34.10
C ARG A 342 -8.11 -26.36 -33.22
N SER A 343 -7.93 -25.19 -32.62
CA SER A 343 -6.74 -24.94 -31.81
C SER A 343 -6.66 -25.83 -30.60
N GLU A 344 -7.76 -25.96 -29.87
CA GLU A 344 -7.74 -26.83 -28.70
C GLU A 344 -7.65 -28.31 -29.11
N ASP A 345 -8.33 -28.69 -30.20
CA ASP A 345 -8.23 -30.06 -30.74
C ASP A 345 -6.80 -30.46 -31.08
N ASP A 346 -6.07 -29.62 -31.80
CA ASP A 346 -4.66 -29.85 -32.10
C ASP A 346 -3.83 -29.97 -30.81
N TRP A 347 -4.08 -29.08 -29.85
CA TRP A 347 -3.43 -29.14 -28.55
C TRP A 347 -3.70 -30.41 -27.78
N ASN A 348 -4.96 -30.86 -27.77
CA ASN A 348 -5.31 -32.16 -27.13
C ASN A 348 -4.58 -33.35 -27.77
N ALA A 349 -4.46 -33.34 -29.10
CA ALA A 349 -3.68 -34.36 -29.81
C ALA A 349 -2.21 -34.21 -29.47
N ALA A 350 -1.73 -32.99 -29.32
CA ALA A 350 -0.34 -32.82 -28.90
C ALA A 350 -0.11 -33.36 -27.47
N PHE A 351 -1.03 -33.07 -26.56
CA PHE A 351 -0.98 -33.58 -25.20
C PHE A 351 -1.05 -35.10 -25.12
N ALA A 352 -1.84 -35.70 -26.02
CA ALA A 352 -1.97 -37.17 -26.10
C ALA A 352 -0.65 -37.78 -26.54
N GLN A 353 0.01 -37.14 -27.50
CA GLN A 353 1.32 -37.62 -27.95
C GLN A 353 2.34 -37.47 -26.81
N TYR A 354 2.28 -36.37 -26.06
CA TYR A 354 3.12 -36.14 -24.86
C TYR A 354 2.89 -37.16 -23.73
N ARG A 355 1.63 -37.48 -23.42
CA ARG A 355 1.28 -38.52 -22.43
C ARG A 355 1.85 -39.90 -22.82
N ALA A 356 1.87 -40.21 -24.11
CA ALA A 356 2.37 -41.50 -24.55
C ALA A 356 3.85 -41.63 -24.25
N LYS A 357 4.59 -40.53 -24.44
CA LYS A 357 6.02 -40.51 -24.18
C LYS A 357 6.35 -40.20 -22.71
N TYR A 358 5.47 -39.43 -22.03
CA TYR A 358 5.75 -38.91 -20.68
C TYR A 358 4.55 -39.04 -19.77
N PRO A 359 4.15 -40.28 -19.46
CA PRO A 359 2.89 -40.45 -18.76
C PRO A 359 2.87 -39.85 -17.34
N ALA A 360 3.97 -39.99 -16.60
CA ALA A 360 4.02 -39.54 -15.20
C ALA A 360 3.95 -38.02 -15.21
N GLU A 361 4.62 -37.43 -16.19
CA GLU A 361 4.67 -35.97 -16.31
C GLU A 361 3.30 -35.41 -16.76
N ALA A 362 2.67 -36.07 -17.73
CA ALA A 362 1.36 -35.66 -18.22
C ALA A 362 0.34 -35.63 -17.10
N ALA A 363 0.32 -36.68 -16.29
CA ALA A 363 -0.58 -36.70 -15.13
C ALA A 363 -0.24 -35.59 -14.10
N GLU A 364 1.04 -35.31 -13.88
CA GLU A 364 1.45 -34.19 -13.01
C GLU A 364 1.01 -32.87 -13.55
N PHE A 365 1.12 -32.69 -14.86
CA PHE A 365 0.68 -31.47 -15.52
C PHE A 365 -0.81 -31.22 -15.27
N GLU A 366 -1.64 -32.23 -15.55
CA GLU A 366 -3.09 -32.10 -15.30
C GLU A 366 -3.42 -31.76 -13.85
N ARG A 367 -2.86 -32.53 -12.93
CA ARG A 367 -3.10 -32.30 -11.51
C ARG A 367 -2.77 -30.85 -11.15
N ARG A 368 -1.58 -30.41 -11.53
CA ARG A 368 -1.10 -29.08 -11.16
C ARG A 368 -1.87 -27.93 -11.85
N MET A 369 -2.17 -28.06 -13.15
CA MET A 369 -3.02 -27.07 -13.81
C MET A 369 -4.38 -26.95 -13.10
N ALA A 370 -4.95 -28.06 -12.60
CA ALA A 370 -6.21 -28.01 -11.86
C ALA A 370 -6.08 -27.40 -10.45
N GLY A 371 -4.86 -27.23 -9.95
CA GLY A 371 -4.65 -26.72 -8.60
C GLY A 371 -5.02 -27.75 -7.54
N THR A 372 -4.99 -29.04 -7.89
CA THR A 372 -5.27 -30.14 -6.97
C THR A 372 -4.00 -30.61 -6.27
N LEU A 373 -4.11 -30.89 -4.97
CA LEU A 373 -2.98 -31.47 -4.26
C LEU A 373 -2.85 -33.00 -4.54
N PRO A 374 -1.74 -33.64 -4.14
CA PRO A 374 -1.57 -35.08 -4.38
C PRO A 374 -2.66 -35.93 -3.68
N ALA A 375 -2.92 -37.10 -4.24
CA ALA A 375 -4.03 -37.97 -3.84
C ALA A 375 -3.86 -38.36 -2.38
N ASP A 376 -2.61 -38.46 -1.94
CA ASP A 376 -2.33 -38.86 -0.57
C ASP A 376 -1.99 -37.65 0.31
N TRP A 377 -2.55 -36.50 -0.02
CA TRP A 377 -2.28 -35.23 0.70
C TRP A 377 -2.47 -35.30 2.19
N ALA A 378 -3.57 -35.90 2.63
CA ALA A 378 -3.84 -35.94 4.09
C ALA A 378 -2.70 -36.64 4.83
N ALA A 379 -2.24 -37.78 4.31
CA ALA A 379 -1.08 -38.46 4.90
C ALA A 379 0.14 -37.53 4.91
N LYS A 380 0.41 -36.85 3.81
CA LYS A 380 1.65 -36.12 3.68
C LYS A 380 1.71 -34.90 4.57
N ALA A 381 0.59 -34.19 4.70
CA ALA A 381 0.44 -33.07 5.61
C ALA A 381 0.65 -33.52 7.05
N ALA A 382 0.03 -34.65 7.40
CA ALA A 382 0.12 -35.19 8.74
C ALA A 382 1.56 -35.57 9.05
N ALA A 383 2.30 -36.11 8.09
CA ALA A 383 3.74 -36.38 8.34
C ALA A 383 4.52 -35.11 8.73
N ILE A 384 4.17 -33.98 8.12
CA ILE A 384 4.82 -32.69 8.37
C ILE A 384 4.48 -32.15 9.75
N VAL A 385 3.20 -32.19 10.11
CA VAL A 385 2.77 -31.75 11.45
C VAL A 385 3.41 -32.67 12.49
N ALA A 386 3.31 -33.99 12.29
CA ALA A 386 3.92 -34.94 13.23
C ALA A 386 5.41 -34.75 13.47
N GLY A 387 6.19 -34.48 12.41
CA GLY A 387 7.65 -34.22 12.56
C GLY A 387 7.95 -32.99 13.43
N ALA A 388 7.19 -31.92 13.20
CA ALA A 388 7.27 -30.71 14.02
C ALA A 388 7.04 -31.08 15.49
N ASN A 389 6.01 -31.88 15.77
CA ASN A 389 5.73 -32.37 17.12
C ASN A 389 6.82 -33.28 17.72
N GLU A 390 7.30 -34.27 16.97
CA GLU A 390 8.42 -35.12 17.43
C GLU A 390 9.66 -34.33 17.82
N ARG A 391 10.01 -33.30 17.04
CA ARG A 391 11.27 -32.59 17.30
C ARG A 391 11.24 -31.73 18.56
N GLY A 392 10.07 -31.18 18.93
CA GLY A 392 9.94 -30.39 20.16
C GLY A 392 10.91 -29.21 20.25
N GLU A 393 11.18 -28.55 19.13
CA GLU A 393 12.20 -27.50 19.09
C GLU A 393 11.70 -26.11 19.47
N THR A 394 12.55 -25.33 20.12
CA THR A 394 12.29 -23.95 20.44
C THR A 394 13.09 -23.13 19.44
N VAL A 395 12.39 -22.52 18.48
CA VAL A 395 13.00 -21.75 17.40
C VAL A 395 12.10 -20.54 17.11
N ALA A 396 12.57 -19.61 16.29
CA ALA A 396 11.72 -18.52 15.83
C ALA A 396 10.72 -19.13 14.87
N THR A 397 9.53 -18.56 14.77
CA THR A 397 8.56 -19.15 13.84
C THR A 397 8.92 -18.92 12.38
N ARG A 398 9.81 -17.96 12.10
CA ARG A 398 10.33 -17.81 10.76
C ARG A 398 11.18 -19.04 10.40
N LYS A 399 11.89 -19.59 11.39
CA LYS A 399 12.67 -20.82 11.20
C LYS A 399 11.74 -22.07 11.11
N ALA A 400 10.74 -22.13 12.00
CA ALA A 400 9.65 -23.10 11.87
C ALA A 400 9.07 -23.10 10.44
N SER A 401 8.76 -21.92 9.94
CA SER A 401 8.24 -21.78 8.60
C SER A 401 9.20 -22.41 7.56
N GLN A 402 10.49 -22.07 7.64
CA GLN A 402 11.45 -22.64 6.68
C GLN A 402 11.51 -24.16 6.79
N GLN A 403 11.44 -24.68 8.01
CA GLN A 403 11.46 -26.14 8.19
C GLN A 403 10.23 -26.76 7.55
N THR A 404 9.08 -26.10 7.68
CA THR A 404 7.84 -26.58 7.08
C THR A 404 7.90 -26.47 5.55
N ILE A 405 8.47 -25.38 5.04
CA ILE A 405 8.66 -25.19 3.59
C ILE A 405 9.51 -26.34 3.00
N GLU A 406 10.58 -26.68 3.71
CA GLU A 406 11.41 -27.82 3.38
C GLU A 406 10.58 -29.08 3.17
N GLY A 407 9.69 -29.36 4.12
CA GLY A 407 8.84 -30.55 4.05
C GLY A 407 7.78 -30.48 2.96
N LEU A 408 7.20 -29.29 2.76
CA LEU A 408 6.24 -29.07 1.67
C LEU A 408 6.87 -29.29 0.30
N ALA A 409 8.05 -28.73 0.10
CA ALA A 409 8.72 -28.81 -1.18
C ALA A 409 8.98 -30.27 -1.59
N ALA A 410 9.29 -31.11 -0.58
CA ALA A 410 9.66 -32.50 -0.83
C ALA A 410 8.48 -33.30 -1.35
N VAL A 411 7.26 -32.81 -1.12
CA VAL A 411 6.07 -33.51 -1.61
C VAL A 411 5.23 -32.68 -2.58
N LEU A 412 5.54 -31.38 -2.73
CA LEU A 412 4.81 -30.51 -3.69
C LEU A 412 5.74 -29.95 -4.77
N PRO A 413 5.87 -30.66 -5.90
CA PRO A 413 6.80 -30.14 -6.92
C PRO A 413 6.34 -28.79 -7.50
N GLU A 414 5.06 -28.47 -7.32
CA GLU A 414 4.47 -27.21 -7.73
C GLU A 414 4.88 -26.07 -6.81
N LEU A 415 5.50 -26.35 -5.66
CA LEU A 415 5.81 -25.25 -4.73
C LEU A 415 6.74 -24.17 -5.34
N LEU A 416 6.33 -22.92 -5.25
CA LEU A 416 7.09 -21.80 -5.83
C LEU A 416 7.21 -20.62 -4.84
N GLY A 417 8.34 -20.55 -4.17
CA GLY A 417 8.56 -19.53 -3.14
C GLY A 417 9.26 -18.30 -3.67
N GLY A 418 9.46 -17.34 -2.78
CA GLY A 418 10.16 -16.13 -3.16
C GLY A 418 10.12 -15.10 -2.07
N SER A 419 10.92 -14.07 -2.22
CA SER A 419 10.97 -12.99 -1.22
C SER A 419 11.33 -11.68 -1.90
N ALA A 420 10.77 -10.60 -1.37
CA ALA A 420 11.08 -9.27 -1.85
C ALA A 420 12.41 -8.80 -1.21
N ASP A 421 13.53 -9.38 -1.65
CA ASP A 421 14.87 -9.05 -1.18
C ASP A 421 15.06 -9.29 0.32
N LEU A 422 14.37 -10.31 0.86
CA LEU A 422 14.50 -10.66 2.29
C LEU A 422 14.56 -12.18 2.46
N THR A 423 15.11 -12.84 1.44
CA THR A 423 15.18 -14.30 1.39
C THR A 423 15.79 -14.88 2.66
N GLY A 424 16.99 -14.41 2.99
CA GLY A 424 17.74 -14.89 4.13
C GLY A 424 17.21 -14.42 5.46
N SER A 425 16.22 -13.55 5.41
CA SER A 425 15.70 -12.94 6.63
C SER A 425 14.27 -13.44 6.94
N ASN A 426 13.46 -13.57 5.88
CA ASN A 426 12.16 -14.25 5.91
C ASN A 426 12.31 -15.77 6.04
N LEU A 427 13.42 -16.30 5.51
CA LEU A 427 13.70 -17.74 5.47
C LEU A 427 12.68 -18.47 4.59
N THR A 428 12.45 -17.91 3.40
CA THR A 428 11.49 -18.48 2.41
C THR A 428 12.06 -19.58 1.51
N ASN A 429 13.40 -19.68 1.48
CA ASN A 429 14.10 -20.59 0.58
C ASN A 429 14.38 -21.94 1.24
N TRP A 430 14.60 -22.97 0.45
CA TRP A 430 14.99 -24.28 0.99
C TRP A 430 16.20 -24.85 0.27
N LYS A 431 17.01 -25.57 1.05
CA LYS A 431 18.24 -26.26 0.64
C LYS A 431 18.27 -26.90 -0.76
N ALA A 432 17.18 -27.53 -1.17
CA ALA A 432 17.19 -28.25 -2.45
C ALA A 432 16.57 -27.42 -3.55
N SER A 433 16.25 -26.17 -3.27
CA SER A 433 15.60 -25.34 -4.28
C SER A 433 16.59 -24.88 -5.36
N LYS A 434 16.04 -24.28 -6.39
CA LYS A 434 16.84 -23.70 -7.43
C LYS A 434 16.24 -22.34 -7.75
N ALA A 435 17.10 -21.33 -7.81
CA ALA A 435 16.71 -19.95 -8.05
C ALA A 435 16.37 -19.74 -9.52
N VAL A 436 15.24 -19.07 -9.76
CA VAL A 436 14.84 -18.63 -11.09
C VAL A 436 15.81 -17.54 -11.55
N ARG A 437 16.30 -17.69 -12.78
CA ARG A 437 17.25 -16.74 -13.37
C ARG A 437 16.91 -16.56 -14.85
N ALA A 438 17.08 -15.36 -15.37
CA ALA A 438 17.02 -15.17 -16.83
C ALA A 438 18.02 -16.09 -17.52
N ASN A 439 17.70 -16.59 -18.72
CA ASN A 439 18.75 -17.24 -19.53
C ASN A 439 19.84 -16.22 -19.79
N ALA A 440 21.09 -16.66 -19.75
CA ALA A 440 22.21 -15.75 -20.01
C ALA A 440 22.28 -15.33 -21.49
N ASP A 441 21.94 -16.25 -22.41
CA ASP A 441 22.19 -16.02 -23.84
C ASP A 441 20.97 -15.74 -24.72
N GLY A 442 19.80 -16.23 -24.33
CA GLY A 442 18.59 -15.88 -25.09
C GLY A 442 17.52 -15.28 -24.21
N PRO A 443 16.30 -15.12 -24.76
CA PRO A 443 15.17 -14.68 -23.97
C PRO A 443 14.71 -15.77 -22.96
N GLY A 444 13.81 -15.39 -22.04
CA GLY A 444 13.20 -16.35 -21.13
C GLY A 444 14.02 -16.65 -19.88
N VAL A 445 13.49 -17.58 -19.08
CA VAL A 445 14.05 -17.94 -17.80
C VAL A 445 14.55 -19.37 -17.79
N GLN A 446 15.62 -19.64 -17.04
CA GLN A 446 15.89 -21.03 -16.61
C GLN A 446 14.86 -21.37 -15.51
N TRP A 447 14.31 -22.58 -15.57
CA TRP A 447 13.42 -23.08 -14.51
C TRP A 447 14.07 -22.94 -13.15
N GLY A 448 13.25 -22.64 -12.16
CA GLY A 448 13.65 -22.56 -10.76
C GLY A 448 12.37 -22.62 -9.92
N ASN A 449 12.50 -22.71 -8.60
CA ASN A 449 11.32 -22.76 -7.75
C ASN A 449 11.41 -21.82 -6.56
N HIS A 450 12.41 -20.94 -6.59
CA HIS A 450 12.44 -19.84 -5.65
C HIS A 450 12.81 -18.60 -6.38
N ILE A 451 12.11 -17.50 -6.11
CA ILE A 451 12.26 -16.24 -6.89
C ILE A 451 12.80 -15.11 -6.01
N ASN A 452 13.88 -14.47 -6.40
CA ASN A 452 14.26 -13.16 -5.82
C ASN A 452 13.49 -12.04 -6.52
N TYR A 453 12.46 -11.53 -5.86
CA TYR A 453 11.61 -10.47 -6.43
C TYR A 453 12.20 -9.05 -6.40
N GLY A 454 13.31 -8.84 -5.72
CA GLY A 454 13.74 -7.47 -5.52
C GLY A 454 12.85 -6.79 -4.49
N VAL A 455 13.10 -5.50 -4.29
CA VAL A 455 12.40 -4.74 -3.25
C VAL A 455 11.08 -4.22 -3.85
N ARG A 456 10.13 -5.14 -3.99
CA ARG A 456 8.95 -4.96 -4.82
C ARG A 456 7.74 -5.69 -4.20
N GLU A 457 7.33 -5.26 -3.02
CA GLU A 457 6.28 -5.99 -2.29
C GLU A 457 4.98 -6.09 -3.07
N PHE A 458 4.54 -4.95 -3.61
CA PHE A 458 3.25 -4.83 -4.26
C PHE A 458 3.32 -5.54 -5.60
N GLY A 459 4.34 -5.25 -6.39
CA GLY A 459 4.59 -5.98 -7.62
C GLY A 459 4.72 -7.48 -7.40
N MET A 460 5.48 -7.88 -6.39
CA MET A 460 5.58 -9.28 -6.04
C MET A 460 4.18 -9.87 -5.78
N SER A 461 3.40 -9.19 -4.97
CA SER A 461 2.12 -9.75 -4.53
C SER A 461 1.07 -9.89 -5.66
N ALA A 462 1.02 -8.91 -6.54
CA ALA A 462 0.09 -8.95 -7.66
C ALA A 462 0.60 -9.97 -8.67
N ALA A 463 1.92 -10.08 -8.82
CA ALA A 463 2.51 -11.16 -9.63
C ALA A 463 2.12 -12.55 -9.12
N ILE A 464 2.15 -12.71 -7.80
CA ILE A 464 1.71 -13.97 -7.19
C ILE A 464 0.23 -14.26 -7.55
N ASN A 465 -0.65 -13.26 -7.43
CA ASN A 465 -2.05 -13.43 -7.88
C ASN A 465 -2.09 -13.94 -9.32
N GLY A 466 -1.26 -13.35 -10.17
CA GLY A 466 -1.09 -13.87 -11.55
C GLY A 466 -0.63 -15.30 -11.66
N LEU A 467 0.44 -15.64 -10.96
CA LEU A 467 0.95 -17.03 -10.94
C LEU A 467 -0.13 -18.03 -10.52
N VAL A 468 -0.92 -17.68 -9.49
CA VAL A 468 -1.96 -18.57 -8.95
C VAL A 468 -3.06 -18.70 -10.00
N LEU A 469 -3.43 -17.58 -10.63
CA LEU A 469 -4.44 -17.59 -11.66
C LEU A 469 -4.04 -18.42 -12.89
N HIS A 470 -2.75 -18.42 -13.22
CA HIS A 470 -2.31 -19.11 -14.41
C HIS A 470 -2.49 -20.59 -14.29
N GLY A 471 -2.34 -21.11 -13.07
CA GLY A 471 -2.25 -22.57 -12.83
C GLY A 471 -0.85 -23.17 -13.01
N GLY A 472 -0.58 -24.28 -12.30
CA GLY A 472 0.63 -25.08 -12.51
C GLY A 472 1.60 -24.99 -11.34
N TYR A 473 1.44 -23.92 -10.53
CA TYR A 473 2.29 -23.68 -9.37
C TYR A 473 1.55 -23.41 -8.06
N LYS A 474 2.24 -23.58 -6.94
CA LYS A 474 1.69 -23.16 -5.66
C LYS A 474 2.59 -22.05 -5.11
N PRO A 475 2.30 -20.78 -5.46
CA PRO A 475 3.26 -19.72 -5.12
C PRO A 475 3.07 -19.07 -3.76
N PHE A 476 4.16 -18.52 -3.20
CA PHE A 476 4.07 -17.73 -1.99
C PHE A 476 5.21 -16.76 -2.00
N GLY A 477 5.08 -15.66 -1.27
CA GLY A 477 6.11 -14.64 -1.28
C GLY A 477 6.19 -13.93 0.05
N GLY A 478 7.42 -13.68 0.50
CA GLY A 478 7.67 -13.10 1.79
C GLY A 478 8.15 -11.65 1.78
N THR A 479 7.83 -10.94 2.88
CA THR A 479 8.44 -9.65 3.23
C THR A 479 8.23 -9.45 4.74
N PHE A 480 8.66 -8.32 5.31
CA PHE A 480 8.34 -7.99 6.70
C PHE A 480 6.89 -7.62 6.83
N LEU A 481 6.28 -8.00 7.96
CA LEU A 481 4.86 -7.70 8.23
C LEU A 481 4.40 -6.25 7.96
N THR A 482 5.16 -5.27 8.49
CA THR A 482 4.76 -3.88 8.32
C THR A 482 4.66 -3.50 6.84
N PHE A 483 5.47 -4.15 5.97
CA PHE A 483 5.50 -3.77 4.55
C PHE A 483 4.37 -4.43 3.78
N SER A 484 3.54 -5.21 4.48
CA SER A 484 2.19 -5.50 4.01
C SER A 484 1.48 -4.21 3.64
N ASP A 485 1.86 -3.08 4.26
CA ASP A 485 1.23 -1.80 3.91
C ASP A 485 1.53 -1.44 2.44
N TYR A 486 2.67 -1.89 1.92
CA TYR A 486 3.08 -1.60 0.55
C TYR A 486 2.23 -2.42 -0.41
N SER A 487 2.02 -3.70 -0.10
CA SER A 487 1.35 -4.66 -1.01
C SER A 487 -0.14 -4.82 -0.74
N ARG A 488 -0.67 -4.03 0.18
CA ARG A 488 -2.01 -4.24 0.74
C ARG A 488 -3.16 -4.51 -0.24
N ASN A 489 -3.32 -3.69 -1.25
CA ASN A 489 -4.46 -3.86 -2.11
C ASN A 489 -4.34 -5.14 -2.92
N ALA A 490 -3.13 -5.69 -3.04
CA ALA A 490 -3.00 -6.98 -3.77
C ALA A 490 -3.51 -8.13 -2.93
N LEU A 491 -3.32 -8.01 -1.61
CA LEU A 491 -3.83 -8.98 -0.64
C LEU A 491 -5.34 -8.93 -0.70
N ARG A 492 -5.87 -7.71 -0.78
CA ARG A 492 -7.30 -7.50 -0.88
C ARG A 492 -7.87 -8.13 -2.16
N VAL A 493 -7.21 -7.90 -3.29
CA VAL A 493 -7.77 -8.40 -4.57
C VAL A 493 -7.72 -9.94 -4.58
N ALA A 494 -6.67 -10.52 -4.00
CA ALA A 494 -6.61 -11.98 -3.88
C ALA A 494 -7.83 -12.50 -3.08
N ALA A 495 -8.11 -11.80 -1.99
CA ALA A 495 -9.24 -12.11 -1.12
C ALA A 495 -10.56 -11.93 -1.85
N LEU A 496 -10.63 -10.90 -2.69
CA LEU A 496 -11.86 -10.68 -3.47
C LEU A 496 -12.09 -11.78 -4.54
N MET A 497 -11.03 -12.19 -5.23
CA MET A 497 -11.10 -13.19 -6.28
C MET A 497 -11.24 -14.58 -5.71
N LYS A 498 -10.91 -14.75 -4.43
CA LYS A 498 -10.96 -16.04 -3.76
C LYS A 498 -10.00 -17.06 -4.40
N VAL A 499 -8.74 -16.64 -4.56
CA VAL A 499 -7.71 -17.51 -5.05
C VAL A 499 -6.67 -17.67 -3.92
N PRO A 500 -6.02 -18.85 -3.86
CA PRO A 500 -5.25 -19.17 -2.67
C PRO A 500 -3.78 -18.73 -2.67
N SER A 501 -3.56 -17.46 -2.98
CA SER A 501 -2.27 -16.82 -2.80
C SER A 501 -1.85 -16.93 -1.33
N ILE A 502 -0.56 -17.14 -1.12
CA ILE A 502 -0.01 -17.23 0.19
C ILE A 502 1.04 -16.14 0.36
N PHE A 503 0.82 -15.29 1.36
CA PHE A 503 1.72 -14.19 1.67
C PHE A 503 2.38 -14.44 3.01
N VAL A 504 3.73 -14.54 2.99
CA VAL A 504 4.50 -14.75 4.19
C VAL A 504 4.94 -13.40 4.74
N PHE A 505 4.80 -13.21 6.04
CA PHE A 505 5.28 -12.00 6.66
C PHE A 505 6.06 -12.37 7.90
N THR A 506 7.26 -11.82 8.02
CA THR A 506 8.06 -12.08 9.22
C THR A 506 8.35 -10.79 9.98
N HIS A 507 8.95 -10.91 11.16
CA HIS A 507 9.28 -9.73 11.98
C HIS A 507 8.03 -9.00 12.40
N ASP A 508 7.20 -9.69 13.17
CA ASP A 508 5.80 -9.37 13.29
C ASP A 508 5.43 -8.40 14.44
N SER A 509 6.39 -8.03 15.29
CA SER A 509 6.12 -7.18 16.44
C SER A 509 7.35 -6.44 16.94
N ILE A 510 7.17 -5.72 18.05
CA ILE A 510 8.32 -5.20 18.81
C ILE A 510 9.44 -6.24 19.04
N GLY A 511 9.10 -7.54 18.93
CA GLY A 511 10.06 -8.62 19.11
C GLY A 511 11.18 -8.57 18.09
N LEU A 512 11.01 -7.79 17.02
CA LEU A 512 12.09 -7.65 16.03
C LEU A 512 13.26 -6.82 16.62
N GLY A 513 13.00 -6.02 17.66
CA GLY A 513 14.06 -5.31 18.39
C GLY A 513 14.53 -4.04 17.72
N GLU A 514 15.84 -3.96 17.50
CA GLU A 514 16.52 -2.68 17.25
C GLU A 514 16.11 -1.85 16.01
N ASP A 515 15.56 -2.47 14.95
CA ASP A 515 15.25 -1.68 13.75
C ASP A 515 14.15 -0.64 14.03
N GLY A 516 13.37 -0.85 15.11
CA GLY A 516 12.54 0.23 15.64
C GLY A 516 11.19 0.43 14.98
N PRO A 517 10.53 1.56 15.30
CA PRO A 517 9.09 1.71 15.03
C PRO A 517 8.65 1.79 13.56
N THR A 518 9.57 2.08 12.63
CA THR A 518 9.21 2.05 11.21
C THR A 518 9.01 0.62 10.74
N HIS A 519 9.62 -0.33 11.47
CA HIS A 519 9.61 -1.73 11.10
C HIS A 519 8.70 -2.56 11.96
N GLN A 520 8.59 -2.21 13.24
CA GLN A 520 7.79 -3.01 14.20
C GLN A 520 6.30 -2.83 13.97
N SER A 521 5.63 -3.92 13.60
CA SER A 521 4.17 -3.86 13.40
C SER A 521 3.47 -3.68 14.72
N VAL A 522 2.37 -2.94 14.66
CA VAL A 522 1.55 -2.81 15.83
C VAL A 522 0.09 -3.10 15.45
N GLU A 523 -0.35 -2.47 14.36
CA GLU A 523 -1.71 -2.48 13.90
C GLU A 523 -1.96 -3.55 12.80
N HIS A 524 -0.89 -4.16 12.28
CA HIS A 524 -0.98 -4.94 11.05
C HIS A 524 -1.71 -6.25 11.17
N VAL A 525 -1.35 -7.06 12.15
CA VAL A 525 -2.08 -8.31 12.34
C VAL A 525 -3.60 -8.03 12.38
N ALA A 526 -4.06 -7.13 13.25
CA ALA A 526 -5.49 -6.83 13.30
C ALA A 526 -6.03 -6.27 11.95
N SER A 527 -5.24 -5.45 11.27
CA SER A 527 -5.74 -4.77 10.09
C SER A 527 -5.93 -5.77 8.92
N LEU A 528 -5.12 -6.81 8.91
CA LEU A 528 -5.25 -7.87 7.92
C LEU A 528 -6.48 -8.79 8.19
N ARG A 529 -6.80 -9.00 9.47
CA ARG A 529 -7.97 -9.78 9.86
C ARG A 529 -9.28 -9.14 9.38
N LEU A 530 -9.23 -7.82 9.21
CA LEU A 530 -10.37 -7.03 8.74
C LEU A 530 -10.78 -7.32 7.30
N ILE A 531 -9.81 -7.67 6.45
CA ILE A 531 -10.11 -7.91 5.04
C ILE A 531 -10.94 -9.20 4.90
N PRO A 532 -12.15 -9.10 4.31
CA PRO A 532 -13.00 -10.29 4.09
C PRO A 532 -12.27 -11.39 3.31
N ASN A 533 -12.39 -12.64 3.76
CA ASN A 533 -11.92 -13.81 3.03
C ASN A 533 -10.41 -14.03 3.10
N LEU A 534 -9.72 -13.21 3.89
CA LEU A 534 -8.27 -13.31 4.05
C LEU A 534 -7.97 -13.89 5.41
N ASP A 535 -7.54 -15.14 5.45
CA ASP A 535 -7.15 -15.81 6.70
C ASP A 535 -5.78 -15.28 7.12
N VAL A 536 -5.63 -15.11 8.43
CA VAL A 536 -4.43 -14.62 9.05
C VAL A 536 -4.05 -15.65 10.09
N TRP A 537 -2.84 -16.21 9.93
CA TRP A 537 -2.28 -17.14 10.89
C TRP A 537 -1.08 -16.49 11.53
N ARG A 538 -0.99 -16.63 12.86
CA ARG A 538 0.12 -16.13 13.68
C ARG A 538 0.49 -17.24 14.69
N PRO A 539 1.18 -18.30 14.24
CA PRO A 539 1.41 -19.49 15.05
C PRO A 539 2.38 -19.24 16.24
N ALA A 540 2.23 -20.04 17.30
CA ALA A 540 3.04 -19.88 18.52
C ALA A 540 4.31 -20.69 18.51
N ASP A 541 4.38 -21.71 17.67
CA ASP A 541 5.54 -22.60 17.70
C ASP A 541 5.61 -23.43 16.41
N THR A 542 6.48 -24.43 16.40
CA THR A 542 6.66 -25.26 15.21
C THR A 542 5.39 -26.01 14.79
N VAL A 543 4.67 -26.56 15.77
CA VAL A 543 3.45 -27.30 15.45
C VAL A 543 2.37 -26.38 14.86
N GLU A 544 2.13 -25.22 15.46
CA GLU A 544 1.10 -24.35 14.91
C GLU A 544 1.53 -23.90 13.51
N THR A 545 2.85 -23.78 13.31
CA THR A 545 3.35 -23.30 12.02
C THR A 545 3.06 -24.34 10.94
N ALA A 546 3.36 -25.61 11.25
CA ALA A 546 3.12 -26.70 10.30
C ALA A 546 1.64 -26.82 9.96
N VAL A 547 0.77 -26.65 10.97
CA VAL A 547 -0.69 -26.63 10.74
C VAL A 547 -1.12 -25.42 9.87
N ALA A 548 -0.67 -24.23 10.22
CA ALA A 548 -0.98 -23.02 9.44
C ALA A 548 -0.60 -23.22 7.98
N TRP A 549 0.60 -23.73 7.70
CA TRP A 549 1.09 -23.91 6.35
C TRP A 549 0.31 -24.96 5.62
N THR A 550 0.21 -26.16 6.18
CA THR A 550 -0.59 -27.21 5.55
C THR A 550 -2.07 -26.83 5.34
N TYR A 551 -2.67 -26.10 6.29
CA TYR A 551 -4.02 -25.63 6.10
C TYR A 551 -4.05 -24.61 4.96
N ALA A 552 -3.14 -23.65 4.99
CA ALA A 552 -3.13 -22.60 3.99
C ALA A 552 -3.02 -23.16 2.58
N VAL A 553 -2.20 -24.20 2.44
CA VAL A 553 -1.87 -24.76 1.14
C VAL A 553 -3.08 -25.45 0.51
N ALA A 554 -3.96 -26.00 1.36
CA ALA A 554 -5.14 -26.75 0.91
C ALA A 554 -6.41 -25.88 0.82
N HIS A 555 -6.38 -24.68 1.41
CA HIS A 555 -7.52 -23.75 1.48
C HIS A 555 -7.78 -23.02 0.16
N GLN A 556 -9.03 -22.69 -0.15
CA GLN A 556 -9.34 -22.07 -1.44
C GLN A 556 -9.12 -20.55 -1.40
N HIS A 557 -9.09 -19.97 -0.22
CA HIS A 557 -8.96 -18.53 -0.11
C HIS A 557 -7.55 -18.17 0.25
N PRO A 558 -7.16 -16.87 0.12
CA PRO A 558 -5.75 -16.53 0.36
C PRO A 558 -5.44 -16.45 1.85
N SER A 559 -4.18 -16.59 2.22
CA SER A 559 -3.71 -16.59 3.61
C SER A 559 -2.47 -15.71 3.81
N CYS A 560 -2.44 -15.07 4.99
CA CYS A 560 -1.24 -14.39 5.50
C CYS A 560 -0.68 -15.24 6.63
N LEU A 561 0.61 -15.56 6.53
CA LEU A 561 1.28 -16.40 7.49
C LEU A 561 2.33 -15.51 8.16
N ILE A 562 2.22 -15.36 9.47
CA ILE A 562 2.88 -14.32 10.20
C ILE A 562 3.82 -14.91 11.25
N PHE A 563 5.10 -14.62 11.06
CA PHE A 563 6.13 -15.28 11.82
C PHE A 563 7.03 -14.28 12.58
N SER A 564 7.61 -14.78 13.65
CA SER A 564 8.46 -13.96 14.49
C SER A 564 9.92 -14.02 14.02
N ARG A 565 10.66 -12.98 14.39
CA ARG A 565 12.11 -12.97 14.33
C ARG A 565 12.72 -13.82 15.43
N GLN A 566 12.18 -13.71 16.65
CA GLN A 566 12.79 -14.23 17.86
C GLN A 566 12.28 -15.64 18.21
N ASN A 567 13.13 -16.44 18.87
CA ASN A 567 12.79 -17.80 19.30
C ASN A 567 11.51 -17.84 20.16
N LEU A 568 10.62 -18.79 19.87
CA LEU A 568 9.42 -19.01 20.69
C LEU A 568 9.40 -20.44 21.26
N ALA A 569 9.00 -20.56 22.53
CA ALA A 569 9.01 -21.84 23.23
C ALA A 569 8.10 -22.85 22.55
N PHE A 570 8.59 -24.07 22.39
CA PHE A 570 7.77 -25.16 21.97
C PHE A 570 6.67 -25.46 23.00
N ASN A 571 5.47 -25.80 22.54
CA ASN A 571 4.46 -26.29 23.51
C ASN A 571 4.10 -27.75 23.31
N ALA A 572 4.21 -28.54 24.37
CA ALA A 572 3.73 -29.94 24.38
C ALA A 572 2.21 -29.93 24.28
N ARG A 573 1.65 -30.83 23.46
CA ARG A 573 0.18 -30.96 23.29
C ARG A 573 -0.31 -32.41 23.43
N THR A 574 -1.50 -32.60 23.99
CA THR A 574 -2.15 -33.91 23.94
C THR A 574 -2.66 -34.10 22.50
N ASP A 575 -3.00 -35.35 22.17
CA ASP A 575 -3.68 -35.67 20.89
C ASP A 575 -4.91 -34.81 20.64
N ALA A 576 -5.73 -34.64 21.65
CA ALA A 576 -6.95 -33.83 21.49
C ALA A 576 -6.61 -32.37 21.12
N GLN A 577 -5.55 -31.84 21.71
CA GLN A 577 -5.16 -30.47 21.46
C GLN A 577 -4.60 -30.36 20.04
N LEU A 578 -3.75 -31.32 19.68
CA LEU A 578 -3.21 -31.41 18.29
C LEU A 578 -4.31 -31.38 17.26
N ALA A 579 -5.40 -32.12 17.49
CA ALA A 579 -6.49 -32.19 16.53
C ALA A 579 -7.23 -30.87 16.42
N ASN A 580 -7.05 -29.98 17.38
CA ASN A 580 -7.83 -28.74 17.43
C ASN A 580 -7.12 -27.50 16.93
N VAL A 581 -5.82 -27.61 16.72
CA VAL A 581 -5.04 -26.47 16.21
C VAL A 581 -5.63 -25.93 14.90
N GLU A 582 -6.08 -26.83 14.05
CA GLU A 582 -6.61 -26.45 12.75
C GLU A 582 -7.97 -25.77 12.81
N LYS A 583 -8.56 -25.74 14.00
CA LYS A 583 -9.83 -25.01 14.23
C LYS A 583 -9.58 -23.54 14.56
N GLY A 584 -8.32 -23.11 14.55
CA GLY A 584 -8.01 -21.68 14.59
C GLY A 584 -7.85 -21.14 15.99
N GLY A 585 -8.74 -21.53 16.88
CA GLY A 585 -8.57 -21.19 18.31
C GLY A 585 -8.93 -22.43 19.09
N TYR A 586 -8.17 -22.74 20.14
CA TYR A 586 -8.39 -23.98 20.88
C TYR A 586 -7.83 -23.88 22.28
N VAL A 587 -8.31 -24.76 23.16
CA VAL A 587 -7.79 -24.87 24.52
C VAL A 587 -6.42 -25.56 24.57
N LEU A 588 -5.39 -24.78 24.92
CA LEU A 588 -4.04 -25.31 25.03
C LEU A 588 -3.73 -25.82 26.45
N ARG A 589 -4.24 -25.12 27.47
CA ARG A 589 -4.08 -25.52 28.85
C ARG A 589 -5.43 -25.34 29.51
N ASP A 590 -6.01 -26.41 30.02
CA ASP A 590 -7.33 -26.33 30.63
C ASP A 590 -7.20 -26.21 32.13
N TRP A 591 -8.29 -25.79 32.79
CA TRP A 591 -8.43 -25.88 34.26
C TRP A 591 -8.44 -27.33 34.67
N ASP A 592 -7.99 -27.62 35.89
CA ASP A 592 -8.14 -28.97 36.47
C ASP A 592 -9.62 -29.27 36.71
N GLU A 593 -9.97 -30.54 36.82
CA GLU A 593 -11.36 -30.93 37.07
C GLU A 593 -11.77 -30.51 38.51
N GLU A 594 -13.07 -30.24 38.70
CA GLU A 594 -13.67 -29.87 40.01
C GLU A 594 -12.71 -29.02 40.87
N ILE A 595 -12.49 -27.79 40.45
CA ILE A 595 -11.64 -26.87 41.17
C ILE A 595 -12.50 -25.81 41.85
N VAL A 596 -11.84 -25.01 42.67
CA VAL A 596 -12.56 -24.06 43.49
C VAL A 596 -12.13 -22.60 43.27
N ALA A 597 -10.93 -22.38 42.70
CA ALA A 597 -10.38 -21.04 42.46
C ALA A 597 -11.16 -20.23 41.41
N ARG A 598 -11.11 -18.90 41.50
CA ARG A 598 -11.69 -18.00 40.49
C ARG A 598 -11.10 -18.29 39.07
N LYS A 599 -11.98 -18.41 38.07
CA LYS A 599 -11.56 -18.78 36.71
C LYS A 599 -11.30 -17.56 35.82
N ILE A 600 -10.28 -17.66 34.97
CA ILE A 600 -10.02 -16.69 33.91
C ILE A 600 -9.58 -17.43 32.63
N ILE A 601 -9.91 -16.86 31.47
CA ILE A 601 -9.36 -17.33 30.21
C ILE A 601 -8.30 -16.33 29.71
N LEU A 602 -7.13 -16.84 29.38
CA LEU A 602 -6.14 -16.06 28.70
C LEU A 602 -6.18 -16.52 27.23
N ILE A 603 -6.42 -15.57 26.33
CA ILE A 603 -6.43 -15.79 24.89
C ILE A 603 -5.17 -15.11 24.37
N ALA A 604 -4.32 -15.86 23.68
CA ALA A 604 -3.04 -15.36 23.24
C ALA A 604 -2.79 -15.89 21.85
N THR A 605 -1.91 -15.21 21.13
CA THR A 605 -1.51 -15.64 19.80
C THR A 605 0.00 -15.51 19.65
N GLY A 606 0.56 -16.23 18.71
CA GLY A 606 1.94 -16.10 18.33
C GLY A 606 2.89 -16.09 19.51
N SER A 607 3.80 -15.14 19.48
CA SER A 607 4.82 -15.04 20.48
C SER A 607 4.21 -14.84 21.88
N GLU A 608 2.98 -14.34 21.96
CA GLU A 608 2.39 -14.09 23.28
C GLU A 608 1.81 -15.33 24.00
N VAL A 609 1.71 -16.45 23.29
CA VAL A 609 1.25 -17.70 23.90
C VAL A 609 2.20 -18.10 25.05
N GLU A 610 3.50 -17.94 24.79
CA GLU A 610 4.55 -18.22 25.76
C GLU A 610 4.38 -17.41 27.05
N LEU A 611 4.06 -16.13 26.89
CA LEU A 611 3.75 -15.28 28.00
C LEU A 611 2.50 -15.79 28.75
N ALA A 612 1.46 -16.19 28.02
CA ALA A 612 0.25 -16.69 28.66
C ALA A 612 0.57 -17.95 29.49
N MET A 613 1.36 -18.86 28.93
CA MET A 613 1.73 -20.11 29.61
C MET A 613 2.62 -19.87 30.85
N LYS A 614 3.62 -19.00 30.75
CA LYS A 614 4.48 -18.65 31.90
C LYS A 614 3.62 -17.99 33.01
N ALA A 615 2.44 -17.48 32.66
CA ALA A 615 1.59 -16.81 33.63
C ALA A 615 0.69 -17.75 34.44
N VAL A 616 0.55 -19.00 34.00
CA VAL A 616 -0.38 -19.93 34.65
C VAL A 616 -0.04 -20.22 36.12
N GLU A 617 1.16 -20.76 36.40
CA GLU A 617 1.55 -21.09 37.79
C GLU A 617 1.56 -19.85 38.70
N PRO A 618 2.14 -18.73 38.22
CA PRO A 618 2.07 -17.50 39.00
C PRO A 618 0.64 -17.02 39.31
N LEU A 619 -0.30 -17.22 38.39
CA LEU A 619 -1.67 -16.80 38.60
C LEU A 619 -2.29 -17.71 39.64
N ALA A 620 -1.91 -18.99 39.60
CA ALA A 620 -2.41 -19.95 40.58
C ALA A 620 -1.90 -19.59 42.00
N GLN A 621 -0.60 -19.33 42.14
CA GLN A 621 -0.05 -18.88 43.44
C GLN A 621 -0.80 -17.60 43.93
N GLN A 622 -1.65 -17.01 43.07
CA GLN A 622 -2.45 -15.84 43.42
C GLN A 622 -3.95 -16.12 43.52
N GLY A 623 -4.35 -17.39 43.46
CA GLY A 623 -5.76 -17.79 43.63
C GLY A 623 -6.59 -17.78 42.38
N ILE A 624 -5.93 -17.66 41.21
CA ILE A 624 -6.62 -17.55 39.92
C ILE A 624 -6.30 -18.75 39.02
N ALA A 625 -7.34 -19.39 38.52
CA ALA A 625 -7.17 -20.57 37.70
C ALA A 625 -7.31 -20.18 36.23
N ALA A 626 -6.21 -20.33 35.48
CA ALA A 626 -6.13 -19.79 34.13
C ALA A 626 -6.19 -20.87 33.05
N ARG A 627 -7.24 -20.82 32.24
CA ARG A 627 -7.25 -21.55 30.99
C ARG A 627 -6.46 -20.74 29.97
N VAL A 628 -5.67 -21.42 29.14
CA VAL A 628 -4.96 -20.74 28.06
C VAL A 628 -5.58 -21.22 26.77
N VAL A 629 -6.18 -20.27 26.06
CA VAL A 629 -6.64 -20.47 24.69
C VAL A 629 -5.60 -19.87 23.73
N SER A 630 -5.07 -20.71 22.87
CA SER A 630 -4.22 -20.23 21.78
C SER A 630 -5.12 -20.02 20.58
N MET A 631 -4.99 -18.86 19.95
CA MET A 631 -5.79 -18.56 18.77
C MET A 631 -4.90 -18.25 17.54
N PRO A 632 -4.15 -19.25 17.03
CA PRO A 632 -3.33 -18.97 15.82
C PRO A 632 -4.11 -18.35 14.66
N SER A 633 -5.39 -18.66 14.50
CA SER A 633 -6.20 -17.89 13.54
C SER A 633 -7.62 -17.56 14.02
N SER A 634 -7.89 -16.29 14.30
CA SER A 634 -9.22 -15.91 14.70
C SER A 634 -10.21 -16.02 13.57
N ASP A 635 -9.76 -15.74 12.34
CA ASP A 635 -10.58 -15.93 11.12
C ASP A 635 -11.11 -17.37 11.00
N VAL A 636 -10.22 -18.34 11.17
CA VAL A 636 -10.62 -19.78 11.15
C VAL A 636 -11.51 -20.14 12.36
N PHE A 637 -11.14 -19.64 13.54
CA PHE A 637 -11.95 -19.87 14.74
C PHE A 637 -13.39 -19.37 14.55
N ASP A 638 -13.55 -18.22 13.89
CA ASP A 638 -14.88 -17.65 13.72
C ASP A 638 -15.75 -18.52 12.80
N ARG A 639 -15.12 -19.33 11.96
CA ARG A 639 -15.89 -20.20 11.07
C ARG A 639 -16.33 -21.48 11.77
N GLN A 640 -15.83 -21.77 12.99
CA GLN A 640 -16.23 -22.97 13.74
C GLN A 640 -17.69 -22.89 14.21
N ASP A 641 -18.32 -24.00 14.54
CA ASP A 641 -19.71 -23.85 14.95
C ASP A 641 -19.84 -23.35 16.39
N ALA A 642 -21.06 -22.92 16.70
CA ALA A 642 -21.38 -22.24 17.94
C ALA A 642 -21.12 -23.11 19.15
N GLU A 643 -21.43 -24.42 19.06
CA GLU A 643 -21.11 -25.33 20.16
C GLU A 643 -19.60 -25.32 20.44
N TYR A 644 -18.78 -25.34 19.39
CA TYR A 644 -17.34 -25.43 19.59
C TYR A 644 -16.79 -24.10 20.13
N ARG A 645 -17.23 -22.99 19.58
CA ARG A 645 -16.78 -21.68 20.07
C ARG A 645 -17.15 -21.46 21.55
N GLU A 646 -18.37 -21.89 21.92
CA GLU A 646 -18.82 -21.86 23.31
C GLU A 646 -17.99 -22.79 24.24
N ARG A 647 -17.54 -23.94 23.73
CA ARG A 647 -16.67 -24.87 24.50
C ARG A 647 -15.28 -24.20 24.83
N VAL A 648 -14.71 -23.50 23.84
CA VAL A 648 -13.45 -22.80 24.01
C VAL A 648 -13.59 -21.54 24.86
N LEU A 649 -14.64 -20.76 24.60
CA LEU A 649 -14.86 -19.51 25.32
C LEU A 649 -16.23 -19.50 26.03
N PRO A 650 -16.37 -20.28 27.12
CA PRO A 650 -17.67 -20.42 27.83
C PRO A 650 -18.23 -19.08 28.32
N HIS A 651 -19.50 -18.82 28.06
CA HIS A 651 -20.21 -17.64 28.54
C HIS A 651 -20.04 -17.48 30.04
N GLY A 652 -19.85 -16.26 30.50
CA GLY A 652 -19.78 -16.05 31.93
C GLY A 652 -18.40 -16.19 32.55
N VAL A 653 -17.43 -16.78 31.84
CA VAL A 653 -16.06 -16.76 32.34
C VAL A 653 -15.31 -15.58 31.70
N ARG A 654 -14.75 -14.72 32.52
CA ARG A 654 -14.01 -13.56 32.02
C ARG A 654 -12.68 -13.87 31.31
N ARG A 655 -12.25 -12.96 30.43
CA ARG A 655 -11.10 -13.18 29.57
C ARG A 655 -10.12 -12.00 29.52
N VAL A 656 -8.83 -12.33 29.41
CA VAL A 656 -7.76 -11.38 29.11
C VAL A 656 -7.14 -11.85 27.80
N ALA A 657 -7.07 -10.94 26.82
CA ALA A 657 -6.35 -11.24 25.58
C ALA A 657 -4.91 -10.73 25.71
N ILE A 658 -3.99 -11.45 25.06
CA ILE A 658 -2.55 -11.13 25.11
C ILE A 658 -1.97 -11.27 23.71
N GLU A 659 -1.51 -10.14 23.17
CA GLU A 659 -1.01 -10.07 21.78
C GLU A 659 -0.23 -8.77 21.59
N ALA A 660 0.94 -8.86 20.98
CA ALA A 660 1.81 -7.70 20.79
C ALA A 660 1.37 -6.81 19.59
N GLY A 661 0.15 -6.27 19.70
CA GLY A 661 -0.49 -5.49 18.66
C GLY A 661 -1.63 -4.71 19.31
N VAL A 662 -2.30 -3.86 18.53
CA VAL A 662 -3.38 -3.03 19.06
C VAL A 662 -4.39 -3.86 19.89
N THR A 663 -4.99 -3.24 20.89
CA THR A 663 -5.81 -3.99 21.84
C THR A 663 -7.27 -4.05 21.40
N ASP A 664 -7.75 -3.03 20.68
CA ASP A 664 -9.21 -2.91 20.41
C ASP A 664 -9.81 -4.13 19.72
N PHE A 665 -9.04 -4.75 18.83
CA PHE A 665 -9.50 -5.94 18.12
C PHE A 665 -10.10 -6.99 19.08
N TRP A 666 -9.48 -7.13 20.25
CA TRP A 666 -9.80 -8.19 21.21
C TRP A 666 -11.15 -8.04 21.89
N ARG A 667 -11.76 -6.86 21.77
CA ARG A 667 -13.00 -6.59 22.45
C ARG A 667 -14.08 -7.49 21.87
N LYS A 668 -13.89 -8.01 20.65
CA LYS A 668 -14.88 -8.96 20.16
C LYS A 668 -14.91 -10.28 20.98
N TYR A 669 -13.79 -10.63 21.63
CA TYR A 669 -13.72 -11.83 22.46
C TYR A 669 -13.80 -11.56 23.97
N VAL A 670 -13.27 -10.43 24.43
CA VAL A 670 -13.16 -10.15 25.87
C VAL A 670 -14.30 -9.23 26.39
N GLY A 671 -14.97 -8.51 25.48
CA GLY A 671 -16.06 -7.60 25.87
C GLY A 671 -15.56 -6.34 26.54
N LEU A 672 -16.49 -5.51 26.97
CA LEU A 672 -16.17 -4.28 27.72
C LEU A 672 -15.54 -4.61 29.07
N GLU A 673 -15.97 -5.71 29.65
CA GLU A 673 -15.54 -6.10 30.98
C GLU A 673 -14.17 -6.82 30.99
N GLY A 674 -13.68 -7.22 29.83
CA GLY A 674 -12.44 -8.00 29.75
C GLY A 674 -11.21 -7.13 29.76
N GLY A 675 -10.04 -7.75 29.67
CA GLY A 675 -8.80 -6.99 29.58
C GLY A 675 -7.99 -7.37 28.37
N VAL A 676 -7.02 -6.53 28.04
CA VAL A 676 -6.13 -6.84 26.95
C VAL A 676 -4.75 -6.39 27.36
N VAL A 677 -3.77 -7.26 27.10
CA VAL A 677 -2.36 -6.90 27.25
C VAL A 677 -1.76 -6.77 25.85
N GLY A 678 -1.58 -5.53 25.40
CA GLY A 678 -1.16 -5.29 24.02
C GLY A 678 -0.41 -3.98 23.90
N ILE A 679 -0.39 -3.42 22.69
CA ILE A 679 0.37 -2.20 22.43
C ILE A 679 -0.38 -1.28 21.49
N ASP A 680 -0.61 -0.06 21.94
CA ASP A 680 -1.48 0.88 21.23
C ASP A 680 -0.70 2.12 20.73
N THR A 681 0.61 2.10 20.91
CA THR A 681 1.51 3.13 20.43
C THR A 681 2.45 2.50 19.38
N PHE A 682 3.23 3.32 18.67
CA PHE A 682 4.35 2.78 17.93
C PHE A 682 5.43 2.29 18.93
N GLY A 683 6.35 1.45 18.43
CA GLY A 683 7.44 0.90 19.25
C GLY A 683 8.63 1.86 19.43
N GLU A 684 9.79 1.27 19.74
CA GLU A 684 11.01 2.02 20.03
C GLU A 684 12.19 1.18 19.55
N SER A 685 13.30 1.85 19.27
CA SER A 685 14.48 1.14 18.84
C SER A 685 15.30 0.72 20.08
N ALA A 686 15.27 -0.58 20.40
CA ALA A 686 15.99 -1.17 21.53
C ALA A 686 15.95 -2.71 21.34
N PRO A 687 16.80 -3.48 22.08
CA PRO A 687 16.67 -4.95 21.96
C PRO A 687 15.26 -5.44 22.30
N ALA A 688 14.84 -6.55 21.68
CA ALA A 688 13.53 -7.18 21.99
C ALA A 688 13.24 -7.33 23.51
N GLY A 689 14.18 -7.88 24.28
CA GLY A 689 13.99 -8.12 25.71
C GLY A 689 13.61 -6.83 26.41
N VAL A 690 14.37 -5.78 26.13
CA VAL A 690 14.18 -4.48 26.73
C VAL A 690 12.77 -3.96 26.38
N LEU A 691 12.37 -4.15 25.12
CA LEU A 691 11.11 -3.67 24.63
C LEU A 691 9.92 -4.37 25.26
N PHE A 692 9.99 -5.70 25.32
CA PHE A 692 8.95 -6.45 25.99
C PHE A 692 8.78 -6.03 27.46
N LYS A 693 9.86 -5.83 28.21
CA LYS A 693 9.73 -5.30 29.58
C LYS A 693 9.15 -3.87 29.55
N HIS A 694 9.71 -3.01 28.70
CA HIS A 694 9.25 -1.61 28.61
C HIS A 694 7.76 -1.50 28.35
N PHE A 695 7.24 -2.37 27.47
CA PHE A 695 5.85 -2.23 27.00
C PHE A 695 4.82 -3.08 27.78
N GLY A 696 5.25 -3.69 28.89
CA GLY A 696 4.34 -4.36 29.81
C GLY A 696 4.01 -5.80 29.42
N PHE A 697 4.85 -6.43 28.61
CA PHE A 697 4.59 -7.83 28.29
C PHE A 697 5.28 -8.73 29.30
N THR A 698 4.75 -8.73 30.52
CA THR A 698 5.38 -9.40 31.64
C THR A 698 4.32 -10.18 32.40
N VAL A 699 4.76 -11.19 33.14
CA VAL A 699 3.86 -11.91 34.05
C VAL A 699 3.11 -10.97 35.03
N GLU A 700 3.82 -10.00 35.62
CA GLU A 700 3.24 -9.06 36.60
C GLU A 700 2.06 -8.27 36.01
N HIS A 701 2.19 -7.82 34.77
CA HIS A 701 1.15 -7.04 34.14
C HIS A 701 -0.03 -7.93 33.81
N VAL A 702 0.23 -9.18 33.41
CA VAL A 702 -0.84 -10.13 33.18
C VAL A 702 -1.63 -10.38 34.46
N ILE A 703 -0.92 -10.53 35.56
CA ILE A 703 -1.56 -10.80 36.85
C ILE A 703 -2.46 -9.64 37.27
N GLU A 704 -1.90 -8.45 37.16
CA GLU A 704 -2.58 -7.20 37.47
C GLU A 704 -3.85 -7.02 36.61
N THR A 705 -3.71 -7.28 35.31
CA THR A 705 -4.85 -7.19 34.40
C THR A 705 -5.94 -8.21 34.77
N ALA A 706 -5.52 -9.45 35.04
CA ALA A 706 -6.48 -10.50 35.44
C ALA A 706 -7.24 -10.12 36.71
N LYS A 707 -6.54 -9.59 37.72
CA LYS A 707 -7.15 -9.13 38.98
C LYS A 707 -8.12 -7.98 38.79
N ALA A 708 -7.73 -6.95 38.05
CA ALA A 708 -8.66 -5.89 37.67
C ALA A 708 -9.96 -6.44 37.02
N VAL A 709 -9.79 -7.38 36.07
CA VAL A 709 -10.91 -7.94 35.33
C VAL A 709 -11.88 -8.74 36.22
N LEU A 710 -11.34 -9.48 37.19
CA LEU A 710 -12.12 -10.30 38.15
C LEU A 710 -12.81 -9.49 39.25
N ALA A 711 -12.23 -8.34 39.63
CA ALA A 711 -12.83 -7.48 40.65
C ALA A 711 -14.32 -7.31 40.37
N ALA B 43 43.61 18.52 8.10
CA ALA B 43 43.36 17.04 7.98
C ALA B 43 42.76 16.72 6.61
N SER B 44 43.19 15.59 6.03
CA SER B 44 42.88 15.23 4.64
C SER B 44 41.44 14.71 4.50
N THR B 45 40.97 14.65 3.25
CA THR B 45 39.64 14.16 2.99
C THR B 45 39.54 12.66 3.30
N THR B 46 40.62 11.88 3.05
CA THR B 46 40.70 10.47 3.48
C THR B 46 40.46 10.29 4.99
N LEU B 47 41.08 11.16 5.79
CA LEU B 47 40.90 11.11 7.23
C LEU B 47 39.44 11.46 7.63
N MET B 48 38.86 12.47 6.98
CA MET B 48 37.47 12.86 7.21
C MET B 48 36.48 11.71 6.92
N ALA B 49 36.68 11.05 5.78
CA ALA B 49 35.89 9.90 5.36
C ALA B 49 36.04 8.73 6.34
N ASN B 50 37.28 8.40 6.68
CA ASN B 50 37.52 7.29 7.59
C ASN B 50 36.91 7.55 8.99
N ALA B 51 36.76 8.81 9.39
CA ALA B 51 36.06 9.09 10.66
C ALA B 51 34.61 8.58 10.61
N ILE B 52 33.94 8.76 9.46
CA ILE B 52 32.62 8.17 9.28
C ILE B 52 32.68 6.62 9.35
N ARG B 53 33.64 6.02 8.66
CA ARG B 53 33.88 4.56 8.75
C ARG B 53 34.03 4.07 10.20
N ALA B 54 34.86 4.77 10.98
CA ALA B 54 35.17 4.30 12.33
C ALA B 54 33.92 4.38 13.23
N LEU B 55 33.25 5.52 13.20
CA LEU B 55 32.03 5.68 14.00
C LEU B 55 30.95 4.65 13.63
N ALA B 56 30.77 4.44 12.32
CA ALA B 56 29.77 3.48 11.84
C ALA B 56 30.12 2.04 12.26
N MET B 57 31.34 1.58 12.00
CA MET B 57 31.62 0.19 12.33
C MET B 57 31.63 -0.02 13.84
N ASP B 58 32.08 0.99 14.59
CA ASP B 58 32.19 0.84 16.04
C ASP B 58 30.83 0.93 16.72
N ALA B 59 29.98 1.83 16.24
CA ALA B 59 28.63 1.94 16.83
C ALA B 59 27.78 0.70 16.55
N VAL B 60 27.89 0.15 15.34
CA VAL B 60 27.20 -1.10 15.00
C VAL B 60 27.76 -2.25 15.88
N GLN B 61 29.07 -2.28 16.08
CA GLN B 61 29.63 -3.35 16.92
C GLN B 61 29.16 -3.23 18.36
N GLN B 62 29.11 -2.00 18.85
CA GLN B 62 28.74 -1.75 20.22
C GLN B 62 27.30 -2.19 20.45
N ALA B 63 26.40 -1.80 19.53
CA ALA B 63 24.97 -2.20 19.59
C ALA B 63 24.79 -3.68 19.25
N ASN B 64 25.83 -4.30 18.70
CA ASN B 64 25.75 -5.63 18.08
C ASN B 64 24.59 -5.77 17.08
N SER B 65 24.36 -4.69 16.32
CA SER B 65 23.17 -4.55 15.53
C SER B 65 23.31 -3.32 14.67
N GLY B 66 22.85 -3.46 13.42
CA GLY B 66 22.78 -2.35 12.47
C GLY B 66 23.46 -2.64 11.16
N HIS B 67 23.67 -1.57 10.41
CA HIS B 67 24.02 -1.61 8.99
C HIS B 67 25.31 -0.82 8.76
N PRO B 68 26.47 -1.51 8.71
CA PRO B 68 27.75 -0.79 8.47
C PRO B 68 28.11 -0.60 6.97
N GLY B 69 27.46 -1.39 6.11
CA GLY B 69 27.81 -1.43 4.68
C GLY B 69 27.69 -0.11 3.95
N MET B 70 26.47 0.40 3.93
CA MET B 70 26.18 1.66 3.30
C MET B 70 27.03 2.82 3.86
N PRO B 71 27.09 3.00 5.20
CA PRO B 71 27.84 4.17 5.66
C PRO B 71 29.31 4.15 5.28
N MET B 72 29.90 2.97 5.34
CA MET B 72 31.26 2.81 4.84
C MET B 72 31.37 3.07 3.32
N GLY B 73 30.38 2.62 2.55
CA GLY B 73 30.42 2.80 1.11
C GLY B 73 30.17 4.25 0.69
N MET B 74 29.37 4.97 1.48
CA MET B 74 28.99 6.33 1.16
C MET B 74 29.88 7.40 1.86
N ALA B 75 30.90 6.99 2.62
CA ALA B 75 31.73 7.98 3.38
C ALA B 75 32.29 9.18 2.54
N GLU B 76 32.77 8.92 1.31
CA GLU B 76 33.29 10.02 0.48
C GLU B 76 32.17 10.91 -0.03
N ILE B 77 31.03 10.29 -0.32
CA ILE B 77 29.88 11.04 -0.85
C ILE B 77 29.41 11.99 0.25
N GLY B 78 29.41 11.49 1.48
CA GLY B 78 29.14 12.33 2.65
C GLY B 78 30.09 13.51 2.76
N VAL B 79 31.39 13.25 2.61
CA VAL B 79 32.38 14.34 2.58
C VAL B 79 32.08 15.41 1.48
N ALA B 80 31.93 14.96 0.23
CA ALA B 80 31.68 15.88 -0.87
C ALA B 80 30.44 16.73 -0.65
N LEU B 81 29.36 16.13 -0.15
CA LEU B 81 28.13 16.91 -0.04
C LEU B 81 28.14 17.79 1.18
N TRP B 82 28.36 17.15 2.32
CA TRP B 82 28.22 17.82 3.59
C TRP B 82 29.29 18.83 3.80
N SER B 83 30.49 18.51 3.36
CA SER B 83 31.62 19.36 3.67
C SER B 83 31.82 20.49 2.66
N ARG B 84 31.39 20.31 1.40
CA ARG B 84 31.71 21.25 0.33
C ARG B 84 30.53 21.94 -0.33
N HIS B 85 29.31 21.43 -0.15
CA HIS B 85 28.11 22.05 -0.74
C HIS B 85 26.96 22.33 0.17
N LEU B 86 26.76 21.52 1.20
CA LEU B 86 25.56 21.64 2.01
C LEU B 86 25.52 22.98 2.75
N LYS B 87 24.41 23.72 2.58
CA LYS B 87 24.20 24.98 3.30
C LYS B 87 23.29 24.71 4.49
N HIS B 88 23.80 24.93 5.71
CA HIS B 88 23.08 24.50 6.93
C HIS B 88 23.77 25.09 8.10
N ASN B 89 23.04 25.26 9.20
CA ASN B 89 23.62 25.78 10.44
C ASN B 89 23.45 24.78 11.57
N PRO B 90 24.52 24.02 11.94
CA PRO B 90 24.35 22.99 12.99
C PRO B 90 23.69 23.53 14.29
N THR B 91 23.86 24.83 14.52
CA THR B 91 23.40 25.50 15.73
C THR B 91 21.90 25.80 15.68
N ASN B 92 21.35 25.96 14.48
CA ASN B 92 19.90 26.09 14.35
C ASN B 92 19.37 25.21 13.23
N PRO B 93 19.03 23.95 13.56
CA PRO B 93 18.39 23.04 12.63
C PRO B 93 17.06 23.55 12.04
N HIS B 94 16.48 24.61 12.59
CA HIS B 94 15.16 25.09 12.11
C HIS B 94 15.26 26.32 11.27
N TRP B 95 16.49 26.69 10.89
CA TRP B 95 16.69 27.84 10.00
C TRP B 95 15.89 27.66 8.72
N ALA B 96 14.98 28.60 8.41
CA ALA B 96 14.02 28.45 7.31
C ALA B 96 14.66 28.21 5.95
N ASP B 97 15.80 28.84 5.69
CA ASP B 97 16.40 28.79 4.35
C ASP B 97 17.51 27.76 4.20
N ARG B 98 17.67 26.89 5.18
CA ARG B 98 18.64 25.79 5.07
C ARG B 98 18.32 24.87 3.89
N ASP B 99 19.37 24.29 3.31
CA ASP B 99 19.21 23.14 2.44
C ASP B 99 18.57 22.01 3.24
N ARG B 100 17.80 21.17 2.55
CA ARG B 100 17.18 20.02 3.18
C ARG B 100 17.89 18.77 2.71
N PHE B 101 18.25 17.91 3.68
CA PHE B 101 18.89 16.65 3.37
C PHE B 101 18.00 15.49 3.80
N VAL B 102 17.85 14.48 2.94
CA VAL B 102 17.04 13.31 3.27
C VAL B 102 17.84 12.02 3.04
N LEU B 103 17.86 11.16 4.05
CA LEU B 103 18.50 9.88 3.94
C LEU B 103 17.47 8.81 3.61
N SER B 104 17.23 8.57 2.33
CA SER B 104 16.21 7.64 1.87
C SER B 104 16.57 6.18 2.14
N ASN B 105 17.84 5.84 1.94
CA ASN B 105 18.37 4.55 2.37
C ASN B 105 18.62 4.58 3.88
N GLY B 106 17.53 4.65 4.64
CA GLY B 106 17.55 4.96 6.06
C GLY B 106 18.25 3.96 6.96
N HIS B 107 18.43 2.73 6.51
CA HIS B 107 19.19 1.73 7.30
C HIS B 107 20.62 2.17 7.55
N GLY B 108 21.19 2.97 6.64
CA GLY B 108 22.55 3.49 6.85
C GLY B 108 22.58 4.67 7.83
N SER B 109 21.84 4.55 8.93
CA SER B 109 21.65 5.66 9.84
C SER B 109 22.94 6.16 10.49
N MET B 110 23.92 5.28 10.66
CA MET B 110 25.17 5.74 11.28
C MET B 110 25.91 6.78 10.41
N LEU B 111 25.66 6.76 9.10
CA LEU B 111 26.21 7.78 8.23
C LEU B 111 25.70 9.14 8.67
N LEU B 112 24.37 9.27 8.80
CA LEU B 112 23.78 10.54 9.16
C LEU B 112 24.17 10.97 10.57
N TYR B 113 24.08 10.04 11.54
CA TYR B 113 24.51 10.34 12.93
C TYR B 113 25.96 10.81 13.00
N SER B 114 26.83 10.21 12.19
CA SER B 114 28.22 10.63 12.07
C SER B 114 28.34 12.07 11.54
N LEU B 115 27.68 12.35 10.43
CA LEU B 115 27.72 13.66 9.82
C LEU B 115 27.21 14.72 10.78
N LEU B 116 26.05 14.46 11.37
CA LEU B 116 25.45 15.35 12.34
C LEU B 116 26.42 15.61 13.49
N HIS B 117 27.12 14.57 13.93
CA HIS B 117 28.02 14.68 15.06
C HIS B 117 29.30 15.37 14.70
N LEU B 118 29.87 15.01 13.56
CA LEU B 118 31.13 15.61 13.17
C LEU B 118 31.00 17.11 12.85
N THR B 119 29.86 17.54 12.30
CA THR B 119 29.77 18.90 11.78
C THR B 119 29.26 19.84 12.85
N GLY B 120 28.96 19.29 14.03
CA GLY B 120 28.73 20.09 15.26
C GLY B 120 27.28 20.27 15.73
N TYR B 121 26.37 19.41 15.25
CA TYR B 121 24.99 19.42 15.75
C TYR B 121 25.00 18.95 17.19
N ASP B 122 23.89 19.15 17.88
CA ASP B 122 23.81 18.76 19.26
C ASP B 122 23.47 17.26 19.36
N LEU B 123 24.47 16.44 19.04
CA LEU B 123 24.38 14.99 19.08
C LEU B 123 25.74 14.49 19.58
N PRO B 124 25.90 14.42 20.92
CA PRO B 124 27.18 14.11 21.58
C PRO B 124 27.64 12.68 21.30
N ILE B 125 28.93 12.42 21.48
CA ILE B 125 29.47 11.09 21.27
C ILE B 125 28.72 10.03 22.10
N GLU B 126 28.27 10.39 23.30
CA GLU B 126 27.54 9.46 24.21
C GLU B 126 26.31 8.83 23.50
N GLU B 127 25.64 9.63 22.66
CA GLU B 127 24.48 9.20 21.93
C GLU B 127 24.83 8.17 20.84
N LEU B 128 25.92 8.42 20.12
CA LEU B 128 26.47 7.43 19.17
C LEU B 128 26.83 6.12 19.87
N LYS B 129 27.37 6.19 21.11
CA LYS B 129 27.67 4.99 21.93
C LYS B 129 26.39 4.19 22.19
N ASN B 130 25.25 4.88 22.25
CA ASN B 130 23.96 4.29 22.55
C ASN B 130 23.07 4.06 21.33
N PHE B 131 23.70 3.93 20.17
CA PHE B 131 23.05 3.49 18.95
C PHE B 131 22.10 2.32 19.26
N ARG B 132 20.87 2.45 18.81
CA ARG B 132 19.90 1.34 18.91
C ARG B 132 19.46 0.94 20.33
N GLN B 133 19.70 1.80 21.32
CA GLN B 133 19.25 1.55 22.71
C GLN B 133 18.06 2.41 23.11
N LEU B 134 17.26 1.91 24.03
CA LEU B 134 16.01 2.56 24.46
C LEU B 134 16.24 4.03 24.83
N HIS B 135 15.45 4.93 24.24
CA HIS B 135 15.52 6.37 24.54
C HIS B 135 16.73 7.11 24.06
N SER B 136 17.58 6.47 23.26
CA SER B 136 18.74 7.16 22.71
C SER B 136 18.28 8.07 21.58
N LYS B 137 19.12 9.03 21.24
CA LYS B 137 18.81 9.94 20.15
C LYS B 137 19.36 9.38 18.83
N THR B 138 19.70 8.08 18.87
CA THR B 138 20.29 7.38 17.73
C THR B 138 19.57 6.06 17.46
N PRO B 139 18.26 6.12 17.16
CA PRO B 139 17.50 4.89 16.84
C PRO B 139 18.01 4.26 15.55
N GLY B 140 17.71 2.96 15.37
CA GLY B 140 18.24 2.21 14.24
C GLY B 140 17.98 2.79 12.86
N HIS B 141 16.82 3.41 12.67
CA HIS B 141 16.50 4.25 11.50
C HIS B 141 16.20 5.64 11.99
N PRO B 142 16.58 6.68 11.21
CA PRO B 142 16.45 8.04 11.74
C PRO B 142 14.99 8.46 11.95
N GLU B 143 14.73 9.21 13.01
CA GLU B 143 13.38 9.60 13.35
C GLU B 143 13.28 11.12 13.51
N TYR B 144 12.45 11.72 12.66
CA TYR B 144 12.10 13.11 12.79
C TYR B 144 11.54 13.41 14.19
N GLY B 145 11.99 14.53 14.77
CA GLY B 145 11.55 14.94 16.10
C GLY B 145 12.43 14.38 17.21
N ILE B 146 13.11 13.26 16.96
CA ILE B 146 13.91 12.62 18.00
C ILE B 146 15.36 13.14 17.99
N THR B 147 15.88 13.52 16.83
CA THR B 147 17.27 13.88 16.68
C THR B 147 17.42 15.20 15.94
N PRO B 148 18.30 16.10 16.42
CA PRO B 148 18.40 17.35 15.69
C PRO B 148 19.01 17.11 14.33
N GLY B 149 18.46 17.77 13.32
CA GLY B 149 18.97 17.68 11.96
C GLY B 149 18.41 16.53 11.16
N VAL B 150 17.55 15.71 11.79
CA VAL B 150 16.84 14.65 11.04
C VAL B 150 15.52 15.20 10.49
N GLU B 151 15.45 15.29 9.16
CA GLU B 151 14.40 16.05 8.50
C GLU B 151 13.09 15.27 8.34
N THR B 152 13.19 13.95 8.32
CA THR B 152 12.04 13.08 8.10
C THR B 152 12.39 11.72 8.65
N THR B 153 11.39 10.87 8.82
CA THR B 153 11.65 9.55 9.37
C THR B 153 11.76 8.57 8.22
N THR B 154 12.88 7.86 8.14
CA THR B 154 13.07 6.88 7.09
C THR B 154 13.33 5.48 7.66
N GLY B 155 13.66 4.53 6.79
CA GLY B 155 13.48 3.12 7.16
C GLY B 155 12.61 2.39 6.15
N PRO B 156 11.39 2.89 5.88
CA PRO B 156 10.61 2.32 4.77
C PRO B 156 11.16 2.85 3.45
N LEU B 157 11.72 1.95 2.64
CA LEU B 157 12.46 2.32 1.46
C LEU B 157 11.60 3.10 0.49
N GLY B 158 12.21 4.05 -0.21
CA GLY B 158 11.51 4.79 -1.23
C GLY B 158 10.80 6.05 -0.74
N GLN B 159 10.32 6.03 0.50
CA GLN B 159 9.53 7.15 1.01
C GLN B 159 10.36 8.42 1.23
N GLY B 160 11.63 8.27 1.63
CA GLY B 160 12.52 9.42 1.80
C GLY B 160 12.61 10.21 0.50
N LEU B 161 12.79 9.48 -0.59
CA LEU B 161 12.88 10.07 -1.93
C LEU B 161 11.60 10.87 -2.24
N ALA B 162 10.45 10.29 -1.95
CA ALA B 162 9.20 11.00 -2.16
C ALA B 162 9.05 12.20 -1.22
N ASN B 163 9.51 12.08 0.03
CA ASN B 163 9.48 13.21 0.91
C ASN B 163 10.31 14.35 0.28
N ALA B 164 11.46 14.01 -0.30
CA ALA B 164 12.39 15.05 -0.81
C ALA B 164 11.76 15.77 -2.01
N VAL B 165 11.02 15.02 -2.84
CA VAL B 165 10.24 15.61 -3.93
C VAL B 165 9.25 16.65 -3.37
N GLY B 166 8.58 16.30 -2.26
CA GLY B 166 7.70 17.24 -1.57
C GLY B 166 8.43 18.44 -1.03
N MET B 167 9.59 18.23 -0.44
CA MET B 167 10.38 19.36 0.10
C MET B 167 10.82 20.34 -1.01
N ALA B 168 11.26 19.79 -2.13
CA ALA B 168 11.72 20.59 -3.24
C ALA B 168 10.51 21.36 -3.87
N LEU B 169 9.38 20.69 -4.01
CA LEU B 169 8.15 21.37 -4.43
C LEU B 169 7.75 22.49 -3.46
N GLY B 170 7.92 22.27 -2.14
CA GLY B 170 7.67 23.31 -1.13
C GLY B 170 8.56 24.55 -1.31
N GLU B 171 9.87 24.33 -1.40
CA GLU B 171 10.83 25.41 -1.67
C GLU B 171 10.47 26.17 -2.94
N ALA B 172 10.17 25.44 -4.02
CA ALA B 172 9.88 26.04 -5.32
C ALA B 172 8.62 26.88 -5.27
N LEU B 173 7.58 26.37 -4.61
CA LEU B 173 6.34 27.13 -4.55
C LEU B 173 6.53 28.38 -3.69
N LEU B 174 7.26 28.22 -2.60
CA LEU B 174 7.37 29.28 -1.65
C LEU B 174 8.19 30.42 -2.24
N ALA B 175 9.21 30.07 -3.01
CA ALA B 175 10.07 31.02 -3.71
C ALA B 175 9.24 31.83 -4.72
N ALA B 176 8.45 31.13 -5.53
CA ALA B 176 7.64 31.78 -6.54
C ALA B 176 6.62 32.72 -5.86
N GLU B 177 6.18 32.33 -4.69
CA GLU B 177 5.20 33.12 -3.97
C GLU B 177 5.82 34.31 -3.20
N PHE B 178 6.92 34.09 -2.48
CA PHE B 178 7.46 35.13 -1.59
C PHE B 178 8.55 35.99 -2.16
N ASN B 179 9.33 35.47 -3.10
CA ASN B 179 10.49 36.23 -3.56
C ASN B 179 10.06 37.43 -4.35
N ARG B 180 10.87 38.49 -4.29
CA ARG B 180 10.65 39.73 -5.08
C ARG B 180 11.94 40.12 -5.80
N ASP B 181 11.78 40.81 -6.93
CA ASP B 181 12.91 41.25 -7.78
C ASP B 181 14.00 42.01 -7.03
N ASP B 182 13.63 42.78 -6.01
CA ASP B 182 14.62 43.51 -5.20
C ASP B 182 14.91 42.89 -3.82
N ALA B 183 14.35 41.70 -3.57
CA ALA B 183 14.53 41.02 -2.27
C ALA B 183 14.17 39.52 -2.31
N LYS B 184 15.19 38.67 -2.25
CA LYS B 184 15.02 37.22 -2.27
C LYS B 184 15.14 36.69 -0.83
N ILE B 185 14.18 35.87 -0.40
CA ILE B 185 14.27 35.21 0.92
C ILE B 185 14.22 33.66 0.88
N VAL B 186 13.87 33.09 -0.27
CA VAL B 186 13.75 31.65 -0.41
C VAL B 186 14.70 31.14 -1.50
N ASP B 187 15.70 30.36 -1.09
CA ASP B 187 16.63 29.79 -2.05
C ASP B 187 17.45 28.69 -1.42
N HIS B 188 17.01 27.45 -1.61
CA HIS B 188 17.75 26.28 -1.07
C HIS B 188 17.51 25.04 -1.86
N HIS B 189 18.47 24.10 -1.76
CA HIS B 189 18.43 22.85 -2.49
C HIS B 189 17.91 21.71 -1.64
N THR B 190 17.52 20.63 -2.30
CA THR B 190 17.03 19.43 -1.60
C THR B 190 17.86 18.25 -2.06
N TYR B 191 18.67 17.74 -1.14
CA TYR B 191 19.56 16.59 -1.39
C TYR B 191 18.94 15.32 -0.83
N VAL B 192 19.01 14.26 -1.61
CA VAL B 192 18.54 12.95 -1.15
C VAL B 192 19.58 11.85 -1.44
N PHE B 193 19.98 11.14 -0.38
CA PHE B 193 20.80 9.93 -0.53
C PHE B 193 19.85 8.74 -0.70
N LEU B 194 20.15 7.86 -1.65
CA LEU B 194 19.30 6.70 -1.91
C LEU B 194 20.11 5.54 -2.48
N GLY B 195 19.57 4.32 -2.41
CA GLY B 195 20.24 3.17 -2.99
C GLY B 195 19.36 2.30 -3.90
N ASP B 196 19.75 1.03 -4.08
CA ASP B 196 19.04 0.13 -4.98
C ASP B 196 17.62 -0.13 -4.49
N GLY B 197 17.42 -0.26 -3.17
CA GLY B 197 16.10 -0.54 -2.62
C GLY B 197 15.06 0.51 -3.00
N CYS B 198 15.40 1.77 -2.74
CA CYS B 198 14.57 2.91 -3.10
C CYS B 198 14.27 2.94 -4.60
N LEU B 199 15.26 2.65 -5.44
CA LEU B 199 15.04 2.65 -6.89
C LEU B 199 14.19 1.49 -7.40
N MET B 200 14.18 0.37 -6.68
CA MET B 200 13.31 -0.75 -7.04
C MET B 200 11.84 -0.46 -6.67
N GLU B 201 11.65 0.25 -5.57
CA GLU B 201 10.32 0.50 -5.03
C GLU B 201 9.54 1.37 -6.03
N GLY B 202 8.28 1.00 -6.25
CA GLY B 202 7.41 1.68 -7.18
C GLY B 202 7.21 3.15 -6.82
N ILE B 203 7.30 3.47 -5.53
CA ILE B 203 7.16 4.85 -5.13
C ILE B 203 8.22 5.77 -5.79
N SER B 204 9.38 5.22 -6.12
CA SER B 204 10.44 6.03 -6.77
C SER B 204 10.00 6.51 -8.18
N HIS B 205 9.28 5.63 -8.90
CA HIS B 205 8.68 5.96 -10.18
C HIS B 205 7.67 7.09 -10.08
N GLU B 206 6.74 6.97 -9.11
CA GLU B 206 5.76 7.99 -8.82
C GLU B 206 6.42 9.33 -8.51
N ALA B 207 7.33 9.34 -7.53
CA ALA B 207 7.98 10.56 -7.10
C ALA B 207 8.83 11.21 -8.19
N CYS B 208 9.59 10.40 -8.92
CA CYS B 208 10.58 10.98 -9.83
C CYS B 208 9.95 11.35 -11.15
N SER B 209 8.90 10.63 -11.53
CA SER B 209 8.16 10.97 -12.71
C SER B 209 7.47 12.33 -12.52
N LEU B 210 6.81 12.52 -11.37
CA LEU B 210 6.20 13.80 -11.04
C LEU B 210 7.26 14.91 -10.92
N ALA B 211 8.39 14.61 -10.28
CA ALA B 211 9.39 15.63 -10.07
C ALA B 211 10.00 16.10 -11.40
N GLY B 212 10.11 15.17 -12.34
CA GLY B 212 10.60 15.47 -13.67
C GLY B 212 9.65 16.35 -14.49
N THR B 213 8.37 16.01 -14.49
CA THR B 213 7.35 16.82 -15.18
C THR B 213 7.26 18.23 -14.59
N LEU B 214 7.40 18.33 -13.27
CA LEU B 214 7.35 19.63 -12.63
C LEU B 214 8.67 20.41 -12.69
N LYS B 215 9.71 19.82 -13.29
CA LYS B 215 10.98 20.51 -13.52
C LYS B 215 11.60 21.06 -12.25
N LEU B 216 11.64 20.23 -11.20
CA LEU B 216 12.18 20.62 -9.91
C LEU B 216 13.70 20.52 -9.88
N ASN B 217 14.36 21.50 -10.48
CA ASN B 217 15.79 21.41 -10.81
C ASN B 217 16.73 21.60 -9.63
N LYS B 218 16.17 22.05 -8.49
CA LYS B 218 16.96 22.16 -7.26
C LYS B 218 17.00 20.84 -6.42
N LEU B 219 16.26 19.82 -6.86
CA LEU B 219 16.35 18.48 -6.24
C LEU B 219 17.53 17.69 -6.83
N ILE B 220 18.41 17.24 -5.92
CA ILE B 220 19.63 16.55 -6.31
C ILE B 220 19.76 15.25 -5.55
N ALA B 221 19.74 14.15 -6.30
CA ALA B 221 19.68 12.80 -5.76
C ALA B 221 21.01 12.13 -6.01
N LEU B 222 21.59 11.57 -4.95
CA LEU B 222 22.86 10.89 -5.07
C LEU B 222 22.66 9.42 -4.80
N TYR B 223 22.94 8.63 -5.83
CA TYR B 223 22.62 7.22 -5.82
C TYR B 223 23.83 6.40 -5.45
N ASP B 224 23.71 5.69 -4.32
CA ASP B 224 24.73 4.75 -3.87
C ASP B 224 24.69 3.47 -4.73
N ASP B 225 25.38 3.54 -5.85
CA ASP B 225 25.33 2.53 -6.89
C ASP B 225 26.40 1.45 -6.62
N ASN B 226 26.03 0.43 -5.84
CA ASN B 226 27.04 -0.51 -5.34
C ASN B 226 26.83 -1.94 -5.81
N GLY B 227 25.84 -2.16 -6.68
CA GLY B 227 25.59 -3.49 -7.30
C GLY B 227 25.05 -4.61 -6.39
N ILE B 228 24.73 -4.27 -5.12
CA ILE B 228 24.34 -5.22 -4.08
C ILE B 228 23.02 -4.86 -3.39
N SER B 229 22.14 -5.83 -3.15
CA SER B 229 21.04 -5.65 -2.20
C SER B 229 21.08 -6.86 -1.26
N ILE B 230 20.06 -7.06 -0.45
CA ILE B 230 20.12 -8.06 0.60
C ILE B 230 20.29 -9.48 0.07
N ASP B 231 19.58 -9.83 -1.02
CA ASP B 231 19.70 -11.23 -1.56
C ASP B 231 21.02 -11.45 -2.33
N GLY B 232 21.79 -10.36 -2.54
CA GLY B 232 23.07 -10.48 -3.25
C GLY B 232 23.24 -9.53 -4.43
N ASP B 233 23.76 -10.07 -5.53
CA ASP B 233 24.01 -9.29 -6.75
C ASP B 233 22.70 -8.80 -7.41
N VAL B 234 22.48 -7.48 -7.38
CA VAL B 234 21.16 -6.91 -7.79
C VAL B 234 20.83 -7.16 -9.26
N VAL B 235 21.87 -7.34 -10.04
CA VAL B 235 21.73 -7.53 -11.46
C VAL B 235 20.82 -8.73 -11.80
N ASN B 236 20.72 -9.71 -10.87
CA ASN B 236 19.84 -10.86 -11.12
C ASN B 236 18.33 -10.57 -10.95
N TRP B 237 17.98 -9.41 -10.40
CA TRP B 237 16.57 -9.06 -10.22
C TRP B 237 16.28 -7.63 -10.57
N PHE B 238 17.33 -6.89 -10.90
CA PHE B 238 17.24 -5.44 -11.10
C PHE B 238 18.31 -4.98 -12.08
N HIS B 239 18.05 -5.14 -13.38
CA HIS B 239 19.05 -4.86 -14.41
C HIS B 239 18.72 -3.59 -15.18
N ASP B 240 17.95 -2.67 -14.58
CA ASP B 240 17.56 -1.41 -15.21
C ASP B 240 18.78 -0.61 -15.64
N ASP B 241 18.70 0.03 -16.80
CA ASP B 241 19.62 1.09 -17.12
C ASP B 241 19.00 2.35 -16.47
N THR B 242 19.45 2.62 -15.26
CA THR B 242 18.86 3.63 -14.40
C THR B 242 19.03 5.04 -14.98
N PRO B 243 20.21 5.36 -15.53
CA PRO B 243 20.33 6.68 -16.20
C PRO B 243 19.29 6.90 -17.29
N LYS B 244 19.11 5.89 -18.15
CA LYS B 244 18.13 5.98 -19.21
C LYS B 244 16.72 6.16 -18.64
N ARG B 245 16.41 5.46 -17.53
CA ARG B 245 15.10 5.56 -16.88
C ARG B 245 14.86 7.02 -16.43
N PHE B 246 15.88 7.60 -15.81
CA PHE B 246 15.76 8.94 -15.27
C PHE B 246 15.70 10.03 -16.30
N GLU B 247 16.40 9.81 -17.43
CA GLU B 247 16.32 10.76 -18.54
C GLU B 247 14.93 10.73 -19.11
N ALA B 248 14.35 9.54 -19.19
CA ALA B 248 12.96 9.39 -19.61
C ALA B 248 11.97 10.18 -18.72
N TYR B 249 12.30 10.38 -17.43
CA TYR B 249 11.49 11.20 -16.54
C TYR B 249 11.67 12.71 -16.74
N GLY B 250 12.71 13.11 -17.47
CA GLY B 250 13.02 14.52 -17.64
C GLY B 250 14.08 14.98 -16.66
N TRP B 251 14.91 14.05 -16.17
CA TRP B 251 15.97 14.36 -15.19
C TRP B 251 17.30 14.51 -15.88
N ASN B 252 18.19 15.28 -15.27
CA ASN B 252 19.59 15.35 -15.72
C ASN B 252 20.36 14.23 -15.00
N VAL B 253 21.16 13.43 -15.73
CA VAL B 253 21.85 12.31 -15.09
C VAL B 253 23.36 12.41 -15.23
N ILE B 254 24.05 12.35 -14.10
CA ILE B 254 25.49 12.29 -14.14
C ILE B 254 25.88 10.83 -13.82
N PRO B 255 26.05 10.01 -14.87
CA PRO B 255 26.33 8.58 -14.77
C PRO B 255 27.75 8.28 -14.33
N ASN B 256 27.98 7.06 -13.86
CA ASN B 256 29.34 6.56 -13.71
C ASN B 256 30.37 7.45 -12.97
N VAL B 257 29.98 8.12 -11.91
CA VAL B 257 30.92 8.88 -11.08
C VAL B 257 31.65 7.91 -10.11
N ASN B 258 32.93 8.17 -9.86
CA ASN B 258 33.70 7.41 -8.89
C ASN B 258 33.29 7.82 -7.49
N GLY B 259 32.56 6.91 -6.82
CA GLY B 259 31.94 7.19 -5.51
C GLY B 259 32.90 7.25 -4.32
N HIS B 260 34.18 6.92 -4.57
CA HIS B 260 35.29 7.09 -3.59
C HIS B 260 36.27 8.17 -3.95
N ASP B 261 35.87 9.06 -4.85
CA ASP B 261 36.72 10.17 -5.24
C ASP B 261 35.96 11.46 -4.91
N VAL B 262 36.33 12.08 -3.77
CA VAL B 262 35.66 13.26 -3.25
C VAL B 262 35.60 14.37 -4.30
N ASP B 263 36.74 14.71 -4.91
CA ASP B 263 36.79 15.77 -5.94
C ASP B 263 35.77 15.52 -7.08
N ALA B 264 35.67 14.27 -7.54
CA ALA B 264 34.76 13.93 -8.63
C ALA B 264 33.30 14.06 -8.21
N ILE B 265 32.98 13.65 -6.98
CA ILE B 265 31.61 13.77 -6.51
C ILE B 265 31.25 15.25 -6.35
N ASP B 266 32.17 15.98 -5.76
CA ASP B 266 32.09 17.45 -5.61
C ASP B 266 31.85 18.10 -6.97
N ALA B 267 32.67 17.78 -7.95
CA ALA B 267 32.46 18.34 -9.29
C ALA B 267 31.04 18.01 -9.83
N ALA B 268 30.56 16.78 -9.61
CA ALA B 268 29.21 16.40 -10.07
C ALA B 268 28.11 17.18 -9.37
N ILE B 269 28.26 17.38 -8.05
CA ILE B 269 27.27 18.18 -7.32
C ILE B 269 27.23 19.59 -7.89
N ALA B 270 28.40 20.17 -8.18
CA ALA B 270 28.47 21.53 -8.75
C ALA B 270 27.76 21.57 -10.10
N LYS B 271 27.98 20.54 -10.91
CA LYS B 271 27.37 20.50 -12.23
C LYS B 271 25.84 20.43 -12.06
N ALA B 272 25.39 19.60 -11.12
CA ALA B 272 23.97 19.47 -10.81
C ALA B 272 23.33 20.80 -10.37
N LYS B 273 24.04 21.59 -9.57
CA LYS B 273 23.51 22.88 -9.16
C LYS B 273 23.37 23.82 -10.35
N ARG B 274 24.04 23.51 -11.47
CA ARG B 274 23.92 24.29 -12.72
C ARG B 274 22.81 23.76 -13.65
N SER B 275 22.15 22.68 -13.23
CA SER B 275 21.22 21.96 -14.11
C SER B 275 19.83 22.59 -14.27
N ASP B 276 19.30 22.44 -15.48
CA ASP B 276 17.91 22.75 -15.84
C ASP B 276 16.84 21.82 -15.23
N LYS B 277 17.27 20.65 -14.79
CA LYS B 277 16.38 19.56 -14.41
C LYS B 277 16.86 18.98 -13.10
N PRO B 278 15.98 18.27 -12.37
CA PRO B 278 16.43 17.48 -11.23
C PRO B 278 17.55 16.55 -11.65
N SER B 279 18.50 16.31 -10.76
CA SER B 279 19.68 15.54 -11.12
C SER B 279 19.84 14.27 -10.31
N LEU B 280 20.24 13.22 -11.01
CA LEU B 280 20.60 11.98 -10.38
C LEU B 280 22.08 11.81 -10.63
N ILE B 281 22.84 11.76 -9.55
CA ILE B 281 24.27 11.49 -9.61
C ILE B 281 24.54 10.04 -9.22
N CYS B 282 25.04 9.27 -10.19
CA CYS B 282 25.19 7.83 -10.01
C CYS B 282 26.58 7.56 -9.49
N CYS B 283 26.68 7.34 -8.18
CA CYS B 283 27.98 7.17 -7.55
C CYS B 283 28.36 5.70 -7.41
N LYS B 284 29.39 5.27 -8.16
CA LYS B 284 29.84 3.89 -8.12
C LYS B 284 30.61 3.67 -6.85
N THR B 285 30.14 2.76 -6.00
CA THR B 285 30.78 2.51 -4.73
C THR B 285 30.92 1.02 -4.46
N ARG B 286 31.73 0.72 -3.45
CA ARG B 286 31.80 -0.62 -2.92
C ARG B 286 31.15 -0.64 -1.54
N ILE B 287 30.10 -1.47 -1.36
CA ILE B 287 29.43 -1.60 -0.07
C ILE B 287 30.50 -2.03 0.97
N GLY B 288 30.48 -1.42 2.15
CA GLY B 288 31.50 -1.75 3.13
C GLY B 288 32.91 -1.27 2.75
N ASN B 289 33.01 -0.32 1.83
CA ASN B 289 34.33 0.13 1.37
C ASN B 289 35.24 0.53 2.52
N GLY B 290 36.49 0.10 2.41
CA GLY B 290 37.43 0.35 3.46
C GLY B 290 37.61 -0.85 4.37
N ALA B 291 36.65 -1.77 4.41
CA ALA B 291 36.81 -2.93 5.29
C ALA B 291 38.02 -3.78 4.83
N ALA B 292 38.75 -4.36 5.77
CA ALA B 292 39.98 -5.07 5.43
C ALA B 292 39.78 -6.24 4.46
N THR B 293 38.72 -7.02 4.66
CA THR B 293 38.51 -8.25 3.91
C THR B 293 37.08 -8.39 3.39
N LYS B 294 36.13 -7.60 3.87
CA LYS B 294 34.71 -7.91 3.61
C LYS B 294 34.01 -6.94 2.70
N ALA B 295 34.76 -5.93 2.22
CA ALA B 295 34.21 -4.92 1.36
C ALA B 295 33.69 -5.59 0.12
N GLY B 296 32.53 -5.16 -0.35
CA GLY B 296 31.92 -5.75 -1.52
C GLY B 296 31.30 -7.10 -1.28
N GLY B 297 31.32 -7.57 -0.03
CA GLY B 297 30.70 -8.87 0.34
C GLY B 297 29.17 -8.81 0.48
N HIS B 298 28.54 -9.98 0.62
CA HIS B 298 27.08 -10.06 0.79
C HIS B 298 26.68 -10.10 2.25
N ASP B 299 27.65 -9.80 3.13
CA ASP B 299 27.43 -9.90 4.59
CA ASP B 299 27.50 -9.92 4.59
C ASP B 299 27.53 -8.57 5.32
N VAL B 300 27.87 -7.49 4.62
CA VAL B 300 28.09 -6.19 5.28
C VAL B 300 26.90 -5.25 5.30
N HIS B 301 25.84 -5.58 4.56
CA HIS B 301 24.64 -4.76 4.53
C HIS B 301 24.07 -4.49 5.91
N GLY B 302 23.85 -5.57 6.66
CA GLY B 302 22.93 -5.55 7.79
C GLY B 302 23.37 -6.31 9.02
N ALA B 303 24.67 -6.55 9.16
CA ALA B 303 25.27 -7.28 10.31
C ALA B 303 26.58 -6.58 10.75
N PRO B 304 26.89 -6.60 12.05
CA PRO B 304 28.19 -6.09 12.51
C PRO B 304 29.34 -6.72 11.76
N LEU B 305 30.41 -5.97 11.54
CA LEU B 305 31.62 -6.55 10.96
C LEU B 305 32.27 -7.65 11.81
N GLY B 306 32.11 -7.59 13.13
CA GLY B 306 32.92 -8.42 14.01
C GLY B 306 34.21 -7.73 14.41
N ALA B 307 34.67 -8.03 15.63
CA ALA B 307 35.83 -7.40 16.22
C ALA B 307 37.10 -7.62 15.38
N ASP B 308 37.27 -8.86 14.90
CA ASP B 308 38.46 -9.25 14.13
C ASP B 308 38.59 -8.32 12.92
N GLU B 309 37.54 -8.32 12.10
CA GLU B 309 37.45 -7.50 10.92
C GLU B 309 37.70 -6.02 11.21
N ILE B 310 37.08 -5.52 12.27
CA ILE B 310 37.30 -4.13 12.70
C ILE B 310 38.80 -3.80 13.00
N ALA B 311 39.46 -4.63 13.81
CA ALA B 311 40.86 -4.40 14.13
C ALA B 311 41.69 -4.34 12.82
N LYS B 312 41.47 -5.32 11.94
CA LYS B 312 42.16 -5.34 10.67
C LYS B 312 41.84 -4.12 9.83
N THR B 313 40.58 -3.64 9.93
CA THR B 313 40.17 -2.45 9.17
C THR B 313 40.86 -1.19 9.70
N ARG B 314 40.99 -1.08 11.02
CA ARG B 314 41.80 -0.03 11.65
C ARG B 314 43.20 0.03 11.07
N GLU B 315 43.84 -1.13 11.01
CA GLU B 315 45.15 -1.29 10.38
C GLU B 315 45.16 -0.91 8.86
N ALA B 316 44.32 -1.54 8.04
CA ALA B 316 44.32 -1.21 6.62
C ALA B 316 44.00 0.28 6.32
N LEU B 317 43.18 0.92 7.18
CA LEU B 317 42.88 2.36 7.03
C LEU B 317 43.95 3.27 7.64
N GLY B 318 44.77 2.72 8.53
CA GLY B 318 45.68 3.55 9.33
C GLY B 318 44.91 4.39 10.33
N TRP B 319 43.73 3.92 10.73
CA TRP B 319 42.95 4.59 11.77
C TRP B 319 43.38 4.08 13.12
N THR B 320 44.17 4.90 13.80
CA THR B 320 44.87 4.52 15.03
C THR B 320 44.05 4.75 16.30
N TRP B 321 42.94 5.50 16.21
CA TRP B 321 42.23 5.88 17.43
C TRP B 321 41.21 4.85 17.89
N ALA B 322 41.05 4.75 19.20
CA ALA B 322 40.16 3.76 19.83
C ALA B 322 38.66 4.06 19.51
N PRO B 323 37.74 3.10 19.73
CA PRO B 323 36.34 3.36 19.35
C PRO B 323 35.77 4.65 19.95
N PHE B 324 35.04 5.42 19.13
CA PHE B 324 34.41 6.68 19.61
C PHE B 324 35.36 7.85 19.93
N VAL B 325 36.66 7.65 19.71
CA VAL B 325 37.64 8.71 19.87
C VAL B 325 37.89 9.33 18.51
N ILE B 326 37.61 10.62 18.39
CA ILE B 326 37.89 11.37 17.17
C ILE B 326 38.92 12.44 17.56
N PRO B 327 40.06 12.50 16.85
CA PRO B 327 41.09 13.53 17.13
C PRO B 327 40.62 14.93 16.74
N GLN B 328 41.13 15.96 17.42
CA GLN B 328 40.68 17.35 17.27
C GLN B 328 40.82 17.82 15.82
N GLU B 329 41.84 17.39 15.08
CA GLU B 329 41.99 17.86 13.70
C GLU B 329 40.86 17.42 12.78
N VAL B 330 40.30 16.24 13.03
CA VAL B 330 39.14 15.77 12.27
C VAL B 330 37.89 16.59 12.64
N TYR B 331 37.75 16.93 13.91
CA TYR B 331 36.68 17.84 14.34
C TYR B 331 36.79 19.22 13.67
N ALA B 332 38.03 19.75 13.65
CA ALA B 332 38.32 21.04 13.01
C ALA B 332 38.02 21.02 11.52
N ALA B 333 38.36 19.92 10.84
CA ALA B 333 38.02 19.82 9.41
C ALA B 333 36.50 19.72 9.13
N TRP B 334 35.73 19.14 10.05
CA TRP B 334 34.34 18.79 9.75
C TRP B 334 33.40 19.84 10.20
N ASP B 335 33.80 20.58 11.23
CA ASP B 335 32.85 21.38 11.99
C ASP B 335 32.30 22.53 11.17
N ALA B 336 31.00 22.76 11.29
CA ALA B 336 30.35 23.74 10.41
C ALA B 336 29.69 24.86 11.18
N LYS B 337 29.96 24.95 12.49
CA LYS B 337 29.34 25.96 13.34
C LYS B 337 29.58 27.39 12.82
N GLU B 338 30.80 27.68 12.39
CA GLU B 338 31.19 29.04 12.00
C GLU B 338 30.65 29.42 10.64
N ALA B 339 30.91 28.58 9.65
CA ALA B 339 30.28 28.76 8.35
C ALA B 339 28.74 28.78 8.45
N GLY B 340 28.16 27.96 9.32
CA GLY B 340 26.72 27.95 9.49
C GLY B 340 26.18 29.25 10.08
N LYS B 341 26.92 29.79 11.04
CA LYS B 341 26.54 31.06 11.64
C LYS B 341 26.66 32.22 10.63
N ARG B 342 27.73 32.27 9.85
CA ARG B 342 27.83 33.32 8.83
C ARG B 342 26.67 33.21 7.82
N SER B 343 26.33 31.99 7.41
CA SER B 343 25.28 31.77 6.43
C SER B 343 23.90 32.26 6.94
N GLU B 344 23.53 31.86 8.15
CA GLU B 344 22.24 32.22 8.67
C GLU B 344 22.21 33.73 8.99
N ASP B 345 23.31 34.26 9.50
CA ASP B 345 23.47 35.73 9.69
C ASP B 345 23.23 36.52 8.39
N ASP B 346 23.82 36.06 7.29
CA ASP B 346 23.58 36.70 5.98
C ASP B 346 22.10 36.62 5.59
N TRP B 347 21.47 35.47 5.83
CA TRP B 347 20.07 35.30 5.50
C TRP B 347 19.20 36.14 6.40
N ASN B 348 19.54 36.19 7.68
CA ASN B 348 18.79 37.01 8.64
C ASN B 348 18.74 38.51 8.28
N ALA B 349 19.88 39.01 7.78
CA ALA B 349 20.02 40.36 7.22
C ALA B 349 19.18 40.52 5.95
N ALA B 350 19.28 39.55 5.02
CA ALA B 350 18.45 39.64 3.81
C ALA B 350 16.96 39.61 4.17
N PHE B 351 16.60 38.84 5.18
CA PHE B 351 15.22 38.84 5.63
C PHE B 351 14.78 40.17 6.25
N ALA B 352 15.69 40.84 6.94
CA ALA B 352 15.40 42.14 7.54
C ALA B 352 15.24 43.19 6.41
N GLN B 353 16.12 43.12 5.39
CA GLN B 353 15.98 43.96 4.19
C GLN B 353 14.63 43.68 3.50
N TYR B 354 14.15 42.43 3.56
CA TYR B 354 12.85 42.08 2.97
C TYR B 354 11.68 42.66 3.75
N ARG B 355 11.78 42.61 5.08
CA ARG B 355 10.73 43.12 5.95
C ARG B 355 10.55 44.63 5.84
N ALA B 356 11.65 45.36 5.68
CA ALA B 356 11.60 46.83 5.51
C ALA B 356 10.79 47.21 4.26
N LYS B 357 10.92 46.42 3.19
CA LYS B 357 10.16 46.62 1.96
C LYS B 357 8.79 45.92 1.92
N TYR B 358 8.69 44.74 2.53
CA TYR B 358 7.43 43.96 2.46
C TYR B 358 7.01 43.49 3.84
N PRO B 359 6.53 44.43 4.68
CA PRO B 359 6.26 44.12 6.10
C PRO B 359 5.23 43.05 6.27
N ALA B 360 4.17 43.15 5.47
CA ALA B 360 3.02 42.29 5.59
C ALA B 360 3.36 40.88 5.11
N GLU B 361 4.07 40.79 3.98
CA GLU B 361 4.49 39.53 3.42
C GLU B 361 5.50 38.86 4.33
N ALA B 362 6.41 39.65 4.93
CA ALA B 362 7.38 39.11 5.87
C ALA B 362 6.74 38.49 7.11
N ALA B 363 5.73 39.15 7.68
CA ALA B 363 4.99 38.59 8.82
C ALA B 363 4.28 37.29 8.42
N GLU B 364 3.71 37.26 7.23
CA GLU B 364 3.11 36.05 6.68
C GLU B 364 4.12 34.91 6.52
N PHE B 365 5.30 35.22 6.00
CA PHE B 365 6.36 34.22 5.90
C PHE B 365 6.69 33.59 7.27
N GLU B 366 6.90 34.42 8.29
CA GLU B 366 7.23 33.91 9.62
C GLU B 366 6.11 33.08 10.23
N ARG B 367 4.89 33.61 10.19
CA ARG B 367 3.68 32.85 10.57
C ARG B 367 3.66 31.46 9.93
N ARG B 368 3.79 31.40 8.61
CA ARG B 368 3.59 30.13 7.90
C ARG B 368 4.75 29.15 8.05
N MET B 369 5.99 29.64 8.02
CA MET B 369 7.14 28.77 8.28
C MET B 369 7.04 28.13 9.69
N ALA B 370 6.46 28.87 10.63
CA ALA B 370 6.33 28.35 11.97
C ALA B 370 5.09 27.44 12.11
N GLY B 371 4.25 27.37 11.08
CA GLY B 371 3.04 26.54 11.09
C GLY B 371 1.96 27.08 12.03
N THR B 372 2.00 28.38 12.29
CA THR B 372 1.02 29.05 13.12
C THR B 372 -0.20 29.44 12.29
N LEU B 373 -1.38 29.22 12.86
CA LEU B 373 -2.65 29.64 12.26
C LEU B 373 -2.84 31.15 12.30
N PRO B 374 -3.73 31.69 11.44
CA PRO B 374 -4.00 33.13 11.47
C PRO B 374 -4.58 33.59 12.79
N ALA B 375 -4.54 34.90 12.99
CA ALA B 375 -4.90 35.57 14.24
C ALA B 375 -6.33 35.35 14.78
N ASP B 376 -7.36 35.59 13.99
CA ASP B 376 -8.69 35.45 14.60
C ASP B 376 -9.22 34.03 14.27
N TRP B 377 -8.35 33.02 14.42
CA TRP B 377 -8.59 31.67 13.90
C TRP B 377 -9.82 31.01 14.47
N ALA B 378 -9.96 31.06 15.79
CA ALA B 378 -11.13 30.49 16.45
C ALA B 378 -12.43 31.05 15.85
N ALA B 379 -12.47 32.35 15.60
CA ALA B 379 -13.69 32.97 15.06
C ALA B 379 -13.89 32.64 13.57
N LYS B 380 -12.81 32.56 12.82
CA LYS B 380 -12.95 32.23 11.40
C LYS B 380 -13.44 30.78 11.19
N ALA B 381 -12.91 29.86 12.00
CA ALA B 381 -13.37 28.48 11.97
C ALA B 381 -14.82 28.38 12.45
N ALA B 382 -15.19 29.15 13.48
CA ALA B 382 -16.57 29.21 13.95
C ALA B 382 -17.53 29.67 12.85
N ALA B 383 -17.11 30.66 12.07
CA ALA B 383 -17.94 31.18 10.98
C ALA B 383 -18.15 30.12 9.91
N ILE B 384 -17.09 29.38 9.56
CA ILE B 384 -17.25 28.30 8.56
C ILE B 384 -18.27 27.23 9.00
N VAL B 385 -18.16 26.75 10.24
CA VAL B 385 -19.19 25.86 10.81
C VAL B 385 -20.60 26.52 10.77
N ALA B 386 -20.70 27.76 11.26
CA ALA B 386 -22.00 28.43 11.36
C ALA B 386 -22.66 28.55 9.99
N GLY B 387 -21.84 28.82 8.97
CA GLY B 387 -22.33 28.86 7.58
C GLY B 387 -22.96 27.55 7.11
N ALA B 388 -22.28 26.44 7.37
CA ALA B 388 -22.83 25.11 7.02
C ALA B 388 -24.16 24.87 7.73
N ASN B 389 -24.17 25.19 9.03
CA ASN B 389 -25.39 25.12 9.84
C ASN B 389 -26.56 25.99 9.33
N GLU B 390 -26.24 27.22 8.91
CA GLU B 390 -27.24 28.14 8.37
C GLU B 390 -27.83 27.61 7.08
N ARG B 391 -26.99 27.09 6.18
CA ARG B 391 -27.48 26.59 4.89
C ARG B 391 -28.41 25.36 4.97
N GLY B 392 -28.16 24.49 5.94
CA GLY B 392 -28.98 23.29 6.13
C GLY B 392 -29.18 22.43 4.88
N GLU B 393 -28.15 22.31 4.04
CA GLU B 393 -28.27 21.54 2.80
C GLU B 393 -28.04 20.04 2.93
N THR B 394 -28.75 19.31 2.08
CA THR B 394 -28.57 17.90 1.92
C THR B 394 -27.76 17.71 0.64
N VAL B 395 -26.49 17.38 0.81
CA VAL B 395 -25.57 17.15 -0.27
C VAL B 395 -24.68 15.96 0.14
N ALA B 396 -23.89 15.45 -0.81
CA ALA B 396 -22.86 14.47 -0.46
C ALA B 396 -21.80 15.13 0.44
N THR B 397 -21.17 14.38 1.36
CA THR B 397 -20.07 14.99 2.10
C THR B 397 -18.83 15.34 1.25
N ARG B 398 -18.67 14.75 0.07
CA ARG B 398 -17.63 15.25 -0.85
C ARG B 398 -17.92 16.71 -1.26
N LYS B 399 -19.20 17.08 -1.42
CA LYS B 399 -19.58 18.45 -1.81
C LYS B 399 -19.46 19.38 -0.58
N ALA B 400 -19.91 18.87 0.56
CA ALA B 400 -19.71 19.53 1.85
C ALA B 400 -18.24 19.89 2.02
N SER B 401 -17.38 18.91 1.72
CA SER B 401 -15.94 19.08 1.86
C SER B 401 -15.48 20.23 0.98
N GLN B 402 -15.94 20.24 -0.27
CA GLN B 402 -15.56 21.30 -1.18
C GLN B 402 -16.05 22.63 -0.68
N GLN B 403 -17.27 22.66 -0.17
CA GLN B 403 -17.83 23.88 0.40
C GLN B 403 -16.98 24.38 1.56
N THR B 404 -16.53 23.48 2.41
CA THR B 404 -15.65 23.87 3.50
C THR B 404 -14.26 24.36 3.06
N ILE B 405 -13.71 23.72 2.01
CA ILE B 405 -12.44 24.10 1.40
C ILE B 405 -12.53 25.54 0.87
N GLU B 406 -13.63 25.90 0.21
CA GLU B 406 -13.88 27.28 -0.24
C GLU B 406 -13.65 28.25 0.90
N GLY B 407 -14.27 27.98 2.04
CA GLY B 407 -14.20 28.82 3.22
C GLY B 407 -12.82 28.80 3.85
N LEU B 408 -12.20 27.63 3.90
CA LEU B 408 -10.86 27.54 4.48
C LEU B 408 -9.83 28.31 3.66
N ALA B 409 -9.99 28.27 2.34
CA ALA B 409 -9.04 28.88 1.41
C ALA B 409 -9.04 30.41 1.56
N ALA B 410 -10.22 30.96 1.82
CA ALA B 410 -10.38 32.41 1.97
C ALA B 410 -9.65 32.93 3.22
N VAL B 411 -9.34 32.06 4.17
CA VAL B 411 -8.68 32.50 5.40
C VAL B 411 -7.29 31.88 5.61
N LEU B 412 -6.90 30.94 4.74
CA LEU B 412 -5.59 30.30 4.80
C LEU B 412 -4.89 30.43 3.46
N PRO B 413 -4.11 31.51 3.25
CA PRO B 413 -3.44 31.58 1.97
C PRO B 413 -2.43 30.45 1.82
N GLU B 414 -2.08 29.82 2.94
CA GLU B 414 -1.17 28.67 2.94
C GLU B 414 -1.80 27.33 2.48
N LEU B 415 -3.11 27.31 2.22
CA LEU B 415 -3.79 26.06 1.91
C LEU B 415 -3.31 25.50 0.57
N LEU B 416 -2.95 24.21 0.59
CA LEU B 416 -2.37 23.59 -0.58
C LEU B 416 -3.05 22.26 -0.87
N GLY B 417 -4.01 22.26 -1.79
CA GLY B 417 -4.79 21.07 -2.07
C GLY B 417 -4.23 20.27 -3.23
N GLY B 418 -4.87 19.15 -3.51
CA GLY B 418 -4.54 18.35 -4.65
C GLY B 418 -5.31 17.05 -4.64
N SER B 419 -5.18 16.33 -5.75
CA SER B 419 -5.84 15.05 -5.88
C SER B 419 -5.01 14.11 -6.78
N ALA B 420 -5.11 12.81 -6.50
CA ALA B 420 -4.41 11.81 -7.31
C ALA B 420 -5.26 11.45 -8.54
N ASP B 421 -5.29 12.40 -9.48
CA ASP B 421 -6.11 12.34 -10.68
C ASP B 421 -7.59 12.15 -10.44
N LEU B 422 -8.11 12.71 -9.35
CA LEU B 422 -9.56 12.64 -9.09
C LEU B 422 -10.15 13.98 -8.63
N THR B 423 -9.63 15.06 -9.20
CA THR B 423 -9.96 16.40 -8.74
C THR B 423 -11.48 16.64 -8.75
N GLY B 424 -12.12 16.35 -9.90
CA GLY B 424 -13.53 16.61 -10.09
C GLY B 424 -14.38 15.53 -9.47
N SER B 425 -13.76 14.53 -8.86
CA SER B 425 -14.51 13.44 -8.28
C SER B 425 -14.40 13.47 -6.76
N ASN B 426 -13.19 13.74 -6.24
CA ASN B 426 -12.97 14.07 -4.83
C ASN B 426 -13.48 15.47 -4.45
N LEU B 427 -13.48 16.41 -5.42
CA LEU B 427 -13.83 17.82 -5.17
C LEU B 427 -12.83 18.53 -4.23
N THR B 428 -11.56 18.46 -4.61
CA THR B 428 -10.49 19.02 -3.83
C THR B 428 -10.10 20.46 -4.25
N ASN B 429 -10.49 20.90 -5.46
CA ASN B 429 -10.18 22.28 -5.85
C ASN B 429 -11.32 23.27 -5.50
N TRP B 430 -11.02 24.57 -5.51
CA TRP B 430 -12.03 25.59 -5.25
C TRP B 430 -12.01 26.62 -6.32
N LYS B 431 -13.07 27.42 -6.42
CA LYS B 431 -13.26 28.38 -7.53
C LYS B 431 -12.04 29.30 -7.70
N ALA B 432 -11.50 29.82 -6.60
CA ALA B 432 -10.37 30.74 -6.69
C ALA B 432 -8.99 30.06 -6.83
N SER B 433 -8.95 28.72 -6.75
CA SER B 433 -7.66 28.02 -6.79
C SER B 433 -7.00 28.11 -8.16
N LYS B 434 -5.69 27.91 -8.19
CA LYS B 434 -4.90 27.99 -9.38
C LYS B 434 -4.04 26.76 -9.43
N ALA B 435 -4.02 26.09 -10.57
CA ALA B 435 -3.27 24.84 -10.77
C ALA B 435 -1.75 25.07 -10.80
N VAL B 436 -1.02 24.29 -10.01
CA VAL B 436 0.43 24.29 -10.09
C VAL B 436 0.82 23.69 -11.46
N ARG B 437 1.73 24.37 -12.17
CA ARG B 437 2.21 23.93 -13.48
C ARG B 437 3.69 24.23 -13.60
N ALA B 438 4.43 23.33 -14.25
CA ALA B 438 5.81 23.65 -14.62
C ALA B 438 5.84 24.97 -15.42
N ASN B 439 6.92 25.74 -15.33
CA ASN B 439 7.15 26.81 -16.31
C ASN B 439 7.24 26.23 -17.72
N ALA B 440 6.64 26.93 -18.68
CA ALA B 440 6.70 26.50 -20.09
C ALA B 440 8.10 26.45 -20.67
N ASP B 441 8.97 27.38 -20.27
CA ASP B 441 10.23 27.62 -21.00
C ASP B 441 11.52 27.42 -20.21
N GLY B 442 11.48 27.65 -18.91
CA GLY B 442 12.62 27.32 -18.06
C GLY B 442 12.26 26.31 -16.98
N PRO B 443 13.19 26.08 -16.05
CA PRO B 443 13.01 25.16 -14.93
C PRO B 443 11.99 25.66 -13.93
N GLY B 444 11.52 24.77 -13.07
CA GLY B 444 10.71 25.19 -11.94
C GLY B 444 9.25 25.30 -12.28
N VAL B 445 8.46 25.79 -11.30
CA VAL B 445 7.01 25.86 -11.43
C VAL B 445 6.50 27.30 -11.38
N GLN B 446 5.37 27.56 -12.05
CA GLN B 446 4.56 28.73 -11.72
C GLN B 446 3.85 28.40 -10.41
N TRP B 447 3.69 29.40 -9.55
CA TRP B 447 2.92 29.23 -8.34
C TRP B 447 1.50 28.78 -8.57
N GLY B 448 0.98 27.99 -7.62
CA GLY B 448 -0.43 27.56 -7.58
C GLY B 448 -0.74 26.93 -6.23
N ASN B 449 -2.02 26.72 -5.93
CA ASN B 449 -2.39 26.12 -4.67
C ASN B 449 -3.26 24.85 -4.76
N HIS B 450 -3.35 24.28 -5.95
CA HIS B 450 -3.91 22.92 -6.12
C HIS B 450 -3.04 22.14 -7.08
N ILE B 451 -2.69 20.93 -6.67
CA ILE B 451 -1.74 20.08 -7.40
C ILE B 451 -2.48 18.88 -7.98
N ASN B 452 -2.29 18.66 -9.29
CA ASN B 452 -2.68 17.42 -9.95
C ASN B 452 -1.52 16.44 -9.84
N TYR B 453 -1.71 15.46 -8.96
CA TYR B 453 -0.66 14.53 -8.62
C TYR B 453 -0.55 13.37 -9.62
N GLY B 454 -1.54 13.22 -10.50
CA GLY B 454 -1.66 12.03 -11.33
C GLY B 454 -2.04 10.82 -10.48
N VAL B 455 -2.00 9.63 -11.08
CA VAL B 455 -2.48 8.41 -10.44
C VAL B 455 -1.34 7.83 -9.60
N ARG B 456 -1.12 8.48 -8.45
CA ARG B 456 0.08 8.25 -7.64
C ARG B 456 -0.27 8.48 -6.17
N GLU B 457 -1.14 7.63 -5.63
CA GLU B 457 -1.60 7.78 -4.24
C GLU B 457 -0.46 7.81 -3.21
N PHE B 458 0.47 6.87 -3.38
CA PHE B 458 1.58 6.67 -2.48
C PHE B 458 2.61 7.80 -2.63
N GLY B 459 3.04 8.09 -3.85
CA GLY B 459 3.95 9.23 -4.05
C GLY B 459 3.33 10.55 -3.62
N MET B 460 2.06 10.75 -3.90
CA MET B 460 1.36 11.95 -3.42
C MET B 460 1.46 12.04 -1.90
N SER B 461 1.19 10.95 -1.21
CA SER B 461 1.03 10.99 0.24
C SER B 461 2.35 11.25 0.95
N ALA B 462 3.41 10.64 0.42
CA ALA B 462 4.74 10.81 0.98
C ALA B 462 5.28 12.18 0.60
N ALA B 463 4.96 12.67 -0.61
CA ALA B 463 5.24 14.08 -1.00
C ALA B 463 4.53 15.08 -0.07
N ILE B 464 3.27 14.79 0.29
CA ILE B 464 2.53 15.64 1.25
C ILE B 464 3.26 15.69 2.61
N ASN B 465 3.72 14.54 3.09
CA ASN B 465 4.55 14.54 4.30
C ASN B 465 5.74 15.51 4.17
N GLY B 466 6.45 15.45 3.04
CA GLY B 466 7.54 16.35 2.76
C GLY B 466 7.13 17.82 2.79
N LEU B 467 5.99 18.14 2.17
CA LEU B 467 5.50 19.50 2.13
C LEU B 467 5.22 19.99 3.55
N VAL B 468 4.68 19.11 4.39
CA VAL B 468 4.33 19.46 5.75
C VAL B 468 5.61 19.70 6.53
N LEU B 469 6.59 18.83 6.34
CA LEU B 469 7.85 18.97 7.07
C LEU B 469 8.62 20.21 6.62
N HIS B 470 8.47 20.60 5.36
CA HIS B 470 9.23 21.71 4.86
C HIS B 470 8.87 23.03 5.54
N GLY B 471 7.60 23.19 5.91
CA GLY B 471 7.08 24.49 6.37
C GLY B 471 6.56 25.34 5.21
N GLY B 472 5.56 26.15 5.51
CA GLY B 472 5.07 27.18 4.61
C GLY B 472 3.67 26.93 4.10
N TYR B 473 3.22 25.68 4.10
CA TYR B 473 1.92 25.34 3.53
C TYR B 473 1.12 24.47 4.45
N LYS B 474 -0.20 24.46 4.27
CA LYS B 474 -1.07 23.49 4.94
C LYS B 474 -1.60 22.52 3.83
N PRO B 475 -0.85 21.44 3.56
CA PRO B 475 -1.23 20.63 2.38
C PRO B 475 -2.24 19.52 2.68
N PHE B 476 -2.98 19.12 1.63
CA PHE B 476 -3.85 17.94 1.70
C PHE B 476 -3.97 17.30 0.33
N GLY B 477 -4.35 16.02 0.28
CA GLY B 477 -4.49 15.33 -0.98
C GLY B 477 -5.60 14.31 -0.88
N GLY B 478 -6.35 14.15 -1.98
CA GLY B 478 -7.45 13.21 -2.05
C GLY B 478 -7.26 12.07 -3.05
N THR B 479 -8.00 10.99 -2.79
CA THR B 479 -8.16 9.86 -3.70
C THR B 479 -9.40 9.14 -3.14
N PHE B 480 -9.77 8.00 -3.73
CA PHE B 480 -10.86 7.19 -3.21
C PHE B 480 -10.39 6.45 -1.95
N LEU B 481 -11.31 6.18 -1.03
CA LEU B 481 -10.94 5.56 0.24
C LEU B 481 -10.21 4.22 0.12
N THR B 482 -10.72 3.34 -0.72
CA THR B 482 -10.11 2.02 -0.87
C THR B 482 -8.64 2.14 -1.30
N PHE B 483 -8.32 3.17 -2.08
CA PHE B 483 -6.95 3.29 -2.55
C PHE B 483 -6.01 3.87 -1.50
N SER B 484 -6.53 4.17 -0.30
CA SER B 484 -5.65 4.34 0.89
C SER B 484 -4.75 3.11 1.05
N ASP B 485 -5.20 1.96 0.55
CA ASP B 485 -4.34 0.75 0.49
C ASP B 485 -3.05 0.97 -0.28
N TYR B 486 -3.11 1.77 -1.34
CA TYR B 486 -1.90 2.06 -2.11
C TYR B 486 -0.95 2.94 -1.31
N SER B 487 -1.49 3.92 -0.59
CA SER B 487 -0.67 4.92 0.10
C SER B 487 -0.43 4.64 1.56
N ARG B 488 -0.96 3.52 2.04
CA ARG B 488 -1.03 3.20 3.45
C ARG B 488 0.19 3.52 4.31
N ASN B 489 1.37 3.09 3.88
CA ASN B 489 2.53 3.27 4.76
C ASN B 489 2.92 4.74 4.92
N ALA B 490 2.59 5.58 3.94
CA ALA B 490 2.84 7.01 4.10
C ALA B 490 1.89 7.63 5.16
N LEU B 491 0.67 7.13 5.23
CA LEU B 491 -0.27 7.59 6.24
C LEU B 491 0.31 7.22 7.60
N ARG B 492 0.87 6.01 7.68
CA ARG B 492 1.47 5.49 8.90
C ARG B 492 2.66 6.33 9.36
N VAL B 493 3.53 6.70 8.41
CA VAL B 493 4.71 7.49 8.73
C VAL B 493 4.33 8.92 9.18
N ALA B 494 3.31 9.51 8.56
CA ALA B 494 2.78 10.79 9.05
C ALA B 494 2.35 10.65 10.52
N ALA B 495 1.71 9.53 10.86
CA ALA B 495 1.28 9.29 12.22
C ALA B 495 2.49 9.08 13.18
N LEU B 496 3.52 8.37 12.71
CA LEU B 496 4.72 8.17 13.51
C LEU B 496 5.49 9.47 13.76
N MET B 497 5.57 10.33 12.74
CA MET B 497 6.30 11.59 12.84
C MET B 497 5.50 12.63 13.63
N LYS B 498 4.21 12.34 13.83
CA LYS B 498 3.22 13.26 14.39
C LYS B 498 3.19 14.63 13.70
N VAL B 499 3.06 14.62 12.38
CA VAL B 499 2.95 15.87 11.62
C VAL B 499 1.55 15.94 11.02
N PRO B 500 0.99 17.17 10.89
CA PRO B 500 -0.46 17.22 10.55
C PRO B 500 -0.81 17.13 9.05
N SER B 501 -0.30 16.12 8.36
CA SER B 501 -0.76 15.80 6.99
C SER B 501 -2.26 15.59 6.95
N ILE B 502 -2.91 16.08 5.91
CA ILE B 502 -4.33 15.82 5.75
C ILE B 502 -4.64 14.96 4.53
N PHE B 503 -5.22 13.78 4.77
CA PHE B 503 -5.55 12.90 3.69
C PHE B 503 -7.04 12.83 3.48
N VAL B 504 -7.47 13.28 2.31
CA VAL B 504 -8.88 13.27 1.92
C VAL B 504 -9.21 11.97 1.19
N PHE B 505 -10.30 11.32 1.59
CA PHE B 505 -10.74 10.10 0.94
C PHE B 505 -12.24 10.23 0.67
N THR B 506 -12.69 10.03 -0.57
CA THR B 506 -14.11 10.06 -0.88
C THR B 506 -14.58 8.68 -1.30
N HIS B 507 -15.87 8.50 -1.59
CA HIS B 507 -16.36 7.21 -2.12
C HIS B 507 -16.18 6.07 -1.12
N ASP B 508 -16.79 6.24 0.05
CA ASP B 508 -16.34 5.59 1.28
C ASP B 508 -16.99 4.25 1.60
N SER B 509 -17.95 3.83 0.76
CA SER B 509 -18.70 2.60 1.08
C SER B 509 -19.43 2.05 -0.15
N ILE B 510 -20.26 1.04 0.05
CA ILE B 510 -21.20 0.60 -0.98
C ILE B 510 -22.05 1.74 -1.57
N GLY B 511 -22.21 2.85 -0.82
CA GLY B 511 -22.96 4.01 -1.30
C GLY B 511 -22.43 4.59 -2.59
N LEU B 512 -21.19 4.27 -2.97
CA LEU B 512 -20.63 4.71 -4.24
C LEU B 512 -21.31 4.03 -5.42
N GLY B 513 -21.86 2.83 -5.23
CA GLY B 513 -22.68 2.23 -6.27
C GLY B 513 -21.95 1.44 -7.35
N GLU B 514 -22.21 1.78 -8.61
CA GLU B 514 -22.00 0.88 -9.75
C GLU B 514 -20.54 0.45 -9.96
N ASP B 515 -19.59 1.25 -9.48
CA ASP B 515 -18.19 0.89 -9.68
C ASP B 515 -17.81 -0.45 -9.01
N GLY B 516 -18.57 -0.83 -7.97
CA GLY B 516 -18.48 -2.21 -7.46
C GLY B 516 -17.36 -2.52 -6.47
N PRO B 517 -17.17 -3.84 -6.13
CA PRO B 517 -16.37 -4.25 -4.97
C PRO B 517 -14.86 -3.92 -4.98
N THR B 518 -14.27 -3.66 -6.15
CA THR B 518 -12.86 -3.26 -6.17
C THR B 518 -12.69 -1.84 -5.68
N HIS B 519 -13.76 -1.03 -5.77
CA HIS B 519 -13.72 0.35 -5.33
C HIS B 519 -14.40 0.55 -3.99
N GLN B 520 -15.44 -0.25 -3.73
CA GLN B 520 -16.28 -0.12 -2.53
C GLN B 520 -15.53 -0.50 -1.26
N SER B 521 -15.30 0.51 -0.45
CA SER B 521 -14.56 0.30 0.76
C SER B 521 -15.43 -0.49 1.77
N VAL B 522 -14.79 -1.43 2.46
CA VAL B 522 -15.51 -2.19 3.47
C VAL B 522 -14.74 -2.18 4.82
N GLU B 523 -13.44 -2.38 4.74
CA GLU B 523 -12.60 -2.58 5.93
C GLU B 523 -11.75 -1.34 6.24
N HIS B 524 -11.81 -0.34 5.35
CA HIS B 524 -10.87 0.79 5.37
C HIS B 524 -11.00 1.73 6.54
N VAL B 525 -12.20 2.23 6.78
CA VAL B 525 -12.41 3.11 7.94
C VAL B 525 -11.81 2.50 9.22
N ALA B 526 -12.23 1.29 9.59
CA ALA B 526 -11.72 0.61 10.77
C ALA B 526 -10.24 0.38 10.70
N SER B 527 -9.73 0.01 9.53
CA SER B 527 -8.30 -0.23 9.39
C SER B 527 -7.45 1.03 9.58
N LEU B 528 -7.97 2.21 9.22
CA LEU B 528 -7.25 3.48 9.46
C LEU B 528 -7.33 3.91 10.95
N ARG B 529 -8.45 3.60 11.63
CA ARG B 529 -8.59 3.87 13.07
C ARG B 529 -7.54 3.11 13.89
N LEU B 530 -7.07 1.99 13.37
CA LEU B 530 -6.11 1.15 14.08
C LEU B 530 -4.68 1.76 14.08
N ILE B 531 -4.36 2.61 13.12
CA ILE B 531 -3.05 3.23 13.08
C ILE B 531 -2.97 4.24 14.24
N PRO B 532 -2.00 4.07 15.16
CA PRO B 532 -1.85 5.03 16.27
C PRO B 532 -1.59 6.45 15.77
N ASN B 533 -2.19 7.41 16.46
CA ASN B 533 -2.07 8.85 16.20
C ASN B 533 -2.77 9.36 14.93
N LEU B 534 -3.39 8.47 14.16
CA LEU B 534 -4.01 8.91 12.92
C LEU B 534 -5.49 9.16 13.21
N ASP B 535 -5.92 10.42 13.19
CA ASP B 535 -7.35 10.71 13.35
C ASP B 535 -8.15 10.36 12.11
N VAL B 536 -9.27 9.67 12.33
CA VAL B 536 -10.18 9.33 11.26
C VAL B 536 -11.54 10.01 11.47
N TRP B 537 -11.93 10.85 10.52
CA TRP B 537 -13.22 11.54 10.57
C TRP B 537 -14.12 11.04 9.48
N ARG B 538 -15.37 10.76 9.85
CA ARG B 538 -16.35 10.29 8.89
C ARG B 538 -17.68 11.05 9.10
N PRO B 539 -17.74 12.31 8.64
CA PRO B 539 -18.85 13.18 9.02
C PRO B 539 -20.21 12.80 8.40
N ALA B 540 -21.29 13.06 9.12
CA ALA B 540 -22.66 12.74 8.71
C ALA B 540 -23.31 13.77 7.74
N ASP B 541 -22.84 15.02 7.75
CA ASP B 541 -23.47 16.07 6.97
C ASP B 541 -22.52 17.31 6.81
N THR B 542 -23.05 18.44 6.32
CA THR B 542 -22.20 19.61 6.07
C THR B 542 -21.58 20.14 7.38
N VAL B 543 -22.36 20.06 8.46
CA VAL B 543 -21.91 20.54 9.75
C VAL B 543 -20.78 19.69 10.29
N GLU B 544 -20.98 18.38 10.38
CA GLU B 544 -19.86 17.54 10.81
C GLU B 544 -18.61 17.71 9.92
N THR B 545 -18.82 17.96 8.63
CA THR B 545 -17.73 18.14 7.68
C THR B 545 -16.93 19.36 8.03
N ALA B 546 -17.65 20.46 8.28
CA ALA B 546 -17.02 21.72 8.67
C ALA B 546 -16.19 21.55 9.95
N VAL B 547 -16.77 20.85 10.92
CA VAL B 547 -16.05 20.61 12.18
C VAL B 547 -14.81 19.72 11.94
N ALA B 548 -15.00 18.62 11.20
CA ALA B 548 -13.89 17.69 10.91
C ALA B 548 -12.75 18.44 10.24
N TRP B 549 -13.06 19.19 9.19
CA TRP B 549 -12.04 19.99 8.50
C TRP B 549 -11.36 21.00 9.38
N THR B 550 -12.14 21.81 10.12
CA THR B 550 -11.51 22.84 10.97
C THR B 550 -10.67 22.25 12.12
N TYR B 551 -11.12 21.13 12.70
CA TYR B 551 -10.34 20.43 13.70
C TYR B 551 -9.03 19.92 13.09
N ALA B 552 -9.11 19.34 11.89
CA ALA B 552 -7.94 18.76 11.25
C ALA B 552 -6.87 19.78 11.00
N VAL B 553 -7.30 20.97 10.60
CA VAL B 553 -6.38 22.06 10.21
C VAL B 553 -5.61 22.57 11.42
N ALA B 554 -6.26 22.55 12.59
CA ALA B 554 -5.63 23.06 13.83
C ALA B 554 -4.94 22.03 14.72
N HIS B 555 -5.04 20.74 14.39
CA HIS B 555 -4.55 19.55 15.17
CA HIS B 555 -4.40 19.81 15.30
C HIS B 555 -3.12 19.22 14.80
N GLN B 556 -2.37 18.68 15.74
CA GLN B 556 -0.97 18.38 15.50
C GLN B 556 -0.70 17.07 14.75
N HIS B 557 -1.65 16.13 14.85
CA HIS B 557 -1.50 14.81 14.27
C HIS B 557 -2.15 14.81 12.92
N PRO B 558 -1.81 13.82 12.07
CA PRO B 558 -2.42 13.71 10.74
C PRO B 558 -3.85 13.22 10.80
N SER B 559 -4.61 13.53 9.76
CA SER B 559 -6.03 13.22 9.74
C SER B 559 -6.43 12.61 8.43
N CYS B 560 -7.33 11.63 8.52
CA CYS B 560 -8.06 11.13 7.37
C CYS B 560 -9.47 11.68 7.38
N LEU B 561 -9.83 12.43 6.36
CA LEU B 561 -11.20 12.94 6.22
C LEU B 561 -11.93 12.11 5.17
N ILE B 562 -13.00 11.46 5.60
CA ILE B 562 -13.67 10.45 4.80
C ILE B 562 -15.08 10.87 4.37
N PHE B 563 -15.28 10.96 3.06
CA PHE B 563 -16.52 11.52 2.53
C PHE B 563 -17.28 10.60 1.59
N SER B 564 -18.58 10.86 1.48
CA SER B 564 -19.47 10.05 0.65
C SER B 564 -19.56 10.56 -0.78
N ARG B 565 -19.89 9.66 -1.69
CA ARG B 565 -20.26 10.04 -3.04
C ARG B 565 -21.71 10.52 -3.11
N GLN B 566 -22.60 9.85 -2.38
CA GLN B 566 -24.06 10.08 -2.43
C GLN B 566 -24.54 11.12 -1.40
N ASN B 567 -25.67 11.78 -1.69
CA ASN B 567 -26.24 12.79 -0.82
C ASN B 567 -26.56 12.25 0.58
N LEU B 568 -26.22 13.01 1.62
CA LEU B 568 -26.57 12.68 3.02
C LEU B 568 -27.41 13.77 3.69
N ALA B 569 -28.44 13.35 4.41
CA ALA B 569 -29.43 14.29 4.95
C ALA B 569 -28.83 15.24 6.00
N PHE B 570 -29.21 16.51 5.93
CA PHE B 570 -28.78 17.48 6.94
C PHE B 570 -29.44 17.20 8.30
N ASN B 571 -28.72 17.33 9.40
CA ASN B 571 -29.32 17.22 10.74
C ASN B 571 -29.34 18.57 11.51
N ALA B 572 -30.51 18.94 12.02
CA ALA B 572 -30.62 20.14 12.85
C ALA B 572 -29.93 19.86 14.19
N ARG B 573 -29.15 20.81 14.70
CA ARG B 573 -28.52 20.69 16.02
C ARG B 573 -28.84 21.90 16.93
N THR B 574 -28.97 21.66 18.23
CA THR B 574 -29.01 22.73 19.20
C THR B 574 -27.59 23.30 19.30
N ASP B 575 -27.46 24.46 19.92
CA ASP B 575 -26.15 25.04 20.03
C ASP B 575 -25.24 24.18 20.93
N ALA B 576 -25.80 23.52 21.92
CA ALA B 576 -24.99 22.67 22.78
C ALA B 576 -24.48 21.40 22.01
N GLN B 577 -25.37 20.79 21.23
CA GLN B 577 -24.98 19.71 20.29
C GLN B 577 -23.89 20.14 19.32
N LEU B 578 -24.06 21.34 18.75
CA LEU B 578 -23.07 21.96 17.90
C LEU B 578 -21.66 21.93 18.54
N ALA B 579 -21.59 22.35 19.79
CA ALA B 579 -20.34 22.50 20.54
C ALA B 579 -19.71 21.15 20.87
N ASN B 580 -20.50 20.07 20.85
CA ASN B 580 -19.94 18.74 21.09
C ASN B 580 -19.48 17.96 19.85
N VAL B 581 -19.75 18.46 18.64
CA VAL B 581 -19.27 17.80 17.42
C VAL B 581 -17.76 17.56 17.42
N GLU B 582 -16.99 18.55 17.84
CA GLU B 582 -15.54 18.42 17.96
C GLU B 582 -15.08 17.45 19.06
N LYS B 583 -16.00 16.94 19.87
CA LYS B 583 -15.62 15.91 20.83
C LYS B 583 -15.61 14.51 20.17
N GLY B 584 -15.87 14.45 18.86
CA GLY B 584 -15.75 13.20 18.10
C GLY B 584 -16.91 12.20 18.23
N GLY B 585 -17.52 12.14 19.40
CA GLY B 585 -18.80 11.44 19.55
C GLY B 585 -19.67 12.24 20.49
N TYR B 586 -20.97 12.33 20.20
CA TYR B 586 -21.86 13.21 20.95
C TYR B 586 -23.30 12.74 20.78
N VAL B 587 -24.21 13.27 21.61
CA VAL B 587 -25.60 12.88 21.57
C VAL B 587 -26.27 13.75 20.51
N LEU B 588 -26.68 13.14 19.40
CA LEU B 588 -27.39 13.90 18.36
C LEU B 588 -28.91 13.95 18.60
N ARG B 589 -29.41 12.89 19.20
CA ARG B 589 -30.81 12.83 19.56
C ARG B 589 -30.92 12.05 20.85
N ASP B 590 -31.42 12.73 21.88
CA ASP B 590 -31.46 12.23 23.24
C ASP B 590 -32.78 11.50 23.53
N TRP B 591 -32.81 10.70 24.59
CA TRP B 591 -34.09 10.18 25.08
C TRP B 591 -35.06 11.27 25.48
N ASP B 592 -36.32 11.03 25.12
CA ASP B 592 -37.50 11.79 25.49
C ASP B 592 -37.83 11.55 26.97
N GLU B 593 -37.60 12.58 27.81
CA GLU B 593 -37.90 12.51 29.26
C GLU B 593 -39.42 12.45 29.57
N ALA B 597 -40.54 3.65 28.05
CA ALA B 597 -40.14 2.62 27.09
C ALA B 597 -38.68 2.19 27.25
N ARG B 598 -38.36 1.00 26.73
CA ARG B 598 -37.03 0.42 26.96
C ARG B 598 -35.94 1.17 26.20
N LYS B 599 -34.87 1.50 26.89
CA LYS B 599 -33.78 2.31 26.35
C LYS B 599 -32.75 1.54 25.52
N ILE B 600 -32.38 2.12 24.39
CA ILE B 600 -31.19 1.71 23.64
C ILE B 600 -30.36 2.92 23.12
N ILE B 601 -29.08 2.68 22.89
CA ILE B 601 -28.27 3.65 22.18
C ILE B 601 -27.92 3.18 20.76
N LEU B 602 -28.19 4.01 19.76
CA LEU B 602 -27.76 3.74 18.41
C LEU B 602 -26.52 4.57 18.14
N ILE B 603 -25.39 3.92 17.91
CA ILE B 603 -24.17 4.61 17.54
C ILE B 603 -23.96 4.46 16.03
N ALA B 604 -23.86 5.60 15.37
CA ALA B 604 -23.84 5.63 13.93
C ALA B 604 -22.79 6.64 13.50
N THR B 605 -22.18 6.39 12.34
CA THR B 605 -21.24 7.37 11.74
C THR B 605 -21.60 7.65 10.30
N GLY B 606 -21.12 8.79 9.80
CA GLY B 606 -21.18 9.14 8.38
C GLY B 606 -22.57 8.96 7.81
N SER B 607 -22.64 8.41 6.60
CA SER B 607 -23.91 8.19 5.91
C SER B 607 -24.93 7.37 6.71
N GLU B 608 -24.47 6.61 7.71
CA GLU B 608 -25.42 5.78 8.48
C GLU B 608 -26.15 6.54 9.61
N VAL B 609 -25.71 7.77 9.89
CA VAL B 609 -26.41 8.56 10.88
C VAL B 609 -27.84 8.76 10.42
N GLU B 610 -28.03 8.87 9.11
CA GLU B 610 -29.36 9.06 8.56
C GLU B 610 -30.29 7.87 8.86
N LEU B 611 -29.76 6.65 8.69
CA LEU B 611 -30.53 5.44 8.96
C LEU B 611 -30.86 5.35 10.46
N ALA B 612 -29.92 5.72 11.33
CA ALA B 612 -30.16 5.74 12.75
C ALA B 612 -31.28 6.71 13.10
N MET B 613 -31.24 7.90 12.51
CA MET B 613 -32.24 8.93 12.79
C MET B 613 -33.61 8.51 12.26
N LYS B 614 -33.66 7.83 11.10
CA LYS B 614 -34.93 7.38 10.54
C LYS B 614 -35.52 6.22 11.36
N ALA B 615 -34.70 5.52 12.13
CA ALA B 615 -35.18 4.38 12.95
C ALA B 615 -35.84 4.77 14.29
N VAL B 616 -35.61 6.00 14.76
CA VAL B 616 -36.05 6.44 16.10
C VAL B 616 -37.56 6.30 16.30
N GLU B 617 -38.35 6.91 15.42
CA GLU B 617 -39.80 6.83 15.52
C GLU B 617 -40.34 5.38 15.35
N PRO B 618 -39.88 4.63 14.33
CA PRO B 618 -40.36 3.25 14.21
C PRO B 618 -39.99 2.36 15.43
N LEU B 619 -38.89 2.68 16.10
CA LEU B 619 -38.48 1.98 17.31
C LEU B 619 -39.38 2.36 18.47
N ALA B 620 -39.70 3.65 18.58
CA ALA B 620 -40.72 4.10 19.51
C ALA B 620 -42.04 3.33 19.33
N GLN B 621 -42.52 3.17 18.09
CA GLN B 621 -43.79 2.46 17.81
C GLN B 621 -43.73 0.98 18.26
N GLN B 622 -42.51 0.50 18.51
CA GLN B 622 -42.28 -0.85 18.95
C GLN B 622 -41.86 -0.88 20.43
N GLY B 623 -42.03 0.24 21.13
CA GLY B 623 -41.70 0.32 22.56
C GLY B 623 -40.23 0.41 22.93
N ILE B 624 -39.43 0.93 22.01
CA ILE B 624 -38.00 1.14 22.26
C ILE B 624 -37.63 2.63 22.18
N ALA B 625 -37.08 3.17 23.27
CA ALA B 625 -36.58 4.55 23.32
C ALA B 625 -35.11 4.67 22.85
N ALA B 626 -34.89 5.14 21.62
CA ALA B 626 -33.54 5.14 21.05
C ALA B 626 -32.82 6.45 21.26
N ARG B 627 -31.66 6.44 21.92
CA ARG B 627 -30.79 7.62 21.82
C ARG B 627 -29.92 7.44 20.57
N VAL B 628 -29.70 8.50 19.80
CA VAL B 628 -28.72 8.39 18.68
C VAL B 628 -27.44 9.13 19.01
N VAL B 629 -26.35 8.38 19.07
CA VAL B 629 -25.04 8.99 19.20
C VAL B 629 -24.38 9.02 17.82
N SER B 630 -24.05 10.22 17.34
CA SER B 630 -23.23 10.33 16.14
C SER B 630 -21.77 10.29 16.55
N MET B 631 -20.98 9.48 15.85
CA MET B 631 -19.57 9.40 16.18
C MET B 631 -18.66 9.70 15.01
N PRO B 632 -18.68 10.96 14.55
CA PRO B 632 -17.84 11.37 13.43
C PRO B 632 -16.34 11.02 13.61
N SER B 633 -15.82 11.03 14.83
CA SER B 633 -14.47 10.50 15.01
C SER B 633 -14.31 9.73 16.30
N SER B 634 -14.19 8.41 16.19
CA SER B 634 -14.03 7.60 17.38
C SER B 634 -12.69 7.88 18.02
N ASP B 635 -11.71 8.24 17.21
CA ASP B 635 -10.37 8.50 17.74
C ASP B 635 -10.41 9.69 18.68
N VAL B 636 -11.06 10.76 18.25
CA VAL B 636 -11.18 12.00 19.03
C VAL B 636 -12.05 11.71 20.26
N PHE B 637 -13.12 10.94 20.07
CA PHE B 637 -13.95 10.53 21.18
C PHE B 637 -13.18 9.81 22.30
N ASP B 638 -12.30 8.88 21.93
CA ASP B 638 -11.51 8.13 22.89
C ASP B 638 -10.64 9.00 23.76
N ARG B 639 -10.33 10.21 23.28
CA ARG B 639 -9.46 11.14 23.97
C ARG B 639 -10.21 12.03 24.97
N GLN B 640 -11.54 11.99 24.93
CA GLN B 640 -12.33 12.75 25.89
C GLN B 640 -12.20 12.14 27.30
N ASP B 641 -12.49 12.94 28.33
CA ASP B 641 -12.39 12.42 29.68
C ASP B 641 -13.52 11.47 30.02
N ALA B 642 -13.33 10.71 31.10
CA ALA B 642 -14.23 9.62 31.44
C ALA B 642 -15.65 10.10 31.72
N GLU B 643 -15.78 11.26 32.37
CA GLU B 643 -17.11 11.81 32.68
C GLU B 643 -17.93 12.04 31.39
N TYR B 644 -17.31 12.67 30.39
CA TYR B 644 -17.98 12.93 29.12
C TYR B 644 -18.38 11.63 28.37
N ARG B 645 -17.45 10.68 28.31
CA ARG B 645 -17.71 9.41 27.62
C ARG B 645 -18.86 8.65 28.26
N GLU B 646 -18.88 8.66 29.60
CA GLU B 646 -19.97 8.08 30.39
C GLU B 646 -21.29 8.81 30.14
N ARG B 647 -21.21 10.13 29.95
CA ARG B 647 -22.38 10.95 29.62
C ARG B 647 -22.99 10.53 28.28
N VAL B 648 -22.14 10.27 27.30
CA VAL B 648 -22.58 9.93 25.95
C VAL B 648 -23.02 8.47 25.87
N LEU B 649 -22.22 7.59 26.45
CA LEU B 649 -22.48 6.16 26.50
C LEU B 649 -22.54 5.66 27.95
N PRO B 650 -23.66 5.91 28.67
CA PRO B 650 -23.75 5.46 30.07
C PRO B 650 -23.64 3.94 30.23
N HIS B 651 -22.84 3.51 31.20
CA HIS B 651 -22.74 2.08 31.56
C HIS B 651 -24.11 1.50 31.78
N GLY B 652 -24.35 0.30 31.24
CA GLY B 652 -25.62 -0.39 31.46
C GLY B 652 -26.74 -0.15 30.44
N VAL B 653 -26.60 0.83 29.57
CA VAL B 653 -27.50 0.91 28.43
C VAL B 653 -26.83 0.23 27.23
N ARG B 654 -27.53 -0.76 26.70
CA ARG B 654 -27.03 -1.55 25.59
C ARG B 654 -27.07 -0.74 24.31
N ARG B 655 -26.28 -1.18 23.33
CA ARG B 655 -25.95 -0.36 22.19
C ARG B 655 -26.00 -1.18 20.92
N VAL B 656 -26.47 -0.55 19.84
CA VAL B 656 -26.30 -1.06 18.49
C VAL B 656 -25.51 -0.01 17.70
N ALA B 657 -24.41 -0.46 17.09
CA ALA B 657 -23.68 0.38 16.14
C ALA B 657 -24.16 0.16 14.69
N ILE B 658 -24.09 1.20 13.89
CA ILE B 658 -24.54 1.19 12.52
C ILE B 658 -23.51 1.93 11.68
N GLU B 659 -22.80 1.20 10.81
CA GLU B 659 -21.77 1.78 9.97
C GLU B 659 -21.62 0.88 8.72
N ALA B 660 -21.50 1.47 7.53
CA ALA B 660 -21.35 0.69 6.27
C ALA B 660 -19.93 0.14 6.06
N GLY B 661 -19.48 -0.63 7.06
CA GLY B 661 -18.13 -1.22 7.08
C GLY B 661 -18.12 -2.41 8.01
N VAL B 662 -16.95 -3.02 8.20
CA VAL B 662 -16.87 -4.26 8.97
C VAL B 662 -17.45 -4.05 10.37
N THR B 663 -18.05 -5.09 10.93
CA THR B 663 -18.80 -4.96 12.19
C THR B 663 -17.93 -5.12 13.43
N ASP B 664 -16.88 -5.95 13.37
CA ASP B 664 -16.08 -6.25 14.59
C ASP B 664 -15.52 -5.04 15.37
N PHE B 665 -15.06 -4.02 14.65
CA PHE B 665 -14.56 -2.81 15.27
C PHE B 665 -15.46 -2.30 16.39
N TRP B 666 -16.77 -2.39 16.20
CA TRP B 666 -17.74 -1.77 17.11
C TRP B 666 -17.87 -2.46 18.43
N ARG B 667 -17.35 -3.68 18.51
CA ARG B 667 -17.36 -4.38 19.79
C ARG B 667 -16.64 -3.62 20.93
N LYS B 668 -15.72 -2.71 20.60
CA LYS B 668 -15.12 -1.92 21.69
C LYS B 668 -16.12 -1.02 22.44
N TYR B 669 -17.24 -0.71 21.78
CA TYR B 669 -18.30 0.16 22.32
C TYR B 669 -19.58 -0.60 22.64
N VAL B 670 -19.91 -1.63 21.86
CA VAL B 670 -21.18 -2.32 22.05
C VAL B 670 -21.02 -3.58 22.90
N GLY B 671 -19.79 -4.06 23.08
CA GLY B 671 -19.55 -5.23 23.93
C GLY B 671 -20.04 -6.51 23.29
N LEU B 672 -19.94 -7.62 24.02
CA LEU B 672 -20.39 -8.90 23.50
C LEU B 672 -21.91 -8.92 23.38
N GLU B 673 -22.57 -8.18 24.26
CA GLU B 673 -24.04 -8.15 24.38
C GLU B 673 -24.74 -7.15 23.44
N GLY B 674 -24.00 -6.23 22.82
CA GLY B 674 -24.62 -5.29 21.90
C GLY B 674 -24.73 -5.82 20.47
N GLY B 675 -25.06 -4.93 19.54
CA GLY B 675 -25.32 -5.36 18.19
C GLY B 675 -24.63 -4.45 17.19
N VAL B 676 -24.42 -4.96 15.98
CA VAL B 676 -23.85 -4.15 14.91
C VAL B 676 -24.61 -4.35 13.62
N VAL B 677 -24.86 -3.23 12.93
CA VAL B 677 -25.47 -3.26 11.58
C VAL B 677 -24.38 -2.77 10.65
N GLY B 678 -23.67 -3.71 10.03
CA GLY B 678 -22.62 -3.36 9.10
C GLY B 678 -22.48 -4.32 7.93
N ILE B 679 -21.29 -4.39 7.36
CA ILE B 679 -21.05 -5.26 6.19
C ILE B 679 -19.71 -5.94 6.35
N ASP B 680 -19.73 -7.26 6.31
CA ASP B 680 -18.53 -8.05 6.54
C ASP B 680 -18.07 -8.80 5.31
N THR B 681 -18.69 -8.52 4.17
CA THR B 681 -18.29 -9.09 2.87
C THR B 681 -17.90 -7.91 1.98
N PHE B 682 -17.27 -8.22 0.85
CA PHE B 682 -17.09 -7.27 -0.23
C PHE B 682 -18.46 -6.96 -0.83
N GLY B 683 -18.55 -5.83 -1.55
CA GLY B 683 -19.81 -5.34 -2.06
C GLY B 683 -20.16 -5.95 -3.39
N GLU B 684 -20.97 -5.25 -4.18
CA GLU B 684 -21.42 -5.70 -5.51
C GLU B 684 -21.53 -4.49 -6.42
N SER B 685 -21.58 -4.74 -7.74
CA SER B 685 -21.80 -3.68 -8.71
C SER B 685 -23.31 -3.44 -9.00
N ALA B 686 -23.86 -2.39 -8.39
CA ALA B 686 -25.25 -2.04 -8.57
C ALA B 686 -25.43 -0.62 -8.08
N PRO B 687 -26.56 0.03 -8.43
CA PRO B 687 -26.86 1.36 -7.89
C PRO B 687 -26.85 1.38 -6.34
N ALA B 688 -26.48 2.52 -5.74
CA ALA B 688 -26.39 2.62 -4.26
C ALA B 688 -27.66 2.19 -3.52
N GLY B 689 -28.82 2.74 -3.92
CA GLY B 689 -30.11 2.38 -3.31
C GLY B 689 -30.32 0.85 -3.26
N VAL B 690 -29.99 0.15 -4.36
CA VAL B 690 -30.17 -1.30 -4.43
C VAL B 690 -29.24 -1.98 -3.41
N LEU B 691 -28.02 -1.46 -3.28
CA LEU B 691 -27.01 -2.06 -2.39
C LEU B 691 -27.37 -1.94 -0.92
N PHE B 692 -27.78 -0.73 -0.53
CA PHE B 692 -28.22 -0.48 0.83
C PHE B 692 -29.36 -1.42 1.23
N LYS B 693 -30.37 -1.62 0.37
CA LYS B 693 -31.44 -2.61 0.67
C LYS B 693 -30.84 -4.03 0.76
N HIS B 694 -30.01 -4.39 -0.22
CA HIS B 694 -29.57 -5.79 -0.37
C HIS B 694 -28.71 -6.22 0.78
N PHE B 695 -28.01 -5.25 1.38
CA PHE B 695 -27.03 -5.52 2.43
C PHE B 695 -27.55 -5.19 3.84
N GLY B 696 -28.84 -4.91 3.94
CA GLY B 696 -29.51 -4.86 5.23
C GLY B 696 -29.38 -3.53 5.95
N PHE B 697 -29.09 -2.45 5.23
CA PHE B 697 -29.08 -1.12 5.85
C PHE B 697 -30.48 -0.50 5.78
N THR B 698 -31.38 -1.06 6.58
CA THR B 698 -32.80 -0.70 6.57
C THR B 698 -33.33 -0.54 8.01
N VAL B 699 -34.41 0.23 8.14
CA VAL B 699 -35.06 0.39 9.42
C VAL B 699 -35.46 -0.96 10.04
N GLU B 700 -36.04 -1.85 9.23
CA GLU B 700 -36.42 -3.21 9.69
C GLU B 700 -35.26 -3.95 10.35
N HIS B 701 -34.07 -3.87 9.75
CA HIS B 701 -32.91 -4.58 10.29
C HIS B 701 -32.45 -3.94 11.56
N VAL B 702 -32.45 -2.62 11.64
CA VAL B 702 -32.13 -1.95 12.89
C VAL B 702 -33.09 -2.40 14.01
N ILE B 703 -34.38 -2.44 13.71
CA ILE B 703 -35.35 -2.83 14.74
C ILE B 703 -35.10 -4.25 15.23
N GLU B 704 -34.90 -5.14 14.27
CA GLU B 704 -34.66 -6.54 14.56
C GLU B 704 -33.39 -6.76 15.41
N THR B 705 -32.32 -6.03 15.09
CA THR B 705 -31.09 -6.10 15.85
C THR B 705 -31.32 -5.58 17.27
N ALA B 706 -32.00 -4.44 17.37
CA ALA B 706 -32.32 -3.86 18.66
C ALA B 706 -33.12 -4.81 19.56
N LYS B 707 -34.10 -5.50 18.98
CA LYS B 707 -34.91 -6.43 19.77
C LYS B 707 -34.07 -7.62 20.20
N ALA B 708 -33.20 -8.11 19.31
CA ALA B 708 -32.27 -9.20 19.68
C ALA B 708 -31.39 -8.74 20.85
N VAL B 709 -30.91 -7.51 20.77
CA VAL B 709 -30.00 -7.00 21.79
C VAL B 709 -30.66 -6.85 23.16
N LEU B 710 -31.96 -6.53 23.17
CA LEU B 710 -32.68 -6.25 24.42
C LEU B 710 -33.36 -7.49 24.99
N ALA B 711 -33.36 -8.58 24.21
CA ALA B 711 -33.96 -9.84 24.66
C ALA B 711 -33.43 -10.24 26.03
#